data_9C5S
# 
_entry.id   9C5S 
# 
_audit_conform.dict_name       mmcif_pdbx.dic 
_audit_conform.dict_version    5.397 
_audit_conform.dict_location   http://mmcif.pdb.org/dictionaries/ascii/mmcif_pdbx.dic 
# 
loop_
_database_2.database_id 
_database_2.database_code 
_database_2.pdbx_database_accession 
_database_2.pdbx_DOI 
PDB   9C5S         pdb_00009c5s 10.2210/pdb9c5s/pdb 
WWPDB D_1000284840 ?            ?                   
# 
loop_
_pdbx_audit_revision_history.ordinal 
_pdbx_audit_revision_history.data_content_type 
_pdbx_audit_revision_history.major_revision 
_pdbx_audit_revision_history.minor_revision 
_pdbx_audit_revision_history.revision_date 
1 'Structure model' 1 0 2024-06-26 
2 'Structure model' 1 1 2024-08-07 
3 'Structure model' 1 2 2024-10-16 
# 
_pdbx_audit_revision_details.ordinal             1 
_pdbx_audit_revision_details.revision_ordinal    1 
_pdbx_audit_revision_details.data_content_type   'Structure model' 
_pdbx_audit_revision_details.provider            repository 
_pdbx_audit_revision_details.type                'Initial release' 
_pdbx_audit_revision_details.description         ? 
_pdbx_audit_revision_details.details             ? 
# 
loop_
_pdbx_audit_revision_group.ordinal 
_pdbx_audit_revision_group.revision_ordinal 
_pdbx_audit_revision_group.data_content_type 
_pdbx_audit_revision_group.group 
1 2 'Structure model' 'Database references' 
2 3 'Structure model' 'Structure summary'   
# 
loop_
_pdbx_audit_revision_category.ordinal 
_pdbx_audit_revision_category.revision_ordinal 
_pdbx_audit_revision_category.data_content_type 
_pdbx_audit_revision_category.category 
1 2 'Structure model' citation                  
2 2 'Structure model' citation_author           
3 3 'Structure model' pdbx_entry_details        
4 3 'Structure model' pdbx_modification_feature 
# 
loop_
_pdbx_audit_revision_item.ordinal 
_pdbx_audit_revision_item.revision_ordinal 
_pdbx_audit_revision_item.data_content_type 
_pdbx_audit_revision_item.item 
1  2 'Structure model' '_citation.country'                            
2  2 'Structure model' '_citation.journal_abbrev'                     
3  2 'Structure model' '_citation.journal_id_CSD'                     
4  2 'Structure model' '_citation.journal_id_ISSN'                    
5  2 'Structure model' '_citation.pdbx_database_id_DOI'               
6  2 'Structure model' '_citation.pdbx_database_id_PubMed'            
7  2 'Structure model' '_citation.title'                              
8  2 'Structure model' '_citation.year'                               
9  2 'Structure model' '_citation_author.identifier_ORCID'            
10 2 'Structure model' '_citation_author.name'                        
11 3 'Structure model' '_pdbx_entry_details.has_protein_modification' 
# 
_pdbx_database_status.status_code                     REL 
_pdbx_database_status.status_code_sf                  REL 
_pdbx_database_status.status_code_mr                  ? 
_pdbx_database_status.entry_id                        9C5S 
_pdbx_database_status.recvd_initial_deposition_date   2024-06-06 
_pdbx_database_status.SG_entry                        N 
_pdbx_database_status.deposit_site                    RCSB 
_pdbx_database_status.process_site                    RCSB 
_pdbx_database_status.status_code_cs                  ? 
_pdbx_database_status.status_code_nmr_data            ? 
_pdbx_database_status.methods_development_category    ? 
_pdbx_database_status.pdb_format_compatible           Y 
# 
loop_
_pdbx_contact_author.id 
_pdbx_contact_author.email 
_pdbx_contact_author.name_first 
_pdbx_contact_author.name_last 
_pdbx_contact_author.name_mi 
_pdbx_contact_author.role 
_pdbx_contact_author.identifier_ORCID 
2 victoroutlaw@missouri.edu Victor   Outlaw K 'principal investigator/group leader' 0000-0001-7054-4204 
3 nsawyer@fordham.edu       Nicholas Sawyer ? 'principal investigator/group leader' 0000-0002-6393-5626 
# 
loop_
_audit_author.name 
_audit_author.pdbx_ordinal 
_audit_author.identifier_ORCID 
'Vithanage, N.'  1 0000-0002-2717-1235 
'Kreitler, D.K.' 2 0000-0003-4758-7913 
'DiGiorno, M.C.' 3 ?                   
'Victorio, C.G.' 4 ?                   
'Sawyer, N.'     5 ?                   
'Outlaw, V.K.'   6 0000-0001-7054-4204 
# 
_citation.abstract                  ? 
_citation.abstract_id_CAS           ? 
_citation.book_id_ISBN              ? 
_citation.book_publisher            ? 
_citation.book_publisher_city       ? 
_citation.book_title                ? 
_citation.coordinate_linkage        ? 
_citation.country                   US 
_citation.database_id_Medline       ? 
_citation.details                   ? 
_citation.id                        primary 
_citation.journal_abbrev            'Res Sq' 
_citation.journal_id_ASTM           ? 
_citation.journal_id_CSD            ? 
_citation.journal_id_ISSN           2693-5015 
_citation.journal_full              ? 
_citation.journal_issue             ? 
_citation.journal_volume            ? 
_citation.language                  ? 
_citation.page_first                ? 
_citation.page_last                 ? 
_citation.title                     'Structural Characterization of Disulfide-Linked p53-Derived Peptide Dimers.' 
_citation.year                      2024 
_citation.database_id_CSD           ? 
_citation.pdbx_database_id_DOI      10.21203/rs.3.rs-4644285/v1 
_citation.pdbx_database_id_PubMed   39070635 
_citation.pdbx_database_id_patent   ? 
_citation.unpublished_flag          ? 
# 
loop_
_citation_author.citation_id 
_citation_author.name 
_citation_author.ordinal 
_citation_author.identifier_ORCID 
primary 'DiGiorno, M.C.' 1 ? 
primary 'Vithanage, N.'  2 ? 
primary 'Victorio, C.G.' 3 ? 
primary 'Kreitler, D.F.' 4 ? 
primary 'Outlaw, V.K.'   5 ? 
primary 'Sawyer, N.'     6 ? 
# 
loop_
_entity.id 
_entity.type 
_entity.src_method 
_entity.pdbx_description 
_entity.formula_weight 
_entity.pdbx_number_of_molecules 
_entity.pdbx_ec 
_entity.pdbx_mutation 
_entity.pdbx_fragment 
_entity.details 
1 polymer     syn 'Cellular tumor antigen p53' 1677.991 4  ? p53-derived ? 
;This molecule is a synthetic peptide derived from residues 17-30 of the p53 protein. It is acetylated at the N-terminus and amidated at the C-terminus.
;
2 non-polymer nat 'SULFATE ION'                96.063   1  ? ?           ? ? 
3 water       nat water                        18.015   71 ? ?           ? ? 
# 
_entity_name_com.entity_id   1 
_entity_name_com.name        'Antigen NY-CO-13,Phosphoprotein p53,Tumor suppressor p53' 
# 
_entity_poly.entity_id                      1 
_entity_poly.type                           'polypeptide(L)' 
_entity_poly.nstd_linkage                   no 
_entity_poly.nstd_monomer                   yes 
_entity_poly.pdbx_seq_one_letter_code       '(ACE)CTFANLWRLLAQNC(NH2)' 
_entity_poly.pdbx_seq_one_letter_code_can   XCTFANLWRLLAQNCX 
_entity_poly.pdbx_strand_id                 A,B,C,D 
_entity_poly.pdbx_target_identifier         ? 
# 
loop_
_pdbx_entity_nonpoly.entity_id 
_pdbx_entity_nonpoly.name 
_pdbx_entity_nonpoly.comp_id 
2 'SULFATE ION' SO4 
3 water         HOH 
# 
loop_
_entity_poly_seq.entity_id 
_entity_poly_seq.num 
_entity_poly_seq.mon_id 
_entity_poly_seq.hetero 
1 1  ACE n 
1 2  CYS n 
1 3  THR n 
1 4  PHE n 
1 5  ALA n 
1 6  ASN n 
1 7  LEU n 
1 8  TRP n 
1 9  ARG n 
1 10 LEU n 
1 11 LEU n 
1 12 ALA n 
1 13 GLN n 
1 14 ASN n 
1 15 CYS n 
1 16 NH2 n 
# 
_pdbx_entity_src_syn.entity_id              1 
_pdbx_entity_src_syn.pdbx_src_id            1 
_pdbx_entity_src_syn.pdbx_alt_source_flag   sample 
_pdbx_entity_src_syn.pdbx_beg_seq_num       1 
_pdbx_entity_src_syn.pdbx_end_seq_num       16 
_pdbx_entity_src_syn.organism_scientific    'Homo sapiens' 
_pdbx_entity_src_syn.organism_common_name   human 
_pdbx_entity_src_syn.ncbi_taxonomy_id       9606 
_pdbx_entity_src_syn.details                ? 
# 
loop_
_chem_comp.id 
_chem_comp.type 
_chem_comp.mon_nstd_flag 
_chem_comp.name 
_chem_comp.pdbx_synonyms 
_chem_comp.formula 
_chem_comp.formula_weight 
ACE non-polymer         . 'ACETYL GROUP'  ? 'C2 H4 O'        44.053  
ALA 'L-peptide linking' y ALANINE         ? 'C3 H7 N O2'     89.093  
ARG 'L-peptide linking' y ARGININE        ? 'C6 H15 N4 O2 1' 175.209 
ASN 'L-peptide linking' y ASPARAGINE      ? 'C4 H8 N2 O3'    132.118 
ASP 'L-peptide linking' y 'ASPARTIC ACID' ? 'C4 H7 N O4'     133.103 
CYS 'L-peptide linking' y CYSTEINE        ? 'C3 H7 N O2 S'   121.158 
GLN 'L-peptide linking' y GLUTAMINE       ? 'C5 H10 N2 O3'   146.144 
GLU 'L-peptide linking' y 'GLUTAMIC ACID' ? 'C5 H9 N O4'     147.129 
HOH non-polymer         . WATER           ? 'H2 O'           18.015  
LEU 'L-peptide linking' y LEUCINE         ? 'C6 H13 N O2'    131.173 
LYS 'L-peptide linking' y LYSINE          ? 'C6 H15 N2 O2 1' 147.195 
NH2 non-polymer         . 'AMINO GROUP'   ? 'H2 N'           16.023  
PHE 'L-peptide linking' y PHENYLALANINE   ? 'C9 H11 N O2'    165.189 
PRO 'L-peptide linking' y PROLINE         ? 'C5 H9 N O2'     115.130 
SER 'L-peptide linking' y SERINE          ? 'C3 H7 N O3'     105.093 
SO4 non-polymer         . 'SULFATE ION'   ? 'O4 S -2'        96.063  
THR 'L-peptide linking' y THREONINE       ? 'C4 H9 N O3'     119.119 
TRP 'L-peptide linking' y TRYPTOPHAN      ? 'C11 H12 N2 O2'  204.225 
# 
loop_
_pdbx_poly_seq_scheme.asym_id 
_pdbx_poly_seq_scheme.entity_id 
_pdbx_poly_seq_scheme.seq_id 
_pdbx_poly_seq_scheme.mon_id 
_pdbx_poly_seq_scheme.ndb_seq_num 
_pdbx_poly_seq_scheme.pdb_seq_num 
_pdbx_poly_seq_scheme.auth_seq_num 
_pdbx_poly_seq_scheme.pdb_mon_id 
_pdbx_poly_seq_scheme.auth_mon_id 
_pdbx_poly_seq_scheme.pdb_strand_id 
_pdbx_poly_seq_scheme.pdb_ins_code 
_pdbx_poly_seq_scheme.hetero 
A 1 1  ACE 1  0  0  ACE ACE A . n 
A 1 2  CYS 2  1  1  CYS CYS A . n 
A 1 3  THR 3  2  2  THR THR A . n 
A 1 4  PHE 4  3  3  PHE PHE A . n 
A 1 5  ALA 5  4  4  ALA ALA A . n 
A 1 6  ASN 6  5  5  ASN ASN A . n 
A 1 7  LEU 7  6  6  LEU LEU A . n 
A 1 8  TRP 8  7  7  TRP TRP A . n 
A 1 9  ARG 9  8  8  ARG ARG A . n 
A 1 10 LEU 10 9  9  LEU LEU A . n 
A 1 11 LEU 11 10 10 LEU LEU A . n 
A 1 12 ALA 12 11 11 ALA ALA A . n 
A 1 13 GLN 13 12 12 GLN GLN A . n 
A 1 14 ASN 14 13 13 ASN ASN A . n 
A 1 15 CYS 15 14 14 CYS CYS A . n 
A 1 16 NH2 16 15 15 NH2 NH2 A . n 
B 1 1  ACE 1  0  0  ACE ACE B . n 
B 1 2  CYS 2  1  1  CYS CYS B . n 
B 1 3  THR 3  2  2  THR THR B . n 
B 1 4  PHE 4  3  3  PHE PHE B . n 
B 1 5  ALA 5  4  4  ALA ALA B . n 
B 1 6  ASN 6  5  5  ASN ASN B . n 
B 1 7  LEU 7  6  6  LEU LEU B . n 
B 1 8  TRP 8  7  7  TRP TRP B . n 
B 1 9  ARG 9  8  8  ARG ARG B . n 
B 1 10 LEU 10 9  9  LEU LEU B . n 
B 1 11 LEU 11 10 10 LEU LEU B . n 
B 1 12 ALA 12 11 11 ALA ALA B . n 
B 1 13 GLN 13 12 12 GLN GLN B . n 
B 1 14 ASN 14 13 13 ASN ASN B . n 
B 1 15 CYS 15 14 14 CYS CYS B . n 
B 1 16 NH2 16 15 15 NH2 NH2 B . n 
C 1 1  ACE 1  0  0  ACE ACE C . n 
C 1 2  CYS 2  1  1  CYS CYS C . n 
C 1 3  THR 3  2  2  THR THR C . n 
C 1 4  PHE 4  3  3  PHE PHE C . n 
C 1 5  ALA 5  4  4  ALA ALA C . n 
C 1 6  ASN 6  5  5  ASN ASN C . n 
C 1 7  LEU 7  6  6  LEU LEU C . n 
C 1 8  TRP 8  7  7  TRP TRP C . n 
C 1 9  ARG 9  8  8  ARG ARG C . n 
C 1 10 LEU 10 9  9  LEU LEU C . n 
C 1 11 LEU 11 10 10 LEU LEU C . n 
C 1 12 ALA 12 11 11 ALA ALA C . n 
C 1 13 GLN 13 12 12 GLN GLN C . n 
C 1 14 ASN 14 13 13 ASN ASN C . n 
C 1 15 CYS 15 14 14 CYS CYS C . n 
C 1 16 NH2 16 15 15 NH2 NH2 C . n 
D 1 1  ACE 1  0  0  ACE ACE D . n 
D 1 2  CYS 2  1  1  CYS CYS D . n 
D 1 3  THR 3  2  2  THR THR D . n 
D 1 4  PHE 4  3  3  PHE PHE D . n 
D 1 5  ALA 5  4  4  ALA ALA D . n 
D 1 6  ASN 6  5  5  ASN ASN D . n 
D 1 7  LEU 7  6  6  LEU LEU D . n 
D 1 8  TRP 8  7  7  TRP TRP D . n 
D 1 9  ARG 9  8  8  ARG ARG D . n 
D 1 10 LEU 10 9  9  LEU LEU D . n 
D 1 11 LEU 11 10 10 LEU LEU D . n 
D 1 12 ALA 12 11 11 ALA ALA D . n 
D 1 13 GLN 13 12 12 GLN GLN D . n 
D 1 14 ASN 14 13 13 ASN ASN D . n 
D 1 15 CYS 15 14 14 CYS CYS D . n 
D 1 16 NH2 16 15 15 NH2 NH2 D . n 
# 
loop_
_pdbx_nonpoly_scheme.asym_id 
_pdbx_nonpoly_scheme.entity_id 
_pdbx_nonpoly_scheme.mon_id 
_pdbx_nonpoly_scheme.ndb_seq_num 
_pdbx_nonpoly_scheme.pdb_seq_num 
_pdbx_nonpoly_scheme.auth_seq_num 
_pdbx_nonpoly_scheme.pdb_mon_id 
_pdbx_nonpoly_scheme.auth_mon_id 
_pdbx_nonpoly_scheme.pdb_strand_id 
_pdbx_nonpoly_scheme.pdb_ins_code 
E 2 SO4 1  101 1  SO4 SO4 B . 
F 3 HOH 1  101 61 HOH HOH A . 
F 3 HOH 2  102 41 HOH HOH A . 
F 3 HOH 3  103 56 HOH HOH A . 
F 3 HOH 4  104 12 HOH HOH A . 
F 3 HOH 5  105 8  HOH HOH A . 
F 3 HOH 6  106 27 HOH HOH A . 
F 3 HOH 7  107 62 HOH HOH A . 
F 3 HOH 8  108 46 HOH HOH A . 
F 3 HOH 9  109 42 HOH HOH A . 
F 3 HOH 10 110 38 HOH HOH A . 
F 3 HOH 11 111 65 HOH HOH A . 
F 3 HOH 12 112 70 HOH HOH A . 
F 3 HOH 13 113 28 HOH HOH A . 
F 3 HOH 14 114 77 HOH HOH A . 
F 3 HOH 15 115 71 HOH HOH A . 
F 3 HOH 16 116 53 HOH HOH A . 
F 3 HOH 17 117 45 HOH HOH A . 
F 3 HOH 18 118 43 HOH HOH A . 
G 3 HOH 1  201 6  HOH HOH B . 
G 3 HOH 2  202 1  HOH HOH B . 
G 3 HOH 3  203 5  HOH HOH B . 
G 3 HOH 4  204 21 HOH HOH B . 
G 3 HOH 5  205 51 HOH HOH B . 
G 3 HOH 6  206 24 HOH HOH B . 
G 3 HOH 7  207 9  HOH HOH B . 
G 3 HOH 8  208 22 HOH HOH B . 
G 3 HOH 9  209 13 HOH HOH B . 
G 3 HOH 10 210 7  HOH HOH B . 
G 3 HOH 11 211 33 HOH HOH B . 
G 3 HOH 12 212 23 HOH HOH B . 
G 3 HOH 13 213 35 HOH HOH B . 
G 3 HOH 14 214 69 HOH HOH B . 
G 3 HOH 15 215 30 HOH HOH B . 
G 3 HOH 16 216 47 HOH HOH B . 
G 3 HOH 17 217 75 HOH HOH B . 
G 3 HOH 18 218 76 HOH HOH B . 
G 3 HOH 19 219 17 HOH HOH B . 
G 3 HOH 20 220 73 HOH HOH B . 
G 3 HOH 21 221 57 HOH HOH B . 
G 3 HOH 22 222 72 HOH HOH B . 
G 3 HOH 23 223 31 HOH HOH B . 
G 3 HOH 24 224 34 HOH HOH B . 
G 3 HOH 25 225 59 HOH HOH B . 
H 3 HOH 1  101 32 HOH HOH C . 
H 3 HOH 2  102 11 HOH HOH C . 
H 3 HOH 3  103 44 HOH HOH C . 
H 3 HOH 4  104 19 HOH HOH C . 
H 3 HOH 5  105 25 HOH HOH C . 
H 3 HOH 6  106 15 HOH HOH C . 
H 3 HOH 7  107 60 HOH HOH C . 
H 3 HOH 8  108 55 HOH HOH C . 
H 3 HOH 9  109 64 HOH HOH C . 
H 3 HOH 10 110 74 HOH HOH C . 
H 3 HOH 11 111 58 HOH HOH C . 
I 3 HOH 1  101 18 HOH HOH D . 
I 3 HOH 2  102 14 HOH HOH D . 
I 3 HOH 3  103 3  HOH HOH D . 
I 3 HOH 4  104 37 HOH HOH D . 
I 3 HOH 5  105 63 HOH HOH D . 
I 3 HOH 6  106 2  HOH HOH D . 
I 3 HOH 7  107 16 HOH HOH D . 
I 3 HOH 8  108 4  HOH HOH D . 
I 3 HOH 9  109 10 HOH HOH D . 
I 3 HOH 10 110 67 HOH HOH D . 
I 3 HOH 11 111 20 HOH HOH D . 
I 3 HOH 12 112 68 HOH HOH D . 
I 3 HOH 13 113 40 HOH HOH D . 
I 3 HOH 14 114 39 HOH HOH D . 
I 3 HOH 15 115 48 HOH HOH D . 
I 3 HOH 16 116 26 HOH HOH D . 
I 3 HOH 17 117 49 HOH HOH D . 
# 
loop_
_software.citation_id 
_software.classification 
_software.compiler_name 
_software.compiler_version 
_software.contact_author 
_software.contact_author_email 
_software.date 
_software.description 
_software.dependencies 
_software.hardware 
_software.language 
_software.location 
_software.mods 
_software.name 
_software.os 
_software.os_version 
_software.type 
_software.version 
_software.pdbx_ordinal 
? refinement       ? ? ? ? ? ? ? ? ? ? ? PHENIX  ? ? ? 1.20.1_4487 1 
? phasing          ? ? ? ? ? ? ? ? ? ? ? PHASER  ? ? ? .           2 
? 'data reduction' ? ? ? ? ? ? ? ? ? ? ? XDS     ? ? ? .           3 
? 'data scaling'   ? ? ? ? ? ? ? ? ? ? ? Aimless ? ? ? .           4 
# 
_cell.angle_alpha                  90.000 
_cell.angle_alpha_esd              ? 
_cell.angle_beta                   90.000 
_cell.angle_beta_esd               ? 
_cell.angle_gamma                  120.000 
_cell.angle_gamma_esd              ? 
_cell.entry_id                     9C5S 
_cell.details                      ? 
_cell.formula_units_Z              ? 
_cell.length_a                     45.243 
_cell.length_a_esd                 ? 
_cell.length_b                     45.243 
_cell.length_b_esd                 ? 
_cell.length_c                     62.699 
_cell.length_c_esd                 ? 
_cell.volume                       111146.051 
_cell.volume_esd                   ? 
_cell.Z_PDB                        24 
_cell.reciprocal_angle_alpha       ? 
_cell.reciprocal_angle_beta        ? 
_cell.reciprocal_angle_gamma       ? 
_cell.reciprocal_angle_alpha_esd   ? 
_cell.reciprocal_angle_beta_esd    ? 
_cell.reciprocal_angle_gamma_esd   ? 
_cell.reciprocal_length_a          ? 
_cell.reciprocal_length_b          ? 
_cell.reciprocal_length_c          ? 
_cell.reciprocal_length_a_esd      ? 
_cell.reciprocal_length_b_esd      ? 
_cell.reciprocal_length_c_esd      ? 
_cell.pdbx_unique_axis             ? 
_cell.pdbx_esd_method              ? 
# 
_symmetry.entry_id                         9C5S 
_symmetry.cell_setting                     ? 
_symmetry.Int_Tables_number                152 
_symmetry.space_group_name_Hall            
;P 31 2"
;
_symmetry.space_group_name_H-M             'P 31 2 1' 
_symmetry.pdbx_full_space_group_name_H-M   ? 
# 
_exptl.absorpt_coefficient_mu     ? 
_exptl.absorpt_correction_T_max   ? 
_exptl.absorpt_correction_T_min   ? 
_exptl.absorpt_correction_type    ? 
_exptl.absorpt_process_details    ? 
_exptl.entry_id                   9C5S 
_exptl.crystals_number            1 
_exptl.details                    ? 
_exptl.method                     'X-RAY DIFFRACTION' 
_exptl.method_details             ? 
# 
_exptl_crystal.colour                       ? 
_exptl_crystal.density_diffrn               ? 
_exptl_crystal.density_Matthews             2.76 
_exptl_crystal.density_method               ? 
_exptl_crystal.density_percent_sol          55.42 
_exptl_crystal.description                  ? 
_exptl_crystal.F_000                        ? 
_exptl_crystal.id                           1 
_exptl_crystal.preparation                  ? 
_exptl_crystal.size_max                     ? 
_exptl_crystal.size_mid                     ? 
_exptl_crystal.size_min                     ? 
_exptl_crystal.size_rad                     ? 
_exptl_crystal.colour_lustre                ? 
_exptl_crystal.colour_modifier              ? 
_exptl_crystal.colour_primary               ? 
_exptl_crystal.density_meas                 ? 
_exptl_crystal.density_meas_esd             ? 
_exptl_crystal.density_meas_gt              ? 
_exptl_crystal.density_meas_lt              ? 
_exptl_crystal.density_meas_temp            ? 
_exptl_crystal.density_meas_temp_esd        ? 
_exptl_crystal.density_meas_temp_gt         ? 
_exptl_crystal.density_meas_temp_lt         ? 
_exptl_crystal.pdbx_crystal_image_url       ? 
_exptl_crystal.pdbx_crystal_image_format    ? 
_exptl_crystal.pdbx_mosaicity               ? 
_exptl_crystal.pdbx_mosaicity_esd           ? 
_exptl_crystal.pdbx_mosaic_method           ? 
_exptl_crystal.pdbx_mosaic_block_size       ? 
_exptl_crystal.pdbx_mosaic_block_size_esd   ? 
# 
_exptl_crystal_grow.apparatus       ? 
_exptl_crystal_grow.atmosphere      ? 
_exptl_crystal_grow.crystal_id      1 
_exptl_crystal_grow.details         ? 
_exptl_crystal_grow.method          'VAPOR DIFFUSION, HANGING DROP' 
_exptl_crystal_grow.method_ref      ? 
_exptl_crystal_grow.pH              6.5 
_exptl_crystal_grow.pressure        ? 
_exptl_crystal_grow.pressure_esd    ? 
_exptl_crystal_grow.seeding         ? 
_exptl_crystal_grow.seeding_ref     ? 
_exptl_crystal_grow.temp_details    ? 
_exptl_crystal_grow.temp_esd        ? 
_exptl_crystal_grow.time            ? 
_exptl_crystal_grow.pdbx_details    
;30 mM sodium nitrate, 30 mM dibasic sodium phosphate, 30 mM ammonium sulfate, 20% v/v glycerol, 10% w/v PEG4000, 100 mM imidazole/MES monohydrate buffer, pH 6.5
;
_exptl_crystal_grow.pdbx_pH_range   ? 
_exptl_crystal_grow.temp            291 
# 
_diffrn.ambient_environment              ? 
_diffrn.ambient_temp                     100 
_diffrn.ambient_temp_details             ? 
_diffrn.ambient_temp_esd                 ? 
_diffrn.crystal_id                       1 
_diffrn.crystal_support                  ? 
_diffrn.crystal_treatment                ? 
_diffrn.details                          ? 
_diffrn.id                               1 
_diffrn.ambient_pressure                 ? 
_diffrn.ambient_pressure_esd             ? 
_diffrn.ambient_pressure_gt              ? 
_diffrn.ambient_pressure_lt              ? 
_diffrn.ambient_temp_gt                  ? 
_diffrn.ambient_temp_lt                  ? 
_diffrn.pdbx_serial_crystal_experiment   N 
# 
_diffrn_detector.details                      ? 
_diffrn_detector.detector                     PIXEL 
_diffrn_detector.diffrn_id                    1 
_diffrn_detector.type                         'DECTRIS EIGER X 9M' 
_diffrn_detector.area_resol_mean              ? 
_diffrn_detector.dtime                        ? 
_diffrn_detector.pdbx_frames_total            ? 
_diffrn_detector.pdbx_collection_time_total   ? 
_diffrn_detector.pdbx_collection_date         2023-09-17 
_diffrn_detector.pdbx_frequency               ? 
_diffrn_detector.id                           ? 
_diffrn_detector.number_of_axes               ? 
# 
_diffrn_radiation.collimation                      ? 
_diffrn_radiation.diffrn_id                        1 
_diffrn_radiation.filter_edge                      ? 
_diffrn_radiation.inhomogeneity                    ? 
_diffrn_radiation.monochromator                    ? 
_diffrn_radiation.polarisn_norm                    ? 
_diffrn_radiation.polarisn_ratio                   ? 
_diffrn_radiation.probe                            ? 
_diffrn_radiation.type                             ? 
_diffrn_radiation.xray_symbol                      ? 
_diffrn_radiation.wavelength_id                    1 
_diffrn_radiation.pdbx_monochromatic_or_laue_m_l   M 
_diffrn_radiation.pdbx_wavelength_list             ? 
_diffrn_radiation.pdbx_wavelength                  ? 
_diffrn_radiation.pdbx_diffrn_protocol             'SINGLE WAVELENGTH' 
_diffrn_radiation.pdbx_analyzer                    ? 
_diffrn_radiation.pdbx_scattering_type             x-ray 
# 
_diffrn_radiation_wavelength.id           1 
_diffrn_radiation_wavelength.wavelength   0.92011 
_diffrn_radiation_wavelength.wt           1.0 
# 
_diffrn_source.current                     ? 
_diffrn_source.details                     ? 
_diffrn_source.diffrn_id                   1 
_diffrn_source.power                       ? 
_diffrn_source.size                        ? 
_diffrn_source.source                      SYNCHROTRON 
_diffrn_source.target                      ? 
_diffrn_source.type                        'NSLS-II BEAMLINE 17-ID-1' 
_diffrn_source.voltage                     ? 
_diffrn_source.take-off_angle              ? 
_diffrn_source.pdbx_wavelength_list        0.92011 
_diffrn_source.pdbx_wavelength             ? 
_diffrn_source.pdbx_synchrotron_beamline   17-ID-1 
_diffrn_source.pdbx_synchrotron_site       NSLS-II 
# 
_reflns.B_iso_Wilson_estimate                          14.12 
_reflns.entry_id                                       9C5S 
_reflns.data_reduction_details                         ? 
_reflns.data_reduction_method                          ? 
_reflns.d_resolution_high                              1.01 
_reflns.d_resolution_low                               33.23 
_reflns.details                                        ? 
_reflns.limit_h_max                                    ? 
_reflns.limit_h_min                                    ? 
_reflns.limit_k_max                                    ? 
_reflns.limit_k_min                                    ? 
_reflns.limit_l_max                                    ? 
_reflns.limit_l_min                                    ? 
_reflns.number_all                                     ? 
_reflns.number_obs                                     35044 
_reflns.observed_criterion                             ? 
_reflns.observed_criterion_F_max                       ? 
_reflns.observed_criterion_F_min                       ? 
_reflns.observed_criterion_I_max                       ? 
_reflns.observed_criterion_I_min                       ? 
_reflns.observed_criterion_sigma_F                     ? 
_reflns.observed_criterion_sigma_I                     ? 
_reflns.percent_possible_obs                           88.6 
_reflns.R_free_details                                 ? 
_reflns.Rmerge_F_all                                   ? 
_reflns.Rmerge_F_obs                                   ? 
_reflns.Friedel_coverage                               ? 
_reflns.number_gt                                      ? 
_reflns.threshold_expression                           ? 
_reflns.pdbx_redundancy                                10.6 
_reflns.pdbx_netI_over_av_sigmaI                       ? 
_reflns.pdbx_netI_over_sigmaI                          15.0 
_reflns.pdbx_res_netI_over_av_sigmaI_2                 ? 
_reflns.pdbx_res_netI_over_sigmaI_2                    ? 
_reflns.pdbx_chi_squared                               ? 
_reflns.pdbx_scaling_rejects                           ? 
_reflns.pdbx_d_res_high_opt                            ? 
_reflns.pdbx_d_res_low_opt                             ? 
_reflns.pdbx_d_res_opt_method                          ? 
_reflns.phase_calculation_details                      ? 
_reflns.pdbx_Rrim_I_all                                ? 
_reflns.pdbx_Rpim_I_all                                ? 
_reflns.pdbx_d_opt                                     ? 
_reflns.pdbx_number_measured_all                       ? 
_reflns.pdbx_diffrn_id                                 1 
_reflns.pdbx_ordinal                                   1 
_reflns.pdbx_CC_half                                   0.999 
_reflns.pdbx_CC_star                                   ? 
_reflns.pdbx_R_split                                   ? 
_reflns.pdbx_Rmerge_I_obs                              0.045 
_reflns.pdbx_Rmerge_I_all                              ? 
_reflns.pdbx_Rsym_value                                ? 
_reflns.pdbx_CC_split_method                           ? 
_reflns.pdbx_aniso_diffraction_limit_axis_1_ortho[1]   ? 
_reflns.pdbx_aniso_diffraction_limit_axis_1_ortho[2]   ? 
_reflns.pdbx_aniso_diffraction_limit_axis_1_ortho[3]   ? 
_reflns.pdbx_aniso_diffraction_limit_axis_2_ortho[1]   ? 
_reflns.pdbx_aniso_diffraction_limit_axis_2_ortho[2]   ? 
_reflns.pdbx_aniso_diffraction_limit_axis_2_ortho[3]   ? 
_reflns.pdbx_aniso_diffraction_limit_axis_3_ortho[1]   ? 
_reflns.pdbx_aniso_diffraction_limit_axis_3_ortho[2]   ? 
_reflns.pdbx_aniso_diffraction_limit_axis_3_ortho[3]   ? 
_reflns.pdbx_aniso_diffraction_limit_1                 ? 
_reflns.pdbx_aniso_diffraction_limit_2                 ? 
_reflns.pdbx_aniso_diffraction_limit_3                 ? 
_reflns.pdbx_aniso_B_tensor_eigenvector_1_ortho[1]     ? 
_reflns.pdbx_aniso_B_tensor_eigenvector_1_ortho[2]     ? 
_reflns.pdbx_aniso_B_tensor_eigenvector_1_ortho[3]     ? 
_reflns.pdbx_aniso_B_tensor_eigenvector_2_ortho[1]     ? 
_reflns.pdbx_aniso_B_tensor_eigenvector_2_ortho[2]     ? 
_reflns.pdbx_aniso_B_tensor_eigenvector_2_ortho[3]     ? 
_reflns.pdbx_aniso_B_tensor_eigenvector_3_ortho[1]     ? 
_reflns.pdbx_aniso_B_tensor_eigenvector_3_ortho[2]     ? 
_reflns.pdbx_aniso_B_tensor_eigenvector_3_ortho[3]     ? 
_reflns.pdbx_aniso_B_tensor_eigenvalue_1               ? 
_reflns.pdbx_aniso_B_tensor_eigenvalue_2               ? 
_reflns.pdbx_aniso_B_tensor_eigenvalue_3               ? 
_reflns.pdbx_orthogonalization_convention              ? 
_reflns.pdbx_percent_possible_ellipsoidal              ? 
_reflns.pdbx_percent_possible_spherical                ? 
_reflns.pdbx_percent_possible_ellipsoidal_anomalous    ? 
_reflns.pdbx_percent_possible_spherical_anomalous      ? 
_reflns.pdbx_redundancy_anomalous                      ? 
_reflns.pdbx_CC_half_anomalous                         ? 
_reflns.pdbx_absDiff_over_sigma_anomalous              ? 
_reflns.pdbx_percent_possible_anomalous                ? 
_reflns.pdbx_observed_signal_threshold                 ? 
_reflns.pdbx_signal_type                               ? 
_reflns.pdbx_signal_details                            ? 
_reflns.pdbx_signal_software_id                        ? 
# 
_reflns_shell.d_res_high                                    1.01 
_reflns_shell.d_res_low                                     1.068 
_reflns_shell.meanI_over_sigI_all                           ? 
_reflns_shell.meanI_over_sigI_obs                           ? 
_reflns_shell.number_measured_all                           ? 
_reflns_shell.number_measured_obs                           ? 
_reflns_shell.number_possible                               ? 
_reflns_shell.number_unique_all                             ? 
_reflns_shell.number_unique_obs                             1752 
_reflns_shell.percent_possible_obs                          ? 
_reflns_shell.Rmerge_F_all                                  ? 
_reflns_shell.Rmerge_F_obs                                  ? 
_reflns_shell.meanI_over_sigI_gt                            ? 
_reflns_shell.meanI_over_uI_all                             ? 
_reflns_shell.meanI_over_uI_gt                              ? 
_reflns_shell.number_measured_gt                            ? 
_reflns_shell.number_unique_gt                              ? 
_reflns_shell.percent_possible_gt                           ? 
_reflns_shell.Rmerge_F_gt                                   ? 
_reflns_shell.Rmerge_I_gt                                   ? 
_reflns_shell.pdbx_redundancy                               7.6 
_reflns_shell.pdbx_chi_squared                              ? 
_reflns_shell.pdbx_netI_over_sigmaI_all                     ? 
_reflns_shell.pdbx_netI_over_sigmaI_obs                     ? 
_reflns_shell.pdbx_Rrim_I_all                               ? 
_reflns_shell.pdbx_Rpim_I_all                               ? 
_reflns_shell.pdbx_rejects                                  ? 
_reflns_shell.pdbx_ordinal                                  1 
_reflns_shell.pdbx_diffrn_id                                1 
_reflns_shell.pdbx_CC_half                                  0.524 
_reflns_shell.pdbx_CC_star                                  ? 
_reflns_shell.pdbx_R_split                                  ? 
_reflns_shell.percent_possible_all                          28.9 
_reflns_shell.Rmerge_I_all                                  ? 
_reflns_shell.Rmerge_I_obs                                  1.553 
_reflns_shell.pdbx_Rsym_value                               ? 
_reflns_shell.pdbx_percent_possible_ellipsoidal             ? 
_reflns_shell.pdbx_percent_possible_spherical               ? 
_reflns_shell.pdbx_percent_possible_ellipsoidal_anomalous   ? 
_reflns_shell.pdbx_percent_possible_spherical_anomalous     ? 
_reflns_shell.pdbx_redundancy_anomalous                     ? 
_reflns_shell.pdbx_CC_half_anomalous                        ? 
_reflns_shell.pdbx_absDiff_over_sigma_anomalous             ? 
_reflns_shell.pdbx_percent_possible_anomalous               ? 
# 
_refine.aniso_B[1][1]                            ? 
_refine.aniso_B[1][2]                            ? 
_refine.aniso_B[1][3]                            ? 
_refine.aniso_B[2][2]                            ? 
_refine.aniso_B[2][3]                            ? 
_refine.aniso_B[3][3]                            ? 
_refine.B_iso_max                                ? 
_refine.B_iso_mean                               21.87 
_refine.B_iso_min                                ? 
_refine.correlation_coeff_Fo_to_Fc               ? 
_refine.correlation_coeff_Fo_to_Fc_free          ? 
_refine.details                                  ? 
_refine.diff_density_max                         ? 
_refine.diff_density_max_esd                     ? 
_refine.diff_density_min                         ? 
_refine.diff_density_min_esd                     ? 
_refine.diff_density_rms                         ? 
_refine.diff_density_rms_esd                     ? 
_refine.entry_id                                 9C5S 
_refine.pdbx_refine_id                           'X-RAY DIFFRACTION' 
_refine.ls_abs_structure_details                 ? 
_refine.ls_abs_structure_Flack                   ? 
_refine.ls_abs_structure_Flack_esd               ? 
_refine.ls_abs_structure_Rogers                  ? 
_refine.ls_abs_structure_Rogers_esd              ? 
_refine.ls_d_res_high                            1.01 
_refine.ls_d_res_low                             33.23 
_refine.ls_extinction_coef                       ? 
_refine.ls_extinction_coef_esd                   ? 
_refine.ls_extinction_expression                 ? 
_refine.ls_extinction_method                     ? 
_refine.ls_goodness_of_fit_all                   ? 
_refine.ls_goodness_of_fit_all_esd               ? 
_refine.ls_goodness_of_fit_obs                   ? 
_refine.ls_goodness_of_fit_obs_esd               ? 
_refine.ls_hydrogen_treatment                    ? 
_refine.ls_matrix_type                           ? 
_refine.ls_number_constraints                    ? 
_refine.ls_number_parameters                     ? 
_refine.ls_number_reflns_all                     ? 
_refine.ls_number_reflns_obs                     35041 
_refine.ls_number_reflns_R_free                  1699 
_refine.ls_number_reflns_R_work                  33342 
_refine.ls_number_restraints                     ? 
_refine.ls_percent_reflns_obs                    88.56 
_refine.ls_percent_reflns_R_free                 4.85 
_refine.ls_R_factor_all                          ? 
_refine.ls_R_factor_obs                          0.1909 
_refine.ls_R_factor_R_free                       0.2015 
_refine.ls_R_factor_R_free_error                 ? 
_refine.ls_R_factor_R_free_error_details         ? 
_refine.ls_R_factor_R_work                       0.1904 
_refine.ls_R_Fsqd_factor_obs                     ? 
_refine.ls_R_I_factor_obs                        ? 
_refine.ls_redundancy_reflns_all                 ? 
_refine.ls_redundancy_reflns_obs                 ? 
_refine.ls_restrained_S_all                      ? 
_refine.ls_restrained_S_obs                      ? 
_refine.ls_shift_over_esd_max                    ? 
_refine.ls_shift_over_esd_mean                   ? 
_refine.ls_structure_factor_coef                 ? 
_refine.ls_weighting_details                     ? 
_refine.ls_weighting_scheme                      ? 
_refine.ls_wR_factor_all                         ? 
_refine.ls_wR_factor_obs                         ? 
_refine.ls_wR_factor_R_free                      ? 
_refine.ls_wR_factor_R_work                      ? 
_refine.occupancy_max                            ? 
_refine.occupancy_min                            ? 
_refine.solvent_model_details                    'FLAT BULK SOLVENT MODEL' 
_refine.solvent_model_param_bsol                 ? 
_refine.solvent_model_param_ksol                 ? 
_refine.pdbx_R_complete                          ? 
_refine.ls_R_factor_gt                           ? 
_refine.ls_goodness_of_fit_gt                    ? 
_refine.ls_goodness_of_fit_ref                   ? 
_refine.ls_shift_over_su_max                     ? 
_refine.ls_shift_over_su_max_lt                  ? 
_refine.ls_shift_over_su_mean                    ? 
_refine.ls_shift_over_su_mean_lt                 ? 
_refine.pdbx_ls_sigma_I                          ? 
_refine.pdbx_ls_sigma_F                          1.34 
_refine.pdbx_ls_sigma_Fsqd                       ? 
_refine.pdbx_data_cutoff_high_absF               ? 
_refine.pdbx_data_cutoff_high_rms_absF           ? 
_refine.pdbx_data_cutoff_low_absF                ? 
_refine.pdbx_isotropic_thermal_model             ? 
_refine.pdbx_ls_cross_valid_method               'FREE R-VALUE' 
_refine.pdbx_method_to_determine_struct          'AB INITIO PHASING' 
_refine.pdbx_starting_model                      ? 
_refine.pdbx_stereochemistry_target_values       'GeoStd + Monomer Library + CDL v1.2' 
_refine.pdbx_R_Free_selection_details            ? 
_refine.pdbx_stereochem_target_val_spec_case     ? 
_refine.pdbx_overall_ESU_R                       ? 
_refine.pdbx_overall_ESU_R_Free                  ? 
_refine.pdbx_solvent_vdw_probe_radii             1.1000 
_refine.pdbx_solvent_ion_probe_radii             ? 
_refine.pdbx_solvent_shrinkage_radii             0.9000 
_refine.pdbx_real_space_R                        ? 
_refine.pdbx_density_correlation                 ? 
_refine.pdbx_pd_number_of_powder_patterns        ? 
_refine.pdbx_pd_number_of_points                 ? 
_refine.pdbx_pd_meas_number_of_points            ? 
_refine.pdbx_pd_proc_ls_prof_R_factor            ? 
_refine.pdbx_pd_proc_ls_prof_wR_factor           ? 
_refine.pdbx_pd_Marquardt_correlation_coeff      ? 
_refine.pdbx_pd_Fsqrd_R_factor                   ? 
_refine.pdbx_pd_ls_matrix_band_width             ? 
_refine.pdbx_overall_phase_error                 29.9692 
_refine.pdbx_overall_SU_R_free_Cruickshank_DPI   ? 
_refine.pdbx_overall_SU_R_free_Blow_DPI          ? 
_refine.pdbx_overall_SU_R_Blow_DPI               ? 
_refine.pdbx_TLS_residual_ADP_flag               ? 
_refine.pdbx_diffrn_id                           1 
_refine.overall_SU_B                             ? 
_refine.overall_SU_ML                            0.1037 
_refine.overall_SU_R_Cruickshank_DPI             ? 
_refine.overall_SU_R_free                        ? 
_refine.overall_FOM_free_R_set                   ? 
_refine.overall_FOM_work_R_set                   ? 
_refine.pdbx_average_fsc_overall                 ? 
_refine.pdbx_average_fsc_work                    ? 
_refine.pdbx_average_fsc_free                    ? 
# 
_refine_hist.pdbx_refine_id                   'X-RAY DIFFRACTION' 
_refine_hist.cycle_id                         LAST 
_refine_hist.details                          ? 
_refine_hist.d_res_high                       1.01 
_refine_hist.d_res_low                        33.23 
_refine_hist.number_atoms_solvent             71 
_refine_hist.number_atoms_total               548 
_refine_hist.number_reflns_all                ? 
_refine_hist.number_reflns_obs                ? 
_refine_hist.number_reflns_R_free             ? 
_refine_hist.number_reflns_R_work             ? 
_refine_hist.R_factor_all                     ? 
_refine_hist.R_factor_obs                     ? 
_refine_hist.R_factor_R_free                  ? 
_refine_hist.R_factor_R_work                  ? 
_refine_hist.pdbx_number_residues_total       ? 
_refine_hist.pdbx_B_iso_mean_ligand           ? 
_refine_hist.pdbx_B_iso_mean_solvent          ? 
_refine_hist.pdbx_number_atoms_protein        472 
_refine_hist.pdbx_number_atoms_nucleic_acid   0 
_refine_hist.pdbx_number_atoms_ligand         5 
_refine_hist.pdbx_number_atoms_lipid          ? 
_refine_hist.pdbx_number_atoms_carb           ? 
_refine_hist.pdbx_pseudo_atom_details         ? 
# 
loop_
_refine_ls_restr.pdbx_refine_id 
_refine_ls_restr.criterion 
_refine_ls_restr.dev_ideal 
_refine_ls_restr.dev_ideal_target 
_refine_ls_restr.number 
_refine_ls_restr.rejects 
_refine_ls_restr.type 
_refine_ls_restr.weight 
_refine_ls_restr.pdbx_restraint_function 
'X-RAY DIFFRACTION' ? 0.0044 ? 484 ? f_bond_d           ? ? 
'X-RAY DIFFRACTION' ? 0.8244 ? 658 ? f_angle_d          ? ? 
'X-RAY DIFFRACTION' ? 0.0541 ? 72  ? f_chiral_restr     ? ? 
'X-RAY DIFFRACTION' ? 0.0049 ? 84  ? f_plane_restr      ? ? 
'X-RAY DIFFRACTION' ? 8.5661 ? 64  ? f_dihedral_angle_d ? ? 
# 
loop_
_refine_ls_shell.pdbx_refine_id 
_refine_ls_shell.d_res_high 
_refine_ls_shell.d_res_low 
_refine_ls_shell.number_reflns_all 
_refine_ls_shell.number_reflns_obs 
_refine_ls_shell.number_reflns_R_free 
_refine_ls_shell.number_reflns_R_work 
_refine_ls_shell.percent_reflns_obs 
_refine_ls_shell.percent_reflns_R_free 
_refine_ls_shell.R_factor_all 
_refine_ls_shell.R_factor_obs 
_refine_ls_shell.R_factor_R_free_error 
_refine_ls_shell.R_factor_R_work 
_refine_ls_shell.redundancy_reflns_all 
_refine_ls_shell.redundancy_reflns_obs 
_refine_ls_shell.wR_factor_all 
_refine_ls_shell.wR_factor_obs 
_refine_ls_shell.wR_factor_R_free 
_refine_ls_shell.wR_factor_R_work 
_refine_ls_shell.pdbx_R_complete 
_refine_ls_shell.pdbx_total_number_of_bins_used 
_refine_ls_shell.pdbx_phase_error 
_refine_ls_shell.pdbx_fsc_work 
_refine_ls_shell.pdbx_fsc_free 
_refine_ls_shell.R_factor_R_free 
'X-RAY DIFFRACTION' 1.01 1.04  . . 17  305  10.01  . . . . 0.3760 . . . . . . . . . . . 0.3494 
'X-RAY DIFFRACTION' 1.04 1.07  . . 100 1698 55.14  . . . . 0.3195 . . . . . . . . . . . 0.2863 
'X-RAY DIFFRACTION' 1.07 1.11  . . 135 3029 97.50  . . . . 0.2788 . . . . . . . . . . . 0.2889 
'X-RAY DIFFRACTION' 1.11 1.16  . . 121 3142 100.00 . . . . 0.2669 . . . . . . . . . . . 0.2483 
'X-RAY DIFFRACTION' 1.16 1.21  . . 150 3117 99.97  . . . . 0.2322 . . . . . . . . . . . 0.2107 
'X-RAY DIFFRACTION' 1.21 1.27  . . 142 3118 100.00 . . . . 0.2182 . . . . . . . . . . . 0.2682 
'X-RAY DIFFRACTION' 1.27 1.35  . . 179 3097 100.00 . . . . 0.2056 . . . . . . . . . . . 0.2266 
'X-RAY DIFFRACTION' 1.35 1.46  . . 154 3155 99.97  . . . . 0.1992 . . . . . . . . . . . 0.2218 
'X-RAY DIFFRACTION' 1.46 1.60  . . 173 3109 100.00 . . . . 0.1895 . . . . . . . . . . . 0.1750 
'X-RAY DIFFRACTION' 1.60 1.83  . . 159 3151 100.00 . . . . 0.1806 . . . . . . . . . . . 0.1860 
'X-RAY DIFFRACTION' 1.83 2.31  . . 186 3169 100.00 . . . . 0.1772 . . . . . . . . . . . 0.1620 
'X-RAY DIFFRACTION' 2.31 33.23 . . 183 3252 98.23  . . . . 0.1815 . . . . . . . . . . . 0.2139 
# 
_struct.entry_id                     9C5S 
_struct.title                        'Disulfide-linked, antiparallel p53-derived peptide dimer (CV1)' 
_struct.pdbx_model_details           ? 
_struct.pdbx_formula_weight          ? 
_struct.pdbx_formula_weight_method   ? 
_struct.pdbx_model_type_details      ? 
_struct.pdbx_CASP_flag               N 
# 
_struct_keywords.entry_id        9C5S 
_struct_keywords.text            'Antiparallel dimer, p53, UNKNOWN FUNCTION' 
_struct_keywords.pdbx_keywords   'UNKNOWN FUNCTION' 
# 
loop_
_struct_asym.id 
_struct_asym.pdbx_blank_PDB_chainid_flag 
_struct_asym.pdbx_modified 
_struct_asym.entity_id 
_struct_asym.details 
A N N 1 ? 
B N N 1 ? 
C N N 1 ? 
D N N 1 ? 
E N N 2 ? 
F N N 3 ? 
G N N 3 ? 
H N N 3 ? 
I N N 3 ? 
# 
_struct_ref.id                         1 
_struct_ref.db_name                    UNP 
_struct_ref.db_code                    P53_HUMAN 
_struct_ref.pdbx_db_accession          P04637 
_struct_ref.pdbx_db_isoform            ? 
_struct_ref.entity_id                  1 
_struct_ref.pdbx_seq_one_letter_code   ETFSDLWKLLPENN 
_struct_ref.pdbx_align_begin           17 
# 
loop_
_struct_ref_seq.align_id 
_struct_ref_seq.ref_id 
_struct_ref_seq.pdbx_PDB_id_code 
_struct_ref_seq.pdbx_strand_id 
_struct_ref_seq.seq_align_beg 
_struct_ref_seq.pdbx_seq_align_beg_ins_code 
_struct_ref_seq.seq_align_end 
_struct_ref_seq.pdbx_seq_align_end_ins_code 
_struct_ref_seq.pdbx_db_accession 
_struct_ref_seq.db_align_beg 
_struct_ref_seq.pdbx_db_align_beg_ins_code 
_struct_ref_seq.db_align_end 
_struct_ref_seq.pdbx_db_align_end_ins_code 
_struct_ref_seq.pdbx_auth_seq_align_beg 
_struct_ref_seq.pdbx_auth_seq_align_end 
1 1 9C5S A 2 ? 15 ? P04637 17 ? 30 ? 1 14 
2 1 9C5S B 2 ? 15 ? P04637 17 ? 30 ? 1 14 
3 1 9C5S C 2 ? 15 ? P04637 17 ? 30 ? 1 14 
4 1 9C5S D 2 ? 15 ? P04637 17 ? 30 ? 1 14 
# 
loop_
_struct_ref_seq_dif.align_id 
_struct_ref_seq_dif.pdbx_pdb_id_code 
_struct_ref_seq_dif.mon_id 
_struct_ref_seq_dif.pdbx_pdb_strand_id 
_struct_ref_seq_dif.seq_num 
_struct_ref_seq_dif.pdbx_pdb_ins_code 
_struct_ref_seq_dif.pdbx_seq_db_name 
_struct_ref_seq_dif.pdbx_seq_db_accession_code 
_struct_ref_seq_dif.db_mon_id 
_struct_ref_seq_dif.pdbx_seq_db_seq_num 
_struct_ref_seq_dif.details 
_struct_ref_seq_dif.pdbx_auth_seq_num 
_struct_ref_seq_dif.pdbx_ordinal 
1 9C5S ACE A 1  ? UNP P04637 ?   ?  acetylation           0  1  
1 9C5S CYS A 2  ? UNP P04637 GLU 17 'engineered mutation' 1  2  
1 9C5S ALA A 5  ? UNP P04637 SER 20 'engineered mutation' 4  3  
1 9C5S ASN A 6  ? UNP P04637 ASP 21 'engineered mutation' 5  4  
1 9C5S ARG A 9  ? UNP P04637 LYS 24 'engineered mutation' 8  5  
1 9C5S ALA A 12 ? UNP P04637 PRO 27 'engineered mutation' 11 6  
1 9C5S GLN A 13 ? UNP P04637 GLU 28 'engineered mutation' 12 7  
1 9C5S CYS A 15 ? UNP P04637 ASN 30 'engineered mutation' 14 8  
1 9C5S NH2 A 16 ? UNP P04637 ?   ?  amidation             15 9  
2 9C5S ACE B 1  ? UNP P04637 ?   ?  acetylation           0  10 
2 9C5S CYS B 2  ? UNP P04637 GLU 17 'engineered mutation' 1  11 
2 9C5S ALA B 5  ? UNP P04637 SER 20 'engineered mutation' 4  12 
2 9C5S ASN B 6  ? UNP P04637 ASP 21 'engineered mutation' 5  13 
2 9C5S ARG B 9  ? UNP P04637 LYS 24 'engineered mutation' 8  14 
2 9C5S ALA B 12 ? UNP P04637 PRO 27 'engineered mutation' 11 15 
2 9C5S GLN B 13 ? UNP P04637 GLU 28 'engineered mutation' 12 16 
2 9C5S CYS B 15 ? UNP P04637 ASN 30 'engineered mutation' 14 17 
2 9C5S NH2 B 16 ? UNP P04637 ?   ?  amidation             15 18 
3 9C5S ACE C 1  ? UNP P04637 ?   ?  acetylation           0  19 
3 9C5S CYS C 2  ? UNP P04637 GLU 17 'engineered mutation' 1  20 
3 9C5S ALA C 5  ? UNP P04637 SER 20 'engineered mutation' 4  21 
3 9C5S ASN C 6  ? UNP P04637 ASP 21 'engineered mutation' 5  22 
3 9C5S ARG C 9  ? UNP P04637 LYS 24 'engineered mutation' 8  23 
3 9C5S ALA C 12 ? UNP P04637 PRO 27 'engineered mutation' 11 24 
3 9C5S GLN C 13 ? UNP P04637 GLU 28 'engineered mutation' 12 25 
3 9C5S CYS C 15 ? UNP P04637 ASN 30 'engineered mutation' 14 26 
3 9C5S NH2 C 16 ? UNP P04637 ?   ?  amidation             15 27 
4 9C5S ACE D 1  ? UNP P04637 ?   ?  acetylation           0  28 
4 9C5S CYS D 2  ? UNP P04637 GLU 17 'engineered mutation' 1  29 
4 9C5S ALA D 5  ? UNP P04637 SER 20 'engineered mutation' 4  30 
4 9C5S ASN D 6  ? UNP P04637 ASP 21 'engineered mutation' 5  31 
4 9C5S ARG D 9  ? UNP P04637 LYS 24 'engineered mutation' 8  32 
4 9C5S ALA D 12 ? UNP P04637 PRO 27 'engineered mutation' 11 33 
4 9C5S GLN D 13 ? UNP P04637 GLU 28 'engineered mutation' 12 34 
4 9C5S CYS D 15 ? UNP P04637 ASN 30 'engineered mutation' 14 35 
4 9C5S NH2 D 16 ? UNP P04637 ?   ?  amidation             15 36 
# 
_pdbx_struct_assembly.id                   1 
_pdbx_struct_assembly.details              author_and_software_defined_assembly 
_pdbx_struct_assembly.method_details       PISA 
_pdbx_struct_assembly.oligomeric_details   tetrameric 
_pdbx_struct_assembly.oligomeric_count     4 
# 
loop_
_pdbx_struct_assembly_prop.biol_id 
_pdbx_struct_assembly_prop.type 
_pdbx_struct_assembly_prop.value 
_pdbx_struct_assembly_prop.details 
1 'ABSA (A^2)' 4200 ? 
1 MORE         -63  ? 
1 'SSA (A^2)'  3320 ? 
# 
_pdbx_struct_assembly_gen.assembly_id       1 
_pdbx_struct_assembly_gen.oper_expression   1 
_pdbx_struct_assembly_gen.asym_id_list      A,B,C,D,E,F,G,H,I 
# 
_pdbx_struct_oper_list.id                   1 
_pdbx_struct_oper_list.type                 'identity operation' 
_pdbx_struct_oper_list.name                 1_555 
_pdbx_struct_oper_list.symmetry_operation   x,y,z 
_pdbx_struct_oper_list.matrix[1][1]         1.0000000000 
_pdbx_struct_oper_list.matrix[1][2]         0.0000000000 
_pdbx_struct_oper_list.matrix[1][3]         0.0000000000 
_pdbx_struct_oper_list.vector[1]            0.0000000000 
_pdbx_struct_oper_list.matrix[2][1]         0.0000000000 
_pdbx_struct_oper_list.matrix[2][2]         1.0000000000 
_pdbx_struct_oper_list.matrix[2][3]         0.0000000000 
_pdbx_struct_oper_list.vector[2]            0.0000000000 
_pdbx_struct_oper_list.matrix[3][1]         0.0000000000 
_pdbx_struct_oper_list.matrix[3][2]         0.0000000000 
_pdbx_struct_oper_list.matrix[3][3]         1.0000000000 
_pdbx_struct_oper_list.vector[3]            0.0000000000 
# 
loop_
_struct_conf.conf_type_id 
_struct_conf.id 
_struct_conf.pdbx_PDB_helix_id 
_struct_conf.beg_label_comp_id 
_struct_conf.beg_label_asym_id 
_struct_conf.beg_label_seq_id 
_struct_conf.pdbx_beg_PDB_ins_code 
_struct_conf.end_label_comp_id 
_struct_conf.end_label_asym_id 
_struct_conf.end_label_seq_id 
_struct_conf.pdbx_end_PDB_ins_code 
_struct_conf.beg_auth_comp_id 
_struct_conf.beg_auth_asym_id 
_struct_conf.beg_auth_seq_id 
_struct_conf.end_auth_comp_id 
_struct_conf.end_auth_asym_id 
_struct_conf.end_auth_seq_id 
_struct_conf.pdbx_PDB_helix_class 
_struct_conf.details 
_struct_conf.pdbx_PDB_helix_length 
HELX_P HELX_P1 AA1 THR A 3 ? CYS A 15 ? THR A 2 CYS A 14 1 ? 13 
HELX_P HELX_P2 AA2 THR B 3 ? GLN B 13 ? THR B 2 GLN B 12 1 ? 11 
HELX_P HELX_P3 AA3 THR C 3 ? GLN C 13 ? THR C 2 GLN C 12 1 ? 11 
HELX_P HELX_P4 AA4 THR D 3 ? CYS D 15 ? THR D 2 CYS D 14 1 ? 13 
# 
_struct_conf_type.id          HELX_P 
_struct_conf_type.criteria    ? 
_struct_conf_type.reference   ? 
# 
loop_
_struct_conn.id 
_struct_conn.conn_type_id 
_struct_conn.pdbx_leaving_atom_flag 
_struct_conn.pdbx_PDB_id 
_struct_conn.ptnr1_label_asym_id 
_struct_conn.ptnr1_label_comp_id 
_struct_conn.ptnr1_label_seq_id 
_struct_conn.ptnr1_label_atom_id 
_struct_conn.pdbx_ptnr1_label_alt_id 
_struct_conn.pdbx_ptnr1_PDB_ins_code 
_struct_conn.pdbx_ptnr1_standard_comp_id 
_struct_conn.ptnr1_symmetry 
_struct_conn.ptnr2_label_asym_id 
_struct_conn.ptnr2_label_comp_id 
_struct_conn.ptnr2_label_seq_id 
_struct_conn.ptnr2_label_atom_id 
_struct_conn.pdbx_ptnr2_label_alt_id 
_struct_conn.pdbx_ptnr2_PDB_ins_code 
_struct_conn.ptnr1_auth_asym_id 
_struct_conn.ptnr1_auth_comp_id 
_struct_conn.ptnr1_auth_seq_id 
_struct_conn.ptnr2_auth_asym_id 
_struct_conn.ptnr2_auth_comp_id 
_struct_conn.ptnr2_auth_seq_id 
_struct_conn.ptnr2_symmetry 
_struct_conn.pdbx_ptnr3_label_atom_id 
_struct_conn.pdbx_ptnr3_label_seq_id 
_struct_conn.pdbx_ptnr3_label_comp_id 
_struct_conn.pdbx_ptnr3_label_asym_id 
_struct_conn.pdbx_ptnr3_label_alt_id 
_struct_conn.pdbx_ptnr3_PDB_ins_code 
_struct_conn.details 
_struct_conn.pdbx_dist_value 
_struct_conn.pdbx_value_order 
_struct_conn.pdbx_role 
disulf1 disulf ?    ? A CYS 2  SG ? ? ? 1_555 B CYS 15 SG ? ? A CYS 1  B CYS 14 1_555 ? ? ? ? ? ? ? 2.028 ? ? 
disulf2 disulf ?    ? A CYS 15 SG ? ? ? 1_555 B CYS 2  SG ? ? A CYS 14 B CYS 1  1_555 ? ? ? ? ? ? ? 2.030 ? ? 
disulf3 disulf ?    ? C CYS 2  SG ? ? ? 1_555 D CYS 15 SG ? ? C CYS 1  D CYS 14 1_555 ? ? ? ? ? ? ? 2.039 ? ? 
disulf4 disulf ?    ? C CYS 15 SG ? ? ? 1_555 D CYS 2  SG ? ? C CYS 14 D CYS 1  1_555 ? ? ? ? ? ? ? 2.037 ? ? 
covale1 covale both ? A ACE 1  C  ? ? ? 1_555 A CYS 2  N  ? ? A ACE 0  A CYS 1  1_555 ? ? ? ? ? ? ? 1.323 ? ? 
covale2 covale both ? A CYS 15 C  ? ? ? 1_555 A NH2 16 N  ? ? A CYS 14 A NH2 15 1_555 ? ? ? ? ? ? ? 1.328 ? ? 
covale3 covale both ? B ACE 1  C  ? ? ? 1_555 B CYS 2  N  ? ? B ACE 0  B CYS 1  1_555 ? ? ? ? ? ? ? 1.333 ? ? 
covale4 covale both ? B CYS 15 C  ? ? ? 1_555 B NH2 16 N  ? ? B CYS 14 B NH2 15 1_555 ? ? ? ? ? ? ? 1.328 ? ? 
covale5 covale both ? C ACE 1  C  ? ? ? 1_555 C CYS 2  N  ? ? C ACE 0  C CYS 1  1_555 ? ? ? ? ? ? ? 1.328 ? ? 
covale6 covale both ? C CYS 15 C  ? ? ? 1_555 C NH2 16 N  ? ? C CYS 14 C NH2 15 1_555 ? ? ? ? ? ? ? 1.327 ? ? 
covale7 covale both ? D ACE 1  C  ? ? ? 1_555 D CYS 2  N  ? ? D ACE 0  D CYS 1  1_555 ? ? ? ? ? ? ? 1.335 ? ? 
covale8 covale both ? D CYS 15 C  ? ? ? 1_555 D NH2 16 N  ? ? D CYS 14 D NH2 15 1_555 ? ? ? ? ? ? ? 1.328 ? ? 
# 
loop_
_struct_conn_type.id 
_struct_conn_type.criteria 
_struct_conn_type.reference 
disulf ? ? 
covale ? ? 
# 
loop_
_pdbx_modification_feature.ordinal 
_pdbx_modification_feature.label_comp_id 
_pdbx_modification_feature.label_asym_id 
_pdbx_modification_feature.label_seq_id 
_pdbx_modification_feature.label_alt_id 
_pdbx_modification_feature.modified_residue_label_comp_id 
_pdbx_modification_feature.modified_residue_label_asym_id 
_pdbx_modification_feature.modified_residue_label_seq_id 
_pdbx_modification_feature.modified_residue_label_alt_id 
_pdbx_modification_feature.auth_comp_id 
_pdbx_modification_feature.auth_asym_id 
_pdbx_modification_feature.auth_seq_id 
_pdbx_modification_feature.PDB_ins_code 
_pdbx_modification_feature.symmetry 
_pdbx_modification_feature.modified_residue_auth_comp_id 
_pdbx_modification_feature.modified_residue_auth_asym_id 
_pdbx_modification_feature.modified_residue_auth_seq_id 
_pdbx_modification_feature.modified_residue_PDB_ins_code 
_pdbx_modification_feature.modified_residue_symmetry 
_pdbx_modification_feature.comp_id_linking_atom 
_pdbx_modification_feature.modified_residue_id_linking_atom 
_pdbx_modification_feature.modified_residue_id 
_pdbx_modification_feature.ref_pcm_id 
_pdbx_modification_feature.ref_comp_id 
_pdbx_modification_feature.type 
_pdbx_modification_feature.category 
1  ACE A 1  ? CYS A 2  ? ACE A 0  ? 1_555 CYS A 1  ? 1_555 .  .  CYS 11 ACE None 'Terminal acetylation' 
2  ACE B 1  ? CYS B 2  ? ACE B 0  ? 1_555 CYS B 1  ? 1_555 .  .  CYS 11 ACE None 'Terminal acetylation' 
3  ACE C 1  ? CYS C 2  ? ACE C 0  ? 1_555 CYS C 1  ? 1_555 .  .  CYS 11 ACE None 'Terminal acetylation' 
4  ACE D 1  ? CYS D 2  ? ACE D 0  ? 1_555 CYS D 1  ? 1_555 .  .  CYS 11 ACE None 'Terminal acetylation' 
5  NH2 A 16 ? CYS A 15 ? NH2 A 15 ? 1_555 CYS A 14 ? 1_555 .  .  CYS 11 NH2 None 'Terminal amidation'   
6  NH2 B 16 ? CYS B 15 ? NH2 B 15 ? 1_555 CYS B 14 ? 1_555 .  .  CYS 11 NH2 None 'Terminal amidation'   
7  NH2 C 16 ? CYS C 15 ? NH2 C 15 ? 1_555 CYS C 14 ? 1_555 .  .  CYS 11 NH2 None 'Terminal amidation'   
8  NH2 D 16 ? CYS D 15 ? NH2 D 15 ? 1_555 CYS D 14 ? 1_555 .  .  CYS 11 NH2 None 'Terminal amidation'   
9  CYS A 2  ? CYS B 15 ? CYS A 1  ? 1_555 CYS B 14 ? 1_555 SG SG .   .  .   None 'Disulfide bridge'     
10 CYS A 15 ? CYS B 2  ? CYS A 14 ? 1_555 CYS B 1  ? 1_555 SG SG .   .  .   None 'Disulfide bridge'     
11 CYS C 2  ? CYS D 15 ? CYS C 1  ? 1_555 CYS D 14 ? 1_555 SG SG .   .  .   None 'Disulfide bridge'     
12 CYS C 15 ? CYS D 2  ? CYS C 14 ? 1_555 CYS D 1  ? 1_555 SG SG .   .  .   None 'Disulfide bridge'     
# 
_pdbx_entry_details.entry_id                   9C5S 
_pdbx_entry_details.nonpolymer_details         ? 
_pdbx_entry_details.sequence_details           ? 
_pdbx_entry_details.compound_details           ? 
_pdbx_entry_details.source_details             ? 
_pdbx_entry_details.has_ligand_of_interest     N 
_pdbx_entry_details.has_protein_modification   Y 
# 
loop_
_space_group_symop.id 
_space_group_symop.operation_xyz 
1 x,y,z          
2 -y,x-y,z+1/3   
3 -x+y,-x,z+2/3  
4 x-y,-y,-z+2/3  
5 -x,-x+y,-z+1/3 
6 y,x,-z         
# 
_pdbx_refine_tls.id               1 
_pdbx_refine_tls.pdbx_refine_id   'X-RAY DIFFRACTION' 
_pdbx_refine_tls.details          ? 
_pdbx_refine_tls.method           refined 
_pdbx_refine_tls.origin_x         0.0329 
_pdbx_refine_tls.origin_y         0.0677 
_pdbx_refine_tls.origin_z         -0.1901 
_pdbx_refine_tls.T[1][1]          0.120380307864 
_pdbx_refine_tls.T[1][1]_esd      ? 
_pdbx_refine_tls.T[1][2]          0.018961262829 
_pdbx_refine_tls.T[1][2]_esd      ? 
_pdbx_refine_tls.T[1][3]          0.004460894057 
_pdbx_refine_tls.T[1][3]_esd      ? 
_pdbx_refine_tls.T[2][2]          0.128696459759 
_pdbx_refine_tls.T[2][2]_esd      ? 
_pdbx_refine_tls.T[2][3]          0.002733906018 
_pdbx_refine_tls.T[2][3]_esd      ? 
_pdbx_refine_tls.T[3][3]          0.081964991624 
_pdbx_refine_tls.T[3][3]_esd      ? 
_pdbx_refine_tls.L[1][1]          2.80376650688 
_pdbx_refine_tls.L[1][1]_esd      ? 
_pdbx_refine_tls.L[1][2]          -0.28788899932 
_pdbx_refine_tls.L[1][2]_esd      ? 
_pdbx_refine_tls.L[1][3]          1.86256567504 
_pdbx_refine_tls.L[1][3]_esd      ? 
_pdbx_refine_tls.L[2][2]          1.44750007027 
_pdbx_refine_tls.L[2][2]_esd      ? 
_pdbx_refine_tls.L[2][3]          -1.12766478368 
_pdbx_refine_tls.L[2][3]_esd      ? 
_pdbx_refine_tls.L[3][3]          6.62555868632 
_pdbx_refine_tls.L[3][3]_esd      ? 
_pdbx_refine_tls.S[1][1]          0.114971133111 
_pdbx_refine_tls.S[1][1]_esd      ? 
_pdbx_refine_tls.S[1][2]          0.181150967285 
_pdbx_refine_tls.S[1][2]_esd      ? 
_pdbx_refine_tls.S[1][3]          0.09019341362 
_pdbx_refine_tls.S[1][3]_esd      ? 
_pdbx_refine_tls.S[2][1]          -0.089082715227 
_pdbx_refine_tls.S[2][1]_esd      ? 
_pdbx_refine_tls.S[2][2]          -0.102813558409 
_pdbx_refine_tls.S[2][2]_esd      ? 
_pdbx_refine_tls.S[2][3]          -0.153716761661 
_pdbx_refine_tls.S[2][3]_esd      ? 
_pdbx_refine_tls.S[3][1]          -0.141258087962 
_pdbx_refine_tls.S[3][1]_esd      ? 
_pdbx_refine_tls.S[3][2]          0.223687720010 
_pdbx_refine_tls.S[3][2]_esd      ? 
_pdbx_refine_tls.S[3][3]          0.055206764426 
_pdbx_refine_tls.S[3][3]_esd      ? 
# 
loop_
_pdbx_refine_tls_group.id 
_pdbx_refine_tls_group.pdbx_refine_id 
_pdbx_refine_tls_group.refine_tls_id 
_pdbx_refine_tls_group.beg_label_asym_id 
_pdbx_refine_tls_group.beg_label_seq_id 
_pdbx_refine_tls_group.beg_auth_asym_id 
_pdbx_refine_tls_group.beg_auth_seq_id 
_pdbx_refine_tls_group.beg_PDB_ins_code 
_pdbx_refine_tls_group.end_label_asym_id 
_pdbx_refine_tls_group.end_label_seq_id 
_pdbx_refine_tls_group.end_auth_asym_id 
_pdbx_refine_tls_group.end_auth_seq_id 
_pdbx_refine_tls_group.end_PDB_ins_code 
_pdbx_refine_tls_group.selection 
_pdbx_refine_tls_group.selection_details 
1  'X-RAY DIFFRACTION' 1 ? ? A 0   ? ? ? A 14  ? ? 
;( CHAIN A AND  ( RESID 0:14 OR RESID 15:15 OR RESID 101:118 )  )  OR  ( CHAIN B AND  ( RESID 0:14 OR RESID 15:15 OR RESID 201:225 OR RESID 101:101 )  )  OR  ( CHAIN C AND  ( RESID 0:14 OR RESID 15:15 OR RESID 101:111 )  )  OR  ( CHAIN D AND  ( RESID 0:14 OR RESID 15:15 OR RESID 101:117 )  )
;
2  'X-RAY DIFFRACTION' 1 ? ? A 15  ? ? ? A 15  ? ? 
;( CHAIN A AND  ( RESID 0:14 OR RESID 15:15 OR RESID 101:118 )  )  OR  ( CHAIN B AND  ( RESID 0:14 OR RESID 15:15 OR RESID 201:225 OR RESID 101:101 )  )  OR  ( CHAIN C AND  ( RESID 0:14 OR RESID 15:15 OR RESID 101:111 )  )  OR  ( CHAIN D AND  ( RESID 0:14 OR RESID 15:15 OR RESID 101:117 )  )
;
3  'X-RAY DIFFRACTION' 1 ? ? A 101 ? ? ? A 118 ? ? 
;( CHAIN A AND  ( RESID 0:14 OR RESID 15:15 OR RESID 101:118 )  )  OR  ( CHAIN B AND  ( RESID 0:14 OR RESID 15:15 OR RESID 201:225 OR RESID 101:101 )  )  OR  ( CHAIN C AND  ( RESID 0:14 OR RESID 15:15 OR RESID 101:111 )  )  OR  ( CHAIN D AND  ( RESID 0:14 OR RESID 15:15 OR RESID 101:117 )  )
;
4  'X-RAY DIFFRACTION' 1 ? ? B 0   ? ? ? B 14  ? ? 
;( CHAIN A AND  ( RESID 0:14 OR RESID 15:15 OR RESID 101:118 )  )  OR  ( CHAIN B AND  ( RESID 0:14 OR RESID 15:15 OR RESID 201:225 OR RESID 101:101 )  )  OR  ( CHAIN C AND  ( RESID 0:14 OR RESID 15:15 OR RESID 101:111 )  )  OR  ( CHAIN D AND  ( RESID 0:14 OR RESID 15:15 OR RESID 101:117 )  )
;
5  'X-RAY DIFFRACTION' 1 ? ? B 15  ? ? ? B 15  ? ? 
;( CHAIN A AND  ( RESID 0:14 OR RESID 15:15 OR RESID 101:118 )  )  OR  ( CHAIN B AND  ( RESID 0:14 OR RESID 15:15 OR RESID 201:225 OR RESID 101:101 )  )  OR  ( CHAIN C AND  ( RESID 0:14 OR RESID 15:15 OR RESID 101:111 )  )  OR  ( CHAIN D AND  ( RESID 0:14 OR RESID 15:15 OR RESID 101:117 )  )
;
6  'X-RAY DIFFRACTION' 1 ? ? B 201 ? ? ? B 225 ? ? 
;( CHAIN A AND  ( RESID 0:14 OR RESID 15:15 OR RESID 101:118 )  )  OR  ( CHAIN B AND  ( RESID 0:14 OR RESID 15:15 OR RESID 201:225 OR RESID 101:101 )  )  OR  ( CHAIN C AND  ( RESID 0:14 OR RESID 15:15 OR RESID 101:111 )  )  OR  ( CHAIN D AND  ( RESID 0:14 OR RESID 15:15 OR RESID 101:117 )  )
;
7  'X-RAY DIFFRACTION' 1 ? ? B 101 ? ? ? B 101 ? ? 
;( CHAIN A AND  ( RESID 0:14 OR RESID 15:15 OR RESID 101:118 )  )  OR  ( CHAIN B AND  ( RESID 0:14 OR RESID 15:15 OR RESID 201:225 OR RESID 101:101 )  )  OR  ( CHAIN C AND  ( RESID 0:14 OR RESID 15:15 OR RESID 101:111 )  )  OR  ( CHAIN D AND  ( RESID 0:14 OR RESID 15:15 OR RESID 101:117 )  )
;
8  'X-RAY DIFFRACTION' 1 ? ? C 0   ? ? ? C 14  ? ? 
;( CHAIN A AND  ( RESID 0:14 OR RESID 15:15 OR RESID 101:118 )  )  OR  ( CHAIN B AND  ( RESID 0:14 OR RESID 15:15 OR RESID 201:225 OR RESID 101:101 )  )  OR  ( CHAIN C AND  ( RESID 0:14 OR RESID 15:15 OR RESID 101:111 )  )  OR  ( CHAIN D AND  ( RESID 0:14 OR RESID 15:15 OR RESID 101:117 )  )
;
9  'X-RAY DIFFRACTION' 1 ? ? C 15  ? ? ? C 15  ? ? 
;( CHAIN A AND  ( RESID 0:14 OR RESID 15:15 OR RESID 101:118 )  )  OR  ( CHAIN B AND  ( RESID 0:14 OR RESID 15:15 OR RESID 201:225 OR RESID 101:101 )  )  OR  ( CHAIN C AND  ( RESID 0:14 OR RESID 15:15 OR RESID 101:111 )  )  OR  ( CHAIN D AND  ( RESID 0:14 OR RESID 15:15 OR RESID 101:117 )  )
;
10 'X-RAY DIFFRACTION' 1 ? ? C 101 ? ? ? C 111 ? ? 
;( CHAIN A AND  ( RESID 0:14 OR RESID 15:15 OR RESID 101:118 )  )  OR  ( CHAIN B AND  ( RESID 0:14 OR RESID 15:15 OR RESID 201:225 OR RESID 101:101 )  )  OR  ( CHAIN C AND  ( RESID 0:14 OR RESID 15:15 OR RESID 101:111 )  )  OR  ( CHAIN D AND  ( RESID 0:14 OR RESID 15:15 OR RESID 101:117 )  )
;
11 'X-RAY DIFFRACTION' 1 ? ? D 0   ? ? ? D 14  ? ? 
;( CHAIN A AND  ( RESID 0:14 OR RESID 15:15 OR RESID 101:118 )  )  OR  ( CHAIN B AND  ( RESID 0:14 OR RESID 15:15 OR RESID 201:225 OR RESID 101:101 )  )  OR  ( CHAIN C AND  ( RESID 0:14 OR RESID 15:15 OR RESID 101:111 )  )  OR  ( CHAIN D AND  ( RESID 0:14 OR RESID 15:15 OR RESID 101:117 )  )
;
12 'X-RAY DIFFRACTION' 1 ? ? D 15  ? ? ? D 15  ? ? 
;( CHAIN A AND  ( RESID 0:14 OR RESID 15:15 OR RESID 101:118 )  )  OR  ( CHAIN B AND  ( RESID 0:14 OR RESID 15:15 OR RESID 201:225 OR RESID 101:101 )  )  OR  ( CHAIN C AND  ( RESID 0:14 OR RESID 15:15 OR RESID 101:111 )  )  OR  ( CHAIN D AND  ( RESID 0:14 OR RESID 15:15 OR RESID 101:117 )  )
;
13 'X-RAY DIFFRACTION' 1 ? ? D 101 ? ? ? D 117 ? ? 
;( CHAIN A AND  ( RESID 0:14 OR RESID 15:15 OR RESID 101:118 )  )  OR  ( CHAIN B AND  ( RESID 0:14 OR RESID 15:15 OR RESID 201:225 OR RESID 101:101 )  )  OR  ( CHAIN C AND  ( RESID 0:14 OR RESID 15:15 OR RESID 101:111 )  )  OR  ( CHAIN D AND  ( RESID 0:14 OR RESID 15:15 OR RESID 101:117 )  )
;
# 
_pdbx_distant_solvent_atoms.id                                1 
_pdbx_distant_solvent_atoms.PDB_model_num                     1 
_pdbx_distant_solvent_atoms.auth_atom_id                      O 
_pdbx_distant_solvent_atoms.label_alt_id                      ? 
_pdbx_distant_solvent_atoms.auth_asym_id                      D 
_pdbx_distant_solvent_atoms.auth_comp_id                      HOH 
_pdbx_distant_solvent_atoms.auth_seq_id                       117 
_pdbx_distant_solvent_atoms.PDB_ins_code                      ? 
_pdbx_distant_solvent_atoms.neighbor_macromolecule_distance   7.05 
_pdbx_distant_solvent_atoms.neighbor_ligand_distance          . 
# 
loop_
_chem_comp_atom.comp_id 
_chem_comp_atom.atom_id 
_chem_comp_atom.type_symbol 
_chem_comp_atom.pdbx_aromatic_flag 
_chem_comp_atom.pdbx_stereo_config 
_chem_comp_atom.pdbx_ordinal 
ACE C    C N N 1   
ACE O    O N N 2   
ACE CH3  C N N 3   
ACE H    H N N 4   
ACE H1   H N N 5   
ACE H2   H N N 6   
ACE H3   H N N 7   
ALA N    N N N 8   
ALA CA   C N S 9   
ALA C    C N N 10  
ALA O    O N N 11  
ALA CB   C N N 12  
ALA OXT  O N N 13  
ALA H    H N N 14  
ALA H2   H N N 15  
ALA HA   H N N 16  
ALA HB1  H N N 17  
ALA HB2  H N N 18  
ALA HB3  H N N 19  
ALA HXT  H N N 20  
ARG N    N N N 21  
ARG CA   C N S 22  
ARG C    C N N 23  
ARG O    O N N 24  
ARG CB   C N N 25  
ARG CG   C N N 26  
ARG CD   C N N 27  
ARG NE   N N N 28  
ARG CZ   C N N 29  
ARG NH1  N N N 30  
ARG NH2  N N N 31  
ARG OXT  O N N 32  
ARG H    H N N 33  
ARG H2   H N N 34  
ARG HA   H N N 35  
ARG HB2  H N N 36  
ARG HB3  H N N 37  
ARG HG2  H N N 38  
ARG HG3  H N N 39  
ARG HD2  H N N 40  
ARG HD3  H N N 41  
ARG HE   H N N 42  
ARG HH11 H N N 43  
ARG HH12 H N N 44  
ARG HH21 H N N 45  
ARG HH22 H N N 46  
ARG HXT  H N N 47  
ASN N    N N N 48  
ASN CA   C N S 49  
ASN C    C N N 50  
ASN O    O N N 51  
ASN CB   C N N 52  
ASN CG   C N N 53  
ASN OD1  O N N 54  
ASN ND2  N N N 55  
ASN OXT  O N N 56  
ASN H    H N N 57  
ASN H2   H N N 58  
ASN HA   H N N 59  
ASN HB2  H N N 60  
ASN HB3  H N N 61  
ASN HD21 H N N 62  
ASN HD22 H N N 63  
ASN HXT  H N N 64  
ASP N    N N N 65  
ASP CA   C N S 66  
ASP C    C N N 67  
ASP O    O N N 68  
ASP CB   C N N 69  
ASP CG   C N N 70  
ASP OD1  O N N 71  
ASP OD2  O N N 72  
ASP OXT  O N N 73  
ASP H    H N N 74  
ASP H2   H N N 75  
ASP HA   H N N 76  
ASP HB2  H N N 77  
ASP HB3  H N N 78  
ASP HD2  H N N 79  
ASP HXT  H N N 80  
CYS N    N N N 81  
CYS CA   C N R 82  
CYS C    C N N 83  
CYS O    O N N 84  
CYS CB   C N N 85  
CYS SG   S N N 86  
CYS OXT  O N N 87  
CYS H    H N N 88  
CYS H2   H N N 89  
CYS HA   H N N 90  
CYS HB2  H N N 91  
CYS HB3  H N N 92  
CYS HG   H N N 93  
CYS HXT  H N N 94  
GLN N    N N N 95  
GLN CA   C N S 96  
GLN C    C N N 97  
GLN O    O N N 98  
GLN CB   C N N 99  
GLN CG   C N N 100 
GLN CD   C N N 101 
GLN OE1  O N N 102 
GLN NE2  N N N 103 
GLN OXT  O N N 104 
GLN H    H N N 105 
GLN H2   H N N 106 
GLN HA   H N N 107 
GLN HB2  H N N 108 
GLN HB3  H N N 109 
GLN HG2  H N N 110 
GLN HG3  H N N 111 
GLN HE21 H N N 112 
GLN HE22 H N N 113 
GLN HXT  H N N 114 
GLU N    N N N 115 
GLU CA   C N S 116 
GLU C    C N N 117 
GLU O    O N N 118 
GLU CB   C N N 119 
GLU CG   C N N 120 
GLU CD   C N N 121 
GLU OE1  O N N 122 
GLU OE2  O N N 123 
GLU OXT  O N N 124 
GLU H    H N N 125 
GLU H2   H N N 126 
GLU HA   H N N 127 
GLU HB2  H N N 128 
GLU HB3  H N N 129 
GLU HG2  H N N 130 
GLU HG3  H N N 131 
GLU HE2  H N N 132 
GLU HXT  H N N 133 
HOH O    O N N 134 
HOH H1   H N N 135 
HOH H2   H N N 136 
LEU N    N N N 137 
LEU CA   C N S 138 
LEU C    C N N 139 
LEU O    O N N 140 
LEU CB   C N N 141 
LEU CG   C N N 142 
LEU CD1  C N N 143 
LEU CD2  C N N 144 
LEU OXT  O N N 145 
LEU H    H N N 146 
LEU H2   H N N 147 
LEU HA   H N N 148 
LEU HB2  H N N 149 
LEU HB3  H N N 150 
LEU HG   H N N 151 
LEU HD11 H N N 152 
LEU HD12 H N N 153 
LEU HD13 H N N 154 
LEU HD21 H N N 155 
LEU HD22 H N N 156 
LEU HD23 H N N 157 
LEU HXT  H N N 158 
LYS N    N N N 159 
LYS CA   C N S 160 
LYS C    C N N 161 
LYS O    O N N 162 
LYS CB   C N N 163 
LYS CG   C N N 164 
LYS CD   C N N 165 
LYS CE   C N N 166 
LYS NZ   N N N 167 
LYS OXT  O N N 168 
LYS H    H N N 169 
LYS H2   H N N 170 
LYS HA   H N N 171 
LYS HB2  H N N 172 
LYS HB3  H N N 173 
LYS HG2  H N N 174 
LYS HG3  H N N 175 
LYS HD2  H N N 176 
LYS HD3  H N N 177 
LYS HE2  H N N 178 
LYS HE3  H N N 179 
LYS HZ1  H N N 180 
LYS HZ2  H N N 181 
LYS HZ3  H N N 182 
LYS HXT  H N N 183 
NH2 N    N N N 184 
NH2 HN1  H N N 185 
NH2 HN2  H N N 186 
PHE N    N N N 187 
PHE CA   C N S 188 
PHE C    C N N 189 
PHE O    O N N 190 
PHE CB   C N N 191 
PHE CG   C Y N 192 
PHE CD1  C Y N 193 
PHE CD2  C Y N 194 
PHE CE1  C Y N 195 
PHE CE2  C Y N 196 
PHE CZ   C Y N 197 
PHE OXT  O N N 198 
PHE H    H N N 199 
PHE H2   H N N 200 
PHE HA   H N N 201 
PHE HB2  H N N 202 
PHE HB3  H N N 203 
PHE HD1  H N N 204 
PHE HD2  H N N 205 
PHE HE1  H N N 206 
PHE HE2  H N N 207 
PHE HZ   H N N 208 
PHE HXT  H N N 209 
PRO N    N N N 210 
PRO CA   C N S 211 
PRO C    C N N 212 
PRO O    O N N 213 
PRO CB   C N N 214 
PRO CG   C N N 215 
PRO CD   C N N 216 
PRO OXT  O N N 217 
PRO H    H N N 218 
PRO HA   H N N 219 
PRO HB2  H N N 220 
PRO HB3  H N N 221 
PRO HG2  H N N 222 
PRO HG3  H N N 223 
PRO HD2  H N N 224 
PRO HD3  H N N 225 
PRO HXT  H N N 226 
SER N    N N N 227 
SER CA   C N S 228 
SER C    C N N 229 
SER O    O N N 230 
SER CB   C N N 231 
SER OG   O N N 232 
SER OXT  O N N 233 
SER H    H N N 234 
SER H2   H N N 235 
SER HA   H N N 236 
SER HB2  H N N 237 
SER HB3  H N N 238 
SER HG   H N N 239 
SER HXT  H N N 240 
SO4 S    S N N 241 
SO4 O1   O N N 242 
SO4 O2   O N N 243 
SO4 O3   O N N 244 
SO4 O4   O N N 245 
THR N    N N N 246 
THR CA   C N S 247 
THR C    C N N 248 
THR O    O N N 249 
THR CB   C N R 250 
THR OG1  O N N 251 
THR CG2  C N N 252 
THR OXT  O N N 253 
THR H    H N N 254 
THR H2   H N N 255 
THR HA   H N N 256 
THR HB   H N N 257 
THR HG1  H N N 258 
THR HG21 H N N 259 
THR HG22 H N N 260 
THR HG23 H N N 261 
THR HXT  H N N 262 
TRP N    N N N 263 
TRP CA   C N S 264 
TRP C    C N N 265 
TRP O    O N N 266 
TRP CB   C N N 267 
TRP CG   C Y N 268 
TRP CD1  C Y N 269 
TRP CD2  C Y N 270 
TRP NE1  N Y N 271 
TRP CE2  C Y N 272 
TRP CE3  C Y N 273 
TRP CZ2  C Y N 274 
TRP CZ3  C Y N 275 
TRP CH2  C Y N 276 
TRP OXT  O N N 277 
TRP H    H N N 278 
TRP H2   H N N 279 
TRP HA   H N N 280 
TRP HB2  H N N 281 
TRP HB3  H N N 282 
TRP HD1  H N N 283 
TRP HE1  H N N 284 
TRP HE3  H N N 285 
TRP HZ2  H N N 286 
TRP HZ3  H N N 287 
TRP HH2  H N N 288 
TRP HXT  H N N 289 
# 
loop_
_chem_comp_bond.comp_id 
_chem_comp_bond.atom_id_1 
_chem_comp_bond.atom_id_2 
_chem_comp_bond.value_order 
_chem_comp_bond.pdbx_aromatic_flag 
_chem_comp_bond.pdbx_stereo_config 
_chem_comp_bond.pdbx_ordinal 
ACE C   O    doub N N 1   
ACE C   CH3  sing N N 2   
ACE C   H    sing N N 3   
ACE CH3 H1   sing N N 4   
ACE CH3 H2   sing N N 5   
ACE CH3 H3   sing N N 6   
ALA N   CA   sing N N 7   
ALA N   H    sing N N 8   
ALA N   H2   sing N N 9   
ALA CA  C    sing N N 10  
ALA CA  CB   sing N N 11  
ALA CA  HA   sing N N 12  
ALA C   O    doub N N 13  
ALA C   OXT  sing N N 14  
ALA CB  HB1  sing N N 15  
ALA CB  HB2  sing N N 16  
ALA CB  HB3  sing N N 17  
ALA OXT HXT  sing N N 18  
ARG N   CA   sing N N 19  
ARG N   H    sing N N 20  
ARG N   H2   sing N N 21  
ARG CA  C    sing N N 22  
ARG CA  CB   sing N N 23  
ARG CA  HA   sing N N 24  
ARG C   O    doub N N 25  
ARG C   OXT  sing N N 26  
ARG CB  CG   sing N N 27  
ARG CB  HB2  sing N N 28  
ARG CB  HB3  sing N N 29  
ARG CG  CD   sing N N 30  
ARG CG  HG2  sing N N 31  
ARG CG  HG3  sing N N 32  
ARG CD  NE   sing N N 33  
ARG CD  HD2  sing N N 34  
ARG CD  HD3  sing N N 35  
ARG NE  CZ   sing N N 36  
ARG NE  HE   sing N N 37  
ARG CZ  NH1  sing N N 38  
ARG CZ  NH2  doub N N 39  
ARG NH1 HH11 sing N N 40  
ARG NH1 HH12 sing N N 41  
ARG NH2 HH21 sing N N 42  
ARG NH2 HH22 sing N N 43  
ARG OXT HXT  sing N N 44  
ASN N   CA   sing N N 45  
ASN N   H    sing N N 46  
ASN N   H2   sing N N 47  
ASN CA  C    sing N N 48  
ASN CA  CB   sing N N 49  
ASN CA  HA   sing N N 50  
ASN C   O    doub N N 51  
ASN C   OXT  sing N N 52  
ASN CB  CG   sing N N 53  
ASN CB  HB2  sing N N 54  
ASN CB  HB3  sing N N 55  
ASN CG  OD1  doub N N 56  
ASN CG  ND2  sing N N 57  
ASN ND2 HD21 sing N N 58  
ASN ND2 HD22 sing N N 59  
ASN OXT HXT  sing N N 60  
ASP N   CA   sing N N 61  
ASP N   H    sing N N 62  
ASP N   H2   sing N N 63  
ASP CA  C    sing N N 64  
ASP CA  CB   sing N N 65  
ASP CA  HA   sing N N 66  
ASP C   O    doub N N 67  
ASP C   OXT  sing N N 68  
ASP CB  CG   sing N N 69  
ASP CB  HB2  sing N N 70  
ASP CB  HB3  sing N N 71  
ASP CG  OD1  doub N N 72  
ASP CG  OD2  sing N N 73  
ASP OD2 HD2  sing N N 74  
ASP OXT HXT  sing N N 75  
CYS N   CA   sing N N 76  
CYS N   H    sing N N 77  
CYS N   H2   sing N N 78  
CYS CA  C    sing N N 79  
CYS CA  CB   sing N N 80  
CYS CA  HA   sing N N 81  
CYS C   O    doub N N 82  
CYS C   OXT  sing N N 83  
CYS CB  SG   sing N N 84  
CYS CB  HB2  sing N N 85  
CYS CB  HB3  sing N N 86  
CYS SG  HG   sing N N 87  
CYS OXT HXT  sing N N 88  
GLN N   CA   sing N N 89  
GLN N   H    sing N N 90  
GLN N   H2   sing N N 91  
GLN CA  C    sing N N 92  
GLN CA  CB   sing N N 93  
GLN CA  HA   sing N N 94  
GLN C   O    doub N N 95  
GLN C   OXT  sing N N 96  
GLN CB  CG   sing N N 97  
GLN CB  HB2  sing N N 98  
GLN CB  HB3  sing N N 99  
GLN CG  CD   sing N N 100 
GLN CG  HG2  sing N N 101 
GLN CG  HG3  sing N N 102 
GLN CD  OE1  doub N N 103 
GLN CD  NE2  sing N N 104 
GLN NE2 HE21 sing N N 105 
GLN NE2 HE22 sing N N 106 
GLN OXT HXT  sing N N 107 
GLU N   CA   sing N N 108 
GLU N   H    sing N N 109 
GLU N   H2   sing N N 110 
GLU CA  C    sing N N 111 
GLU CA  CB   sing N N 112 
GLU CA  HA   sing N N 113 
GLU C   O    doub N N 114 
GLU C   OXT  sing N N 115 
GLU CB  CG   sing N N 116 
GLU CB  HB2  sing N N 117 
GLU CB  HB3  sing N N 118 
GLU CG  CD   sing N N 119 
GLU CG  HG2  sing N N 120 
GLU CG  HG3  sing N N 121 
GLU CD  OE1  doub N N 122 
GLU CD  OE2  sing N N 123 
GLU OE2 HE2  sing N N 124 
GLU OXT HXT  sing N N 125 
HOH O   H1   sing N N 126 
HOH O   H2   sing N N 127 
LEU N   CA   sing N N 128 
LEU N   H    sing N N 129 
LEU N   H2   sing N N 130 
LEU CA  C    sing N N 131 
LEU CA  CB   sing N N 132 
LEU CA  HA   sing N N 133 
LEU C   O    doub N N 134 
LEU C   OXT  sing N N 135 
LEU CB  CG   sing N N 136 
LEU CB  HB2  sing N N 137 
LEU CB  HB3  sing N N 138 
LEU CG  CD1  sing N N 139 
LEU CG  CD2  sing N N 140 
LEU CG  HG   sing N N 141 
LEU CD1 HD11 sing N N 142 
LEU CD1 HD12 sing N N 143 
LEU CD1 HD13 sing N N 144 
LEU CD2 HD21 sing N N 145 
LEU CD2 HD22 sing N N 146 
LEU CD2 HD23 sing N N 147 
LEU OXT HXT  sing N N 148 
LYS N   CA   sing N N 149 
LYS N   H    sing N N 150 
LYS N   H2   sing N N 151 
LYS CA  C    sing N N 152 
LYS CA  CB   sing N N 153 
LYS CA  HA   sing N N 154 
LYS C   O    doub N N 155 
LYS C   OXT  sing N N 156 
LYS CB  CG   sing N N 157 
LYS CB  HB2  sing N N 158 
LYS CB  HB3  sing N N 159 
LYS CG  CD   sing N N 160 
LYS CG  HG2  sing N N 161 
LYS CG  HG3  sing N N 162 
LYS CD  CE   sing N N 163 
LYS CD  HD2  sing N N 164 
LYS CD  HD3  sing N N 165 
LYS CE  NZ   sing N N 166 
LYS CE  HE2  sing N N 167 
LYS CE  HE3  sing N N 168 
LYS NZ  HZ1  sing N N 169 
LYS NZ  HZ2  sing N N 170 
LYS NZ  HZ3  sing N N 171 
LYS OXT HXT  sing N N 172 
NH2 N   HN1  sing N N 173 
NH2 N   HN2  sing N N 174 
PHE N   CA   sing N N 175 
PHE N   H    sing N N 176 
PHE N   H2   sing N N 177 
PHE CA  C    sing N N 178 
PHE CA  CB   sing N N 179 
PHE CA  HA   sing N N 180 
PHE C   O    doub N N 181 
PHE C   OXT  sing N N 182 
PHE CB  CG   sing N N 183 
PHE CB  HB2  sing N N 184 
PHE CB  HB3  sing N N 185 
PHE CG  CD1  doub Y N 186 
PHE CG  CD2  sing Y N 187 
PHE CD1 CE1  sing Y N 188 
PHE CD1 HD1  sing N N 189 
PHE CD2 CE2  doub Y N 190 
PHE CD2 HD2  sing N N 191 
PHE CE1 CZ   doub Y N 192 
PHE CE1 HE1  sing N N 193 
PHE CE2 CZ   sing Y N 194 
PHE CE2 HE2  sing N N 195 
PHE CZ  HZ   sing N N 196 
PHE OXT HXT  sing N N 197 
PRO N   CA   sing N N 198 
PRO N   CD   sing N N 199 
PRO N   H    sing N N 200 
PRO CA  C    sing N N 201 
PRO CA  CB   sing N N 202 
PRO CA  HA   sing N N 203 
PRO C   O    doub N N 204 
PRO C   OXT  sing N N 205 
PRO CB  CG   sing N N 206 
PRO CB  HB2  sing N N 207 
PRO CB  HB3  sing N N 208 
PRO CG  CD   sing N N 209 
PRO CG  HG2  sing N N 210 
PRO CG  HG3  sing N N 211 
PRO CD  HD2  sing N N 212 
PRO CD  HD3  sing N N 213 
PRO OXT HXT  sing N N 214 
SER N   CA   sing N N 215 
SER N   H    sing N N 216 
SER N   H2   sing N N 217 
SER CA  C    sing N N 218 
SER CA  CB   sing N N 219 
SER CA  HA   sing N N 220 
SER C   O    doub N N 221 
SER C   OXT  sing N N 222 
SER CB  OG   sing N N 223 
SER CB  HB2  sing N N 224 
SER CB  HB3  sing N N 225 
SER OG  HG   sing N N 226 
SER OXT HXT  sing N N 227 
SO4 S   O1   doub N N 228 
SO4 S   O2   doub N N 229 
SO4 S   O3   sing N N 230 
SO4 S   O4   sing N N 231 
THR N   CA   sing N N 232 
THR N   H    sing N N 233 
THR N   H2   sing N N 234 
THR CA  C    sing N N 235 
THR CA  CB   sing N N 236 
THR CA  HA   sing N N 237 
THR C   O    doub N N 238 
THR C   OXT  sing N N 239 
THR CB  OG1  sing N N 240 
THR CB  CG2  sing N N 241 
THR CB  HB   sing N N 242 
THR OG1 HG1  sing N N 243 
THR CG2 HG21 sing N N 244 
THR CG2 HG22 sing N N 245 
THR CG2 HG23 sing N N 246 
THR OXT HXT  sing N N 247 
TRP N   CA   sing N N 248 
TRP N   H    sing N N 249 
TRP N   H2   sing N N 250 
TRP CA  C    sing N N 251 
TRP CA  CB   sing N N 252 
TRP CA  HA   sing N N 253 
TRP C   O    doub N N 254 
TRP C   OXT  sing N N 255 
TRP CB  CG   sing N N 256 
TRP CB  HB2  sing N N 257 
TRP CB  HB3  sing N N 258 
TRP CG  CD1  doub Y N 259 
TRP CG  CD2  sing Y N 260 
TRP CD1 NE1  sing Y N 261 
TRP CD1 HD1  sing N N 262 
TRP CD2 CE2  doub Y N 263 
TRP CD2 CE3  sing Y N 264 
TRP NE1 CE2  sing Y N 265 
TRP NE1 HE1  sing N N 266 
TRP CE2 CZ2  sing Y N 267 
TRP CE3 CZ3  doub Y N 268 
TRP CE3 HE3  sing N N 269 
TRP CZ2 CH2  doub Y N 270 
TRP CZ2 HZ2  sing N N 271 
TRP CZ3 CH2  sing Y N 272 
TRP CZ3 HZ3  sing N N 273 
TRP CH2 HH2  sing N N 274 
TRP OXT HXT  sing N N 275 
# 
_pdbx_audit_support.funding_organization   'Not funded' 
_pdbx_audit_support.country                ? 
_pdbx_audit_support.grant_number           ? 
_pdbx_audit_support.ordinal                1 
# 
_pdbx_initial_refinement_model.id               1 
_pdbx_initial_refinement_model.entity_id_list   ? 
_pdbx_initial_refinement_model.type             'experimental model' 
_pdbx_initial_refinement_model.source_name      PDB 
_pdbx_initial_refinement_model.accession_code   ? 
_pdbx_initial_refinement_model.details          ? 
# 
_space_group.name_H-M_alt     'P 31 2 1' 
_space_group.name_Hall        
;P 31 2"
;
_space_group.IT_number        152 
_space_group.crystal_system   trigonal 
_space_group.id               1 
# 
_atom_sites.entry_id                    9C5S 
_atom_sites.Cartn_transf_matrix[1][1]   ? 
_atom_sites.Cartn_transf_matrix[1][2]   ? 
_atom_sites.Cartn_transf_matrix[1][3]   ? 
_atom_sites.Cartn_transf_matrix[2][1]   ? 
_atom_sites.Cartn_transf_matrix[2][2]   ? 
_atom_sites.Cartn_transf_matrix[2][3]   ? 
_atom_sites.Cartn_transf_matrix[3][1]   ? 
_atom_sites.Cartn_transf_matrix[3][2]   ? 
_atom_sites.Cartn_transf_matrix[3][3]   ? 
_atom_sites.Cartn_transf_vector[1]      ? 
_atom_sites.Cartn_transf_vector[2]      ? 
_atom_sites.Cartn_transf_vector[3]      ? 
_atom_sites.Cartn_transform_axes        ? 
_atom_sites.fract_transf_matrix[1][1]   0.00041737 
_atom_sites.fract_transf_matrix[1][2]   0.01312751 
_atom_sites.fract_transf_matrix[1][3]   0.02188333 
_atom_sites.fract_transf_matrix[2][1]   -0.01743219 
_atom_sites.fract_transf_matrix[2][2]   -0.00470475 
_atom_sites.fract_transf_matrix[2][3]   0.01803764 
_atom_sites.fract_transf_matrix[3][1]   0.00960551 
_atom_sites.fract_transf_matrix[3][2]   -0.01099816 
_atom_sites.fract_transf_matrix[3][3]   0.00641445 
_atom_sites.fract_transf_vector[1]      -0.169333 
_atom_sites.fract_transf_vector[2]      0.274089 
_atom_sites.fract_transf_vector[3]      0.072223 
_atom_sites.solution_primary            ? 
_atom_sites.solution_secondary          ? 
_atom_sites.solution_hydrogens          ? 
_atom_sites.special_details             ? 
# 
loop_
_atom_type.symbol 
_atom_type.scat_dispersion_real 
_atom_type.scat_dispersion_imag 
_atom_type.scat_Cromer_Mann_a1 
_atom_type.scat_Cromer_Mann_a2 
_atom_type.scat_Cromer_Mann_a3 
_atom_type.scat_Cromer_Mann_a4 
_atom_type.scat_Cromer_Mann_b1 
_atom_type.scat_Cromer_Mann_b2 
_atom_type.scat_Cromer_Mann_b3 
_atom_type.scat_Cromer_Mann_b4 
_atom_type.scat_Cromer_Mann_c 
_atom_type.scat_source 
_atom_type.scat_dispersion_source 
C ? ? 2.51340 1.74867 1.72398 ? 31.80534 0.44561  10.58317 ? 0.0 
;3-Gaussian fit: Grosse-Kunstleve RW, Sauter NK, Adams PD: Newsletter of the IUCr Commission on Crystallographic Computing 2004, 3, 22-31.
;
? 
H ? ? 0.53795 0.34799 0.11320 ? 10.08003 29.74760 2.57510  ? 0.0 
;3-Gaussian fit: Grosse-Kunstleve RW, Sauter NK, Adams PD: Newsletter of the IUCr Commission on Crystallographic Computing 2004, 3, 22-31.
;
? 
N ? ? 2.99955 2.25584 1.72788 ? 23.27268 7.45433  0.31622  ? 0.0 
;3-Gaussian fit: Grosse-Kunstleve RW, Sauter NK, Adams PD: Newsletter of the IUCr Commission on Crystallographic Computing 2004, 3, 22-31.
;
? 
O ? ? 4.49882 3.47563 ?       ? 15.80542 1.70748  ?        ? 0.0 
;2-Gaussian fit: Grosse-Kunstleve RW, Sauter NK, Adams PD: Newsletter of the IUCr Commission on Crystallographic Computing 2004, 3, 22-31.
;
? 
S ? ? 9.55732 6.39887 ?       ? 1.23737  29.19336 ?        ? 0.0 
;2-Gaussian fit: Grosse-Kunstleve RW, Sauter NK, Adams PD: Newsletter of the IUCr Commission on Crystallographic Computing 2004, 3, 22-31.
;
? 
# 
loop_
_atom_site.group_PDB 
_atom_site.id 
_atom_site.type_symbol 
_atom_site.label_atom_id 
_atom_site.label_alt_id 
_atom_site.label_comp_id 
_atom_site.label_asym_id 
_atom_site.label_entity_id 
_atom_site.label_seq_id 
_atom_site.pdbx_PDB_ins_code 
_atom_site.Cartn_x 
_atom_site.Cartn_y 
_atom_site.Cartn_z 
_atom_site.occupancy 
_atom_site.B_iso_or_equiv 
_atom_site.pdbx_formal_charge 
_atom_site.auth_seq_id 
_atom_site.auth_comp_id 
_atom_site.auth_asym_id 
_atom_site.auth_atom_id 
_atom_site.pdbx_PDB_model_num 
HETATM 1   C C    . ACE A 1 1  ? 8.08601   -2.31991  -7.03073  1.000 26.03442 ? 0   ACE A C    1 
HETATM 2   O O    . ACE A 1 1  ? 7.88794   -1.45204  -6.18403  1.000 28.33467 ? 0   ACE A O    1 
HETATM 3   C CH3  . ACE A 1 1  ? 9.27668   -2.30470  -7.94174  1.000 29.76258 ? 0   ACE A CH3  1 
ATOM   4   N N    . CYS A 1 2  ? 7.25250   -3.33324  -7.19975  1.000 24.06917 ? 1   CYS A N    1 
ATOM   5   C CA   . CYS A 1 2  ? 6.06388   -3.46076  -6.37726  1.000 21.32365 ? 1   CYS A CA   1 
ATOM   6   C C    . CYS A 1 2  ? 6.38933   -4.30531  -5.15689  1.000 21.90113 ? 1   CYS A C    1 
ATOM   7   O O    . CYS A 1 2  ? 6.04961   -5.48579  -5.10378  1.000 23.84611 ? 1   CYS A O    1 
ATOM   8   C CB   . CYS A 1 2  ? 4.93780   -4.10552  -7.16922  1.000 20.51406 ? 1   CYS A CB   1 
ATOM   9   S SG   . CYS A 1 2  ? 3.38434   -3.99537  -6.28407  1.000 19.51367 ? 1   CYS A SG   1 
ATOM   10  H H    . CYS A 1 2  ? 7.35320   -3.95782  -7.78231  1.000 28.95229 ? 1   CYS A H    1 
ATOM   11  H HA   . CYS A 1 2  ? 5.75838   -2.58569  -6.09122  1.000 25.65767 ? 1   CYS A HA   1 
ATOM   12  H HB2  . CYS A 1 2  ? 4.84023   -3.64983  -8.01994  1.000 24.68616 ? 1   CYS A HB2  1 
ATOM   13  H HB3  . CYS A 1 2  ? 5.14250   -5.04221  -7.31617  1.000 24.68616 ? 1   CYS A HB3  1 
ATOM   14  N N    . THR A 1 3  ? 7.05017   -3.69110  -4.18061  1.000 21.50370 ? 2   THR A N    1 
ATOM   15  C CA   . THR A 1 3  ? 7.63061   -4.40594  -3.05983  1.000 21.38160 ? 2   THR A CA   1 
ATOM   16  C C    . THR A 1 3  ? 7.28974   -3.70939  -1.75561  1.000 19.28486 ? 2   THR A C    1 
ATOM   17  O O    . THR A 1 3  ? 7.05022   -2.50238  -1.71865  1.000 18.75286 ? 2   THR A O    1 
ATOM   18  C CB   . THR A 1 3  ? 9.15614   -4.41001  -3.17557  1.000 24.22478 ? 2   THR A CB   1 
ATOM   19  O OG1  . THR A 1 3  ? 9.61342   -3.05534  -3.29814  1.000 25.85374 ? 2   THR A OG1  1 
ATOM   20  C CG2  . THR A 1 3  ? 9.60256   -5.20207  -4.39241  1.000 25.80197 ? 2   THR A CG2  1 
ATOM   21  H H    . THR A 1 3  ? 7.17612   -2.84097  -4.14838  1.000 25.87373 ? 2   THR A H    1 
ATOM   22  H HA   . THR A 1 3  ? 7.27196   -5.30707  -3.04417  1.000 25.72720 ? 2   THR A HA   1 
ATOM   23  H HB   . THR A 1 3  ? 9.54477   -4.82420  -2.38925  1.000 29.13903 ? 2   THR A HB   1 
ATOM   24  H HG1  . THR A 1 3  ? 10.45188  -3.03003  -3.25396  1.000 31.09377 ? 2   THR A HG1  1 
ATOM   25  H HG21 . THR A 1 3  ? 10.56575  -5.31604  -4.37900  1.000 31.03165 ? 2   THR A HG21 1 
ATOM   26  H HG22 . THR A 1 3  ? 9.18209   -6.07620  -4.39181  1.000 31.03165 ? 2   THR A HG22 1 
ATOM   27  H HG23 . THR A 1 3  ? 9.35234   -4.73295  -5.20371  1.000 31.03165 ? 2   THR A HG23 1 
ATOM   28  N N    . PHE A 1 4  ? 7.31230   -4.48345  -0.66798  1.000 18.58017 ? 3   PHE A N    1 
ATOM   29  C CA   . PHE A 1 4  ? 7.19896   -3.88312  0.65586   1.000 18.01953 ? 3   PHE A CA   1 
ATOM   30  C C    . PHE A 1 4  ? 8.28894   -2.84262  0.86823   1.000 19.52107 ? 3   PHE A C    1 
ATOM   31  O O    . PHE A 1 4  ? 8.03931   -1.77985  1.44780   1.000 19.19830 ? 3   PHE A O    1 
ATOM   32  C CB   . PHE A 1 4  ? 7.25628   -4.96259  1.73911   1.000 18.54924 ? 3   PHE A CB   1 
ATOM   33  C CG   . PHE A 1 4  ? 5.98053   -5.73247  1.89751   1.000 17.08621 ? 3   PHE A CG   1 
ATOM   34  C CD1  . PHE A 1 4  ? 4.81796   -5.09393  2.27569   1.000 17.47470 ? 3   PHE A CD1  1 
ATOM   35  C CD2  . PHE A 1 4  ? 5.93905   -7.09568  1.67204   1.000 19.32009 ? 3   PHE A CD2  1 
ATOM   36  C CE1  . PHE A 1 4  ? 3.64226   -5.79874  2.42142   1.000 18.76942 ? 3   PHE A CE1  1 
ATOM   37  C CE2  . PHE A 1 4  ? 4.76130   -7.80075  1.81841   1.000 21.36317 ? 3   PHE A CE2  1 
ATOM   38  C CZ   . PHE A 1 4  ? 3.61582   -7.15069  2.19303   1.000 19.94100 ? 3   PHE A CZ   1 
ATOM   39  H H    . PHE A 1 4  ? 7.39062   -5.33986  -0.67159  1.000 22.36549 ? 3   PHE A H    1 
ATOM   40  H HA   . PHE A 1 4  ? 6.33778   -3.44317  0.73142   1.000 21.69272 ? 3   PHE A HA   1 
ATOM   41  H HB2  . PHE A 1 4  ? 7.95636   -5.59446  1.51213   1.000 22.32837 ? 3   PHE A HB2  1 
ATOM   42  H HB3  . PHE A 1 4  ? 7.45378   -4.53996  2.58956   1.000 22.32837 ? 3   PHE A HB3  1 
ATOM   43  H HD1  . PHE A 1 4  ? 4.82736   -4.17758  2.43416   1.000 21.03893 ? 3   PHE A HD1  1 
ATOM   44  H HD2  . PHE A 1 4  ? 6.71393   -7.54319  1.41869   1.000 23.25340 ? 3   PHE A HD2  1 
ATOM   45  H HE1  . PHE A 1 4  ? 2.86477   -5.35611  2.67535   1.000 22.59258 ? 3   PHE A HE1  1 
ATOM   46  H HE2  . PHE A 1 4  ? 4.74583   -8.71747  1.66255   1.000 25.70509 ? 3   PHE A HE2  1 
ATOM   47  H HZ   . PHE A 1 4  ? 2.82193   -7.62481  2.29232   1.000 23.99849 ? 3   PHE A HZ   1 
ATOM   48  N N    . ALA A 1 5  ? 9.50528   -3.12188  0.38952   1.000 22.22797 ? 4   ALA A N    1 
ATOM   49  C CA   . ALA A 1 5  ? 10.58905  -2.15439  0.52322   1.000 24.49387 ? 4   ALA A CA   1 
ATOM   50  C C    . ALA A 1 5  ? 10.18344  -0.79354  -0.02822  1.000 24.12714 ? 4   ALA A C    1 
ATOM   51  O O    . ALA A 1 5  ? 10.46858  0.24468   0.57852   1.000 24.15672 ? 4   ALA A O    1 
ATOM   52  C CB   . ALA A 1 5  ? 11.84075  -2.66813  -0.19165  1.000 27.52251 ? 4   ALA A CB   1 
ATOM   53  H H    . ALA A 1 5  ? 9.72254   -3.85214  -0.00938  1.000 26.74285 ? 4   ALA A H    1 
ATOM   54  H HA   . ALA A 1 5  ? 10.80127  -2.04882  1.46382   1.000 29.46193 ? 4   ALA A HA   1 
ATOM   55  H HB1  . ALA A 1 5  ? 12.55461  -2.02041  -0.08319  1.000 33.09630 ? 4   ALA A HB1  1 
ATOM   56  H HB2  . ALA A 1 5  ? 12.10180  -3.51664  0.19923   1.000 33.09630 ? 4   ALA A HB2  1 
ATOM   57  H HB3  . ALA A 1 5  ? 11.64077  -2.78539  -1.13353  1.000 33.09630 ? 4   ALA A HB3  1 
ATOM   58  N N    . ASN A 1 6  ? 9.50735   -0.77498  -1.17513  1.000 22.32542 ? 5   ASN A N    1 
ATOM   59  C CA   . ASN A 1 6  ? 9.11896   0.50497   -1.75705  1.000 23.32329 ? 5   ASN A CA   1 
ATOM   60  C C    . ASN A 1 6  ? 7.97153   1.14535   -0.98787  1.000 20.62265 ? 5   ASN A C    1 
ATOM   61  O O    . ASN A 1 6  ? 7.90085   2.37688   -0.90101  1.000 21.82393 ? 5   ASN A O    1 
ATOM   62  C CB   . ASN A 1 6  ? 8.79796   0.32940   -3.23856  1.000 25.80113 ? 5   ASN A CB   1 
ATOM   63  C CG   . ASN A 1 6  ? 10.05109  0.25690   -4.09436  1.000 29.57136 ? 5   ASN A CG   1 
ATOM   64  O OD1  . ASN A 1 6  ? 11.02254  0.97625   -3.85193  1.000 32.56313 ? 5   ASN A OD1  1 
ATOM   65  N ND2  . ASN A 1 6  ? 10.04155  -0.62105  -5.09113  1.000 30.07848 ? 5   ASN A ND2  1 
ATOM   66  H H    . ASN A 1 6  ? 9.26829   -1.46906  -1.62313  1.000 26.85979 ? 5   ASN A H    1 
ATOM   67  H HA   . ASN A 1 6  ? 9.86423   1.12384   -1.70716  1.000 28.05723 ? 5   ASN A HA   1 
ATOM   68  H HB2  . ASN A 1 6  ? 8.30070   -0.49443  -3.36074  1.000 31.03064 ? 5   ASN A HB2  1 
ATOM   69  H HB3  . ASN A 1 6  ? 8.26898   1.08415   -3.54094  1.000 31.03064 ? 5   ASN A HB3  1 
ATOM   70  H HD21 . ASN A 1 6  ? 9.34850   -1.11239  -5.22476  1.000 36.16346 ? 5   ASN A HD21 1 
ATOM   71  H HD22 . ASN A 1 6  ? 10.72843  -0.69812  -5.60286  1.000 36.16346 ? 5   ASN A HD22 1 
ATOM   72  N N    . LEU A 1 7  ? 7.07295   0.34148   -0.41721  1.000 18.06379 ? 6   LEU A N    1 
ATOM   73  C CA   . LEU A 1 7  ? 6.07136   0.90004   0.48251   1.000 17.74704 ? 6   LEU A CA   1 
ATOM   74  C C    . LEU A 1 7  ? 6.73682   1.58055   1.67344   1.000 17.46090 ? 6   LEU A C    1 
ATOM   75  O O    . LEU A 1 7  ? 6.39477   2.71389   2.02682   1.000 18.18385 ? 6   LEU A O    1 
ATOM   76  C CB   . LEU A 1 7  ? 5.11700   -0.19427  0.96030   1.000 17.09142 ? 6   LEU A CB   1 
ATOM   77  C CG   . LEU A 1 7  ? 4.13696   0.22648   2.06263   1.000 15.20208 ? 6   LEU A CG   1 
ATOM   78  C CD1  . LEU A 1 7  ? 3.14893   1.26904   1.55048   1.000 16.12973 ? 6   LEU A CD1  1 
ATOM   79  C CD2  . LEU A 1 7  ? 3.41747   -0.98526  2.62571   1.000 15.78007 ? 6   LEU A CD2  1 
ATOM   80  H H    . LEU A 1 7  ? 7.02458   -0.50934  -0.53285  1.000 21.74583 ? 6   LEU A H    1 
ATOM   81  H HA   . LEU A 1 7  ? 5.55098   1.56006   -0.00170  1.000 21.36574 ? 6   LEU A HA   1 
ATOM   82  H HB2  . LEU A 1 7  ? 4.59050   -0.49244  0.20215   1.000 20.57898 ? 6   LEU A HB2  1 
ATOM   83  H HB3  . LEU A 1 7  ? 5.64547   -0.93003  1.30713   1.000 20.57898 ? 6   LEU A HB3  1 
ATOM   84  H HG   . LEU A 1 7  ? 4.63603   0.63690   2.78607   1.000 18.31178 ? 6   LEU A HG   1 
ATOM   85  H HD11 . LEU A 1 7  ? 2.37929   1.29138   2.14043   1.000 19.42496 ? 6   LEU A HD11 1 
ATOM   86  H HD12 . LEU A 1 7  ? 3.58264   2.13662   1.53956   1.000 19.42496 ? 6   LEU A HD12 1 
ATOM   87  H HD13 . LEU A 1 7  ? 2.87104   1.02684   0.65325   1.000 19.42496 ? 6   LEU A HD13 1 
ATOM   88  H HD21 . LEU A 1 7  ? 2.72415   -0.68614  3.23460   1.000 19.00537 ? 6   LEU A HD21 1 
ATOM   89  H HD22 . LEU A 1 7  ? 3.02239   -1.48583  1.89479   1.000 19.00537 ? 6   LEU A HD22 1 
ATOM   90  H HD23 . LEU A 1 7  ? 4.05670   -1.54026  3.09926   1.000 19.00537 ? 6   LEU A HD23 1 
ATOM   91  N N    . TRP A 1 8  ? 7.69562   0.89845   2.31382   1.000 17.76578 ? 7   TRP A N    1 
ATOM   92  C CA   . TRP A 1 8  ? 8.34324   1.48323   3.48466   1.000 19.45124 ? 7   TRP A CA   1 
ATOM   93  C C    . TRP A 1 8  ? 9.07921   2.76372   3.10694   1.000 21.04220 ? 7   TRP A C    1 
ATOM   94  O O    . TRP A 1 8  ? 9.04555   3.75351   3.84775   1.000 22.62733 ? 7   TRP A O    1 
ATOM   95  C CB   . TRP A 1 8  ? 9.30848   0.49091   4.14524   1.000 19.97035 ? 7   TRP A CB   1 
ATOM   96  C CG   . TRP A 1 8  ? 8.72652   -0.85770  4.44679   1.000 19.18760 ? 7   TRP A CG   1 
ATOM   97  C CD1  . TRP A 1 8  ? 9.33795   -2.05904  4.26451   1.000 19.97536 ? 7   TRP A CD1  1 
ATOM   98  C CD2  . TRP A 1 8  ? 7.43352   -1.14721  4.99724   1.000 17.44829 ? 7   TRP A CD2  1 
ATOM   99  N NE1  . TRP A 1 8  ? 8.51047   -3.07801  4.64819   1.000 20.70790 ? 7   TRP A NE1  1 
ATOM   100 C CE2  . TRP A 1 8  ? 7.33232   -2.54693  5.09848   1.000 18.62262 ? 7   TRP A CE2  1 
ATOM   101 C CE3  . TRP A 1 8  ? 6.35202   -0.36369  5.40459   1.000 16.13415 ? 7   TRP A CE3  1 
ATOM   102 C CZ2  . TRP A 1 8  ? 6.19839   -3.17856  5.58850   1.000 18.33799 ? 7   TRP A CZ2  1 
ATOM   103 C CZ3  . TRP A 1 8  ? 5.22442   -0.99593  5.89084   1.000 18.19035 ? 7   TRP A CZ3  1 
ATOM   104 C CH2  . TRP A 1 8  ? 5.15621   -2.38912  5.97560   1.000 17.64067 ? 7   TRP A CH2  1 
ATOM   105 H H    . TRP A 1 8  ? 7.97926   0.11693   2.09388   1.000 21.38822 ? 7   TRP A H    1 
ATOM   106 H HA   . TRP A 1 8  ? 7.65710   1.69104   4.13807   1.000 23.41078 ? 7   TRP A HA   1 
ATOM   107 H HB2  . TRP A 1 8  ? 10.06300  0.35513   3.55096   1.000 24.03371 ? 7   TRP A HB2  1 
ATOM   108 H HB3  . TRP A 1 8  ? 9.61159   0.87054   4.98484   1.000 24.03371 ? 7   TRP A HB3  1 
ATOM   109 H HD1  . TRP A 1 8  ? 10.19712  -2.17154  3.92677   1.000 24.03971 ? 7   TRP A HD1  1 
ATOM   110 H HE1  . TRP A 1 8  ? 8.69968   -3.91617  4.61233   1.000 24.91876 ? 7   TRP A HE1  1 
ATOM   111 H HE3  . TRP A 1 8  ? 6.39008   0.56391   5.34970   1.000 19.43026 ? 7   TRP A HE3  1 
ATOM   112 H HZ2  . TRP A 1 8  ? 6.15093   -4.10527  5.65061   1.000 22.07487 ? 7   TRP A HZ2  1 
ATOM   113 H HZ3  . TRP A 1 8  ? 4.49768   -0.48542  6.16673   1.000 21.89770 ? 7   TRP A HZ3  1 
ATOM   114 H HH2  . TRP A 1 8  ? 4.38223   -2.78699  6.30354   1.000 21.23809 ? 7   TRP A HH2  1 
ATOM   115 N N    . ARG A 1 9  ? 9.74180   2.76332   1.94733   1.000 22.72811 ? 8   ARG A N    1 
ATOM   116 C CA   . ARG A 1 9  ? 10.42916  3.96085   1.48144   1.000 25.36471 ? 8   ARG A CA   1 
ATOM   117 C C    . ARG A 1 9  ? 9.46359   5.13282   1.37954   1.000 24.18984 ? 8   ARG A C    1 
ATOM   118 O O    . ARG A 1 9  ? 9.75135   6.23272   1.85843   1.000 26.25532 ? 8   ARG A O    1 
ATOM   119 C CB   . ARG A 1 9  ? 11.07246  3.68488   0.12181   1.000 28.51998 ? 8   ARG A CB   1 
ATOM   120 C CG   . ARG A 1 9  ? 12.54335  3.30825   0.18237   1.000 35.43029 ? 8   ARG A CG   1 
ATOM   121 C CD   . ARG A 1 9  ? 12.90251  2.28291   -0.89279  1.000 38.46053 ? 8   ARG A CD   1 
ATOM   122 N NE   . ARG A 1 9  ? 14.23641  1.72261   -0.70213  1.000 44.87006 ? 8   ARG A NE   1 
ATOM   123 C CZ   . ARG A 1 9  ? 14.72357  0.69149   -1.38086  1.000 46.46939 ? 8   ARG A CZ   1 
ATOM   124 N NH1  . ARG A 1 9  ? 14.01243  0.08033   -2.31599  1.000 43.78686 ? 8   ARG A NH1  1 
ATOM   125 N NH2  . ARG A 1 9  ? 15.95414  0.26194   -1.11444  1.000 48.89792 ? 8   ARG A NH2  1 
ATOM   126 H H    . ARG A 1 9  ? 9.80620   2.08781   1.41900   1.000 27.34302 ? 8   ARG A H    1 
ATOM   127 H HA   . ARG A 1 9  ? 11.12764  4.19351   2.11303   1.000 30.50694 ? 8   ARG A HA   1 
ATOM   128 H HB2  . ARG A 1 9  ? 10.59957  2.95035   -0.29979  1.000 34.29326 ? 8   ARG A HB2  1 
ATOM   129 H HB3  . ARG A 1 9  ? 10.99734  4.48399   -0.42287  1.000 34.29326 ? 8   ARG A HB3  1 
ATOM   130 H HG2  . ARG A 1 9  ? 13.08427  4.10088   0.04085   1.000 42.58564 ? 8   ARG A HG2  1 
ATOM   131 H HG3  . ARG A 1 9  ? 12.74094  2.92234   1.05009   1.000 42.58564 ? 8   ARG A HG3  1 
ATOM   132 H HD2  . ARG A 1 9  ? 12.26261  1.55449   -0.86367  1.000 46.22192 ? 8   ARG A HD2  1 
ATOM   133 H HD3  . ARG A 1 9  ? 12.87729  2.71209   -1.76230  1.000 46.22192 ? 8   ARG A HD3  1 
ATOM   134 H HE   . ARG A 1 9  ? 14.74193  2.08584   -0.10874  1.000 53.91336 ? 8   ARG A HE   1 
ATOM   135 H HH11 . ARG A 1 9  ? 13.21570  0.34993   -2.49524  1.000 52.61351 ? 8   ARG A HH11 1 
ATOM   136 H HH12 . ARG A 1 9  ? 14.34735  -0.58616  -2.74403  1.000 52.61351 ? 8   ARG A HH12 1 
ATOM   137 H HH21 . ARG A 1 9  ? 16.42385  0.65162   -0.50854  1.000 58.74679 ? 8   ARG A HH21 1 
ATOM   138 H HH22 . ARG A 1 9  ? 16.27994  -0.40543  -1.54812  1.000 58.74679 ? 8   ARG A HH22 1 
ATOM   139 N N    . LEU A 1 10 ? 8.29647   4.90849   0.76627   1.000 24.08215 ? 9   LEU A N    1 
ATOM   140 C CA   . LEU A 1 10 ? 7.33071   5.98996   0.59193   1.000 23.64584 ? 9   LEU A CA   1 
ATOM   141 C C    . LEU A 1 10 ? 6.74322   6.43482   1.92466   1.000 23.14363 ? 9   LEU A C    1 
ATOM   142 O O    . LEU A 1 10 ? 6.53452   7.63303   2.14506   1.000 24.10037 ? 9   LEU A O    1 
ATOM   143 C CB   . LEU A 1 10 ? 6.21317   5.55234   -0.35006  1.000 22.48636 ? 9   LEU A CB   1 
ATOM   144 C CG   . LEU A 1 10 ? 6.57380   5.52684   -1.83233  1.000 24.22970 ? 9   LEU A CG   1 
ATOM   145 C CD1  . LEU A 1 10 ? 5.47649   4.84500   -2.62463  1.000 24.70661 ? 9   LEU A CD1  1 
ATOM   146 C CD2  . LEU A 1 10 ? 6.81645   6.93785   -2.35202  1.000 27.69198 ? 9   LEU A CD2  1 
ATOM   147 H H    . LEU A 1 10 ? 8.04553   4.15011   0.44771   1.000 28.96786 ? 9   LEU A H    1 
ATOM   148 H HA   . LEU A 1 10 ? 7.78953   6.74598   0.19339   1.000 28.44430 ? 9   LEU A HA   1 
ATOM   149 H HB2  . LEU A 1 10 ? 5.94146   4.65450   -0.10318  1.000 27.05292 ? 9   LEU A HB2  1 
ATOM   150 H HB3  . LEU A 1 10 ? 5.46876   6.16516   -0.24418  1.000 27.05292 ? 9   LEU A HB3  1 
ATOM   151 H HG   . LEU A 1 10 ? 7.39408   5.02318   -1.95219  1.000 29.14493 ? 9   LEU A HG   1 
ATOM   152 H HD11 . LEU A 1 10 ? 5.80476   4.65123   -3.51659  1.000 29.71722 ? 9   LEU A HD11 1 
ATOM   153 H HD12 . LEU A 1 10 ? 5.22916   4.02083   -2.17689  1.000 29.71722 ? 9   LEU A HD12 1 
ATOM   154 H HD13 . LEU A 1 10 ? 4.70956   5.43670   -2.67573  1.000 29.71722 ? 9   LEU A HD13 1 
ATOM   155 H HD21 . LEU A 1 10 ? 6.78147   6.92775   -3.32135  1.000 33.29966 ? 9   LEU A HD21 1 
ATOM   156 H HD22 . LEU A 1 10 ? 6.12874   7.52580   -2.00234  1.000 33.29966 ? 9   LEU A HD22 1 
ATOM   157 H HD23 . LEU A 1 10 ? 7.69004   7.23768   -2.05565  1.000 33.29966 ? 9   LEU A HD23 1 
ATOM   158 N N    . LEU A 1 11 ? 6.44180   5.48751   2.81302   1.000 20.62953 ? 10  LEU A N    1 
ATOM   159 C CA   . LEU A 1 11 ? 5.98197   5.86123   4.14408   1.000 21.09783 ? 10  LEU A CA   1 
ATOM   160 C C    . LEU A 1 11 ? 7.02833   6.70870   4.84906   1.000 22.87381 ? 10  LEU A C    1 
ATOM   161 O O    . LEU A 1 11 ? 6.70320   7.72368   5.47507   1.000 24.72004 ? 10  LEU A O    1 
ATOM   162 C CB   . LEU A 1 11 ? 5.66872   4.60536   4.95459   1.000 19.91944 ? 10  LEU A CB   1 
ATOM   163 C CG   . LEU A 1 11 ? 4.26576   4.04090   4.72931   1.000 17.05210 ? 10  LEU A CG   1 
ATOM   164 C CD1  . LEU A 1 11 ? 4.19327   2.61789   5.23861   1.000 16.41851 ? 10  LEU A CD1  1 
ATOM   165 C CD2  . LEU A 1 11 ? 3.21394   4.91135   5.39729   1.000 19.45337 ? 10  LEU A CD2  1 
ATOM   166 H H    . LEU A 1 11 ? 6.49434   4.64084   2.67157   1.000 24.82471 ? 10  LEU A H    1 
ATOM   167 H HA   . LEU A 1 11 ? 5.16575   6.38031   4.07177   1.000 25.38668 ? 10  LEU A HA   1 
ATOM   168 H HB2  . LEU A 1 11 ? 6.30566   3.91503   4.71243   1.000 23.97262 ? 10  LEU A HB2  1 
ATOM   169 H HB3  . LEU A 1 11 ? 5.75218   4.81781   5.89735   1.000 23.97262 ? 10  LEU A HB3  1 
ATOM   170 H HG   . LEU A 1 11 ? 4.07352   4.03556   3.77857   1.000 20.53181 ? 10  LEU A HG   1 
ATOM   171 H HD11 . LEU A 1 11 ? 3.26763   2.32795   5.23498   1.000 19.77149 ? 10  LEU A HD11 1 
ATOM   172 H HD12 . LEU A 1 11 ? 4.72088   2.04741   4.65801   1.000 19.77149 ? 10  LEU A HD12 1 
ATOM   173 H HD13 . LEU A 1 11 ? 4.54593   2.58735   6.14172   1.000 19.77149 ? 10  LEU A HD13 1 
ATOM   174 H HD21 . LEU A 1 11 ? 2.41703   4.38059   5.55264   1.000 23.41333 ? 10  LEU A HD21 1 
ATOM   175 H HD22 . LEU A 1 11 ? 3.56363   5.23780   6.24112   1.000 23.41333 ? 10  LEU A HD22 1 
ATOM   176 H HD23 . LEU A 1 11 ? 3.00553   5.65820   4.81448   1.000 23.41333 ? 10  LEU A HD23 1 
ATOM   177 N N    . ALA A 1 12 ? 8.29596   6.31101   4.74775   1.000 22.85301 ? 11  ALA A N    1 
ATOM   178 C CA   . ALA A 1 12 ? 9.35868   7.07173   5.39008   1.000 25.16074 ? 11  ALA A CA   1 
ATOM   179 C C    . ALA A 1 12 ? 9.46899   8.47042   4.79485   1.000 28.30172 ? 11  ALA A C    1 
ATOM   180 O O    . ALA A 1 12 ? 9.69405   9.44610   5.52020   1.000 30.84149 ? 11  ALA A O    1 
ATOM   181 C CB   . ALA A 1 12 ? 10.68402  6.32131   5.25686   1.000 26.16717 ? 11  ALA A CB   1 
ATOM   182 H H    . ALA A 1 12 ? 8.56158   5.61448   4.31892   1.000 27.49290 ? 11  ALA A H    1 
ATOM   183 H HA   . ALA A 1 12 ? 9.15783   7.16427   6.33453   1.000 30.26217 ? 11  ALA A HA   1 
ATOM   184 H HB1  . ALA A 1 12 ? 11.37392  6.81238   5.72993   1.000 31.46988 ? 11  ALA A HB1  1 
ATOM   185 H HB2  . ALA A 1 12 ? 10.58568  5.43605   5.64098   1.000 31.46988 ? 11  ALA A HB2  1 
ATOM   186 H HB3  . ALA A 1 12 ? 10.91375  6.25047   4.31713   1.000 31.46988 ? 11  ALA A HB3  1 
ATOM   187 N N    . GLN A 1 13 ? 9.30127   8.59006   3.47385   1.000 27.00427 ? 12  GLN A N    1 
ATOM   188 C CA   . GLN A 1 13 ? 9.47771   9.88359   2.82187   1.000 28.40087 ? 12  GLN A CA   1 
ATOM   189 C C    . GLN A 1 13 ? 8.30882   10.82169  3.08527   1.000 28.45350 ? 12  GLN A C    1 
ATOM   190 O O    . GLN A 1 13 ? 8.50324   12.03698  3.18385   1.000 32.06393 ? 12  GLN A O    1 
ATOM   191 C CB   . GLN A 1 13 ? 9.62325   9.70077   1.31200   1.000 31.09029 ? 12  GLN A CB   1 
ATOM   192 C CG   . GLN A 1 13 ? 10.77602  8.81465   0.88947   1.000 33.30926 ? 12  GLN A CG   1 
ATOM   193 C CD   . GLN A 1 13 ? 10.70633  8.43964   -0.57996  1.000 36.93455 ? 12  GLN A CD   1 
ATOM   194 O OE1  . GLN A 1 13 ? 9.77264   8.82312   -1.28981  1.000 36.61023 ? 12  GLN A OE1  1 
ATOM   195 N NE2  . GLN A 1 13 ? 11.67710  7.65526   -1.03525  1.000 40.85820 ? 12  GLN A NE2  1 
ATOM   196 H H    . GLN A 1 13 ? 9.08886   7.94708   2.94371   1.000 32.47441 ? 12  GLN A H    1 
ATOM   197 H HA   . GLN A 1 13 ? 10.28795  10.28296  3.17533   1.000 34.15033 ? 12  GLN A HA   1 
ATOM   198 H HB2  . GLN A 1 13 ? 8.80785   9.30199   0.97000   1.000 37.37763 ? 12  GLN A HB2  1 
ATOM   199 H HB3  . GLN A 1 13 ? 9.76128   10.57184  0.90815   1.000 37.37763 ? 12  GLN A HB3  1 
ATOM   200 H HG2  . GLN A 1 13 ? 11.61067  9.28485   1.04170   1.000 40.04039 ? 12  GLN A HG2  1 
ATOM   201 H HG3  . GLN A 1 13 ? 10.75602  7.99697   1.41091   1.000 40.04039 ? 12  GLN A HG3  1 
ATOM   202 H HE21 . GLN A 1 13 ? 12.29915  7.38880   -0.50455  1.000 49.09912 ? 12  GLN A HE21 1 
ATOM   203 H HE22 . GLN A 1 13 ? 11.68347  7.41396   -1.86067  1.000 49.09912 ? 12  GLN A HE22 1 
ATOM   204 N N    . ASN A 1 14 ? 7.09283   10.28514  3.19480   1.000 27.86985 ? 13  ASN A N    1 
ATOM   205 C CA   . ASN A 1 14 ? 5.89076   11.09913  3.25442   1.000 28.21662 ? 13  ASN A CA   1 
ATOM   206 C C    . ASN A 1 14 ? 5.27129   11.18694  4.63960   1.000 28.83584 ? 13  ASN A C    1 
ATOM   207 O O    . ASN A 1 14 ? 4.55711   12.15687  4.91610   1.000 30.34132 ? 13  ASN A O    1 
ATOM   208 C CB   . ASN A 1 14 ? 4.84924   10.55477  2.26180   1.000 27.09017 ? 13  ASN A CB   1 
ATOM   209 C CG   . ASN A 1 14 ? 5.29297   10.71154  0.81544   1.000 27.74513 ? 13  ASN A CG   1 
ATOM   210 O OD1  . ASN A 1 14 ? 5.17487   11.79018  0.23736   1.000 30.68811 ? 13  ASN A OD1  1 
ATOM   211 N ND2  . ASN A 1 14 ? 5.82829   9.64192   0.23412   1.000 27.61466 ? 13  ASN A ND2  1 
ATOM   212 H H    . ASN A 1 14 ? 6.94123   9.43964   3.23663   1.000 33.51310 ? 13  ASN A H    1 
ATOM   213 H HA   . ASN A 1 14 ? 6.10936   12.00622  2.98929   1.000 33.92923 ? 13  ASN A HA   1 
ATOM   214 H HB2  . ASN A 1 14 ? 4.70933   9.61047   2.43393   1.000 32.57749 ? 13  ASN A HB2  1 
ATOM   215 H HB3  . ASN A 1 14 ? 4.01706   11.03976  2.37648   1.000 32.57749 ? 13  ASN A HB3  1 
ATOM   216 H HD21 . ASN A 1 14 ? 6.09355   9.68406   -0.58286  1.000 33.20688 ? 13  ASN A HD21 1 
ATOM   217 H HD22 . ASN A 1 14 ? 5.90921   8.90807   0.67519   1.000 33.20688 ? 13  ASN A HD22 1 
ATOM   218 N N    . CYS A 1 15 ? 5.54534   10.22702  5.51680   1.000 28.63412 ? 14  CYS A N    1 
ATOM   219 C CA   . CYS A 1 15 ? 4.90128   10.17088  6.82208   1.000 27.65102 ? 14  CYS A CA   1 
ATOM   220 C C    . CYS A 1 15 ? 5.94195   10.23902  7.93787   1.000 30.38769 ? 14  CYS A C    1 
ATOM   221 O O    . CYS A 1 15 ? 5.74971   9.67084   9.01381   1.000 32.28320 ? 14  CYS A O    1 
ATOM   222 C CB   . CYS A 1 15 ? 4.08307   8.88324   6.94783   1.000 27.18670 ? 14  CYS A CB   1 
ATOM   223 S SG   . CYS A 1 15 ? 2.70966   8.73809   5.77307   1.000 22.41425 ? 14  CYS A SG   1 
ATOM   224 H H    . CYS A 1 15 ? 6.10656   9.59040   5.37768   1.000 34.43022 ? 14  CYS A H    1 
ATOM   225 H HA   . CYS A 1 15 ? 4.29996   10.92563  6.92044   1.000 33.25051 ? 14  CYS A HA   1 
ATOM   226 H HB2  . CYS A 1 15 ? 4.67361   8.12780   6.80127   1.000 32.69332 ? 14  CYS A HB2  1 
ATOM   227 H HB3  . CYS A 1 15 ? 3.70823   8.84281   7.84156   1.000 32.69332 ? 14  CYS A HB3  1 
HETATM 228 N N    . NH2 A 1 16 ? 7.04447   10.93179  7.67484   1.000 33.51144 ? 15  NH2 A N    1 
HETATM 229 C C    . ACE B 1 1  ? 1.26825   12.21455  1.89878   1.000 25.89716 ? 0   ACE B C    1 
HETATM 230 O O    . ACE B 1 1  ? 1.30857   11.11206  1.34825   1.000 24.50882 ? 0   ACE B O    1 
HETATM 231 C CH3  . ACE B 1 1  ? 1.48647   13.49132  1.13996   1.000 29.08795 ? 0   ACE B CH3  1 
ATOM   232 N N    . CYS B 1 2  ? 1.03582   12.35593  3.20350   1.000 26.32328 ? 1   CYS B N    1 
ATOM   233 C CA   . CYS B 1 2  ? 0.81039   11.19206  4.05017   1.000 24.21881 ? 1   CYS B CA   1 
ATOM   234 C C    . CYS B 1 2  ? -0.66818  10.81959  4.06476   1.000 23.23683 ? 1   CYS B C    1 
ATOM   235 O O    . CYS B 1 2  ? -1.36734  11.02529  5.05757   1.000 25.23871 ? 1   CYS B O    1 
ATOM   236 C CB   . CYS B 1 2  ? 1.31641   11.43572  5.47129   1.000 25.24576 ? 1   CYS B CB   1 
ATOM   237 S SG   . CYS B 1 2  ? 1.27038   9.96011   6.51995   1.000 24.54144 ? 1   CYS B SG   1 
ATOM   238 H H    . CYS B 1 2  ? 1.00445   13.10985  3.61606   1.000 31.65722 ? 1   CYS B H    1 
ATOM   239 H HA   . CYS B 1 2  ? 1.31070   10.44093  3.69463   1.000 29.13185 ? 1   CYS B HA   1 
ATOM   240 H HB2  . CYS B 1 2  ? 2.23633   11.74022  5.42738   1.000 30.36419 ? 1   CYS B HB2  1 
ATOM   241 H HB3  . CYS B 1 2  ? 0.76207   12.11375  5.88828   1.000 30.36419 ? 1   CYS B HB3  1 
ATOM   242 N N    . THR B 1 3  ? -1.13985  10.30870  2.93187   1.000 22.89845 ? 2   THR B N    1 
ATOM   243 C CA   . THR B 1 3  ? -2.43057  9.65082   2.82786   1.000 22.84722 ? 2   THR B CA   1 
ATOM   244 C C    . THR B 1 3  ? -2.20713  8.35993   2.06032   1.000 20.03731 ? 2   THR B C    1 
ATOM   245 O O    . THR B 1 3  ? -1.32244  8.28419   1.19990   1.000 20.10655 ? 2   THR B O    1 
ATOM   246 C CB   . THR B 1 3  ? -3.44913  10.49436  2.06006   1.000 23.97012 ? 2   THR B CB   1 
ATOM   247 O OG1  . THR B 1 3  ? -3.05403  10.58848  0.68547   1.000 24.98529 ? 2   THR B OG1  1 
ATOM   248 C CG2  . THR B 1 3  ? -3.55273  11.88949  2.65401   1.000 27.45495 ? 2   THR B CG2  1 
ATOM   249 H H    . THR B 1 3  ? -0.71311  10.33338  2.18561   1.000 27.54742 ? 2   THR B H    1 
ATOM   250 H HA   . THR B 1 3  ? -2.79198  9.47863   3.71139   1.000 27.48595 ? 2   THR B HA   1 
ATOM   251 H HB   . THR B 1 3  ? -4.32255  10.07650  2.11867   1.000 28.83343 ? 2   THR B HB   1 
ATOM   252 H HG1  . THR B 1 3  ? -3.59696  11.07036  0.26284   1.000 30.05164 ? 2   THR B HG1  1 
ATOM   253 H HG21 . THR B 1 3  ? -4.19767  12.41525  2.15547   1.000 33.01523 ? 2   THR B HG21 1 
ATOM   254 H HG22 . THR B 1 3  ? -3.83844  11.83572  3.57941   1.000 33.01523 ? 2   THR B HG22 1 
ATOM   255 H HG23 . THR B 1 3  ? -2.68993  12.33112  2.61608   1.000 33.01523 ? 2   THR B HG23 1 
ATOM   256 N N    . PHE B 1 4  ? -2.99306  7.33338   2.37342   1.000 17.77070 ? 3   PHE B N    1 
ATOM   257 C CA   . PHE B 1 4  ? -2.75926  6.09151   1.65974   1.000 15.98070 ? 3   PHE B CA   1 
ATOM   258 C C    . PHE B 1 4  ? -3.07587  6.23722   0.17223   1.000 15.36164 ? 3   PHE B C    1 
ATOM   259 O O    . PHE B 1 4  ? -2.39543  5.63864   -0.66560  1.000 15.48406 ? 3   PHE B O    1 
ATOM   260 C CB   . PHE B 1 4  ? -3.49477  4.89064   2.24056   1.000 15.79422 ? 3   PHE B CB   1 
ATOM   261 C CG   . PHE B 1 4  ? -3.11438  3.63297   1.53763   1.000 14.35241 ? 3   PHE B CG   1 
ATOM   262 C CD1  . PHE B 1 4  ? -1.82538  3.15227   1.64677   1.000 14.40528 ? 3   PHE B CD1  1 
ATOM   263 C CD2  . PHE B 1 4  ? -3.97753  3.00891   0.66145   1.000 13.81003 ? 3   PHE B CD2  1 
ATOM   264 C CE1  . PHE B 1 4  ? -1.42154  2.03801   0.94191   1.000 14.20207 ? 3   PHE B CE1  1 
ATOM   265 C CE2  . PHE B 1 4  ? -3.56797  1.89006   -0.04777  1.000 13.87993 ? 3   PHE B CE2  1 
ATOM   266 C CZ   . PHE B 1 4  ? -2.29445  1.41241   0.09798   1.000 13.77499 ? 3   PHE B CZ   1 
ATOM   267 H H    . PHE B 1 4  ? -3.62528  7.33325   2.95644   1.000 21.39413 ? 3   PHE B H    1 
ATOM   268 H HA   . PHE B 1 4  ? -1.81811  5.88794   1.77679   1.000 19.24612 ? 3   PHE B HA   1 
ATOM   269 H HB2  . PHE B 1 4  ? -3.26823  4.79795   3.17918   1.000 19.02235 ? 3   PHE B HB2  1 
ATOM   270 H HB3  . PHE B 1 4  ? -4.45092  5.02033   2.14129   1.000 19.02235 ? 3   PHE B HB3  1 
ATOM   271 H HD1  . PHE B 1 4  ? -1.22020  3.58618   2.20388   1.000 17.35562 ? 3   PHE B HD1  1 
ATOM   272 H HD2  . PHE B 1 4  ? -4.83875  3.34027   0.54573   1.000 16.64132 ? 3   PHE B HD2  1 
ATOM   273 H HE1  . PHE B 1 4  ? -0.55588  1.71288   1.04103   1.000 17.11177 ? 3   PHE B HE1  1 
ATOM   274 H HE2  . PHE B 1 4  ? -4.16041  1.46340   -0.62385  1.000 16.72520 ? 3   PHE B HE2  1 
ATOM   275 H HZ   . PHE B 1 4  ? -2.02275  0.66105   -0.37798  1.000 16.59927 ? 3   PHE B HZ   1 
ATOM   276 N N    . ALA B 1 5  ? -4.08892  7.03174   -0.17585  1.000 16.43227 ? 4   ALA B N    1 
ATOM   277 C CA   . ALA B 1 5  ? -4.42377  7.19596   -1.58619  1.000 18.00144 ? 4   ALA B CA   1 
ATOM   278 C C    . ALA B 1 5  ? -3.22599  7.70645   -2.37329  1.000 17.31797 ? 4   ALA B C    1 
ATOM   279 O O    . ALA B 1 5  ? -2.95974  7.24098   -3.48648  1.000 16.96833 ? 4   ALA B O    1 
ATOM   280 C CB   . ALA B 1 5  ? -5.60667  8.14620   -1.73859  1.000 20.27178 ? 4   ALA B CB   1 
ATOM   281 H H    . ALA B 1 5  ? -4.58375  7.47425   0.37090   1.000 19.78801 ? 4   ALA B H    1 
ATOM   282 H HA   . ALA B 1 5  ? -4.68356  6.33502   -1.94977  1.000 21.67101 ? 4   ALA B HA   1 
ATOM   283 H HB1  . ALA B 1 5  ? -5.82732  8.22740   -2.67967  1.000 24.39542 ? 4   ALA B HB1  1 
ATOM   284 H HB2  . ALA B 1 5  ? -6.36463  7.78769   -1.25086  1.000 24.39542 ? 4   ALA B HB2  1 
ATOM   285 H HB3  . ALA B 1 5  ? -5.36296  9.01388   -1.37992  1.000 24.39542 ? 4   ALA B HB3  1 
ATOM   286 N N    . ASN B 1 6  ? -2.48718  8.66142   -1.80745  1.000 19.56106 ? 5   ASN B N    1 
ATOM   287 C CA   . ASN B 1 6  ? -1.29247  9.16847   -2.47236  1.000 19.79086 ? 5   ASN B CA   1 
ATOM   288 C C    . ASN B 1 6  ? -0.24983  8.06983   -2.64583  1.000 18.37260 ? 5   ASN B C    1 
ATOM   289 O O    . ASN B 1 6  ? 0.29877   7.88862   -3.73787  1.000 19.48130 ? 5   ASN B O    1 
ATOM   290 C CB   . ASN B 1 6  ? -0.71942  10.34828  -1.68242  1.000 23.84267 ? 5   ASN B CB   1 
ATOM   291 C CG   . ASN B 1 6  ? 0.51847   10.94390  -2.33178  1.000 24.64202 ? 5   ASN B CG   1 
ATOM   292 O OD1  . ASN B 1 6  ? 0.54350   11.20640  -3.53634  1.000 24.51080 ? 5   ASN B OD1  1 
ATOM   293 N ND2  . ASN B 1 6  ? 1.55466   11.16454  -1.53015  1.000 25.91418 ? 5   ASN B ND2  1 
ATOM   294 H H    . ASN B 1 6  ? -2.65524  9.02749   -1.04763  1.000 23.54255 ? 5   ASN B H    1 
ATOM   295 H HA   . ASN B 1 6  ? -1.53495  9.48767   -3.35565  1.000 23.81831 ? 5   ASN B HA   1 
ATOM   296 H HB2  . ASN B 1 6  ? -1.39159  11.04507  -1.62262  1.000 28.68049 ? 5   ASN B HB2  1 
ATOM   297 H HB3  . ASN B 1 6  ? -0.47573  10.04527  -0.79376  1.000 28.68049 ? 5   ASN B HB3  1 
ATOM   298 H HD21 . ASN B 1 6  ? 2.27995   11.50047  -1.84749  1.000 31.16630 ? 5   ASN B HD21 1 
ATOM   299 H HD22 . ASN B 1 6  ? 1.50013   10.97142  -0.69388  1.000 31.16630 ? 5   ASN B HD22 1 
ATOM   300 N N    . LEU B 1 7  ? 0.04051   7.32429   -1.57900  1.000 17.46591 ? 6   LEU B N    1 
ATOM   301 C CA   . LEU B 1 7  ? 1.04653   6.27281   -1.68051  1.000 16.87406 ? 6   LEU B CA   1 
ATOM   302 C C    . LEU B 1 7  ? 0.62348   5.19498   -2.67445  1.000 14.54359 ? 6   LEU B C    1 
ATOM   303 O O    . LEU B 1 7  ? 1.44283   4.71908   -3.46968  1.000 15.55755 ? 6   LEU B O    1 
ATOM   304 C CB   . LEU B 1 7  ? 1.30141   5.65541   -0.30737  1.000 16.28189 ? 6   LEU B CB   1 
ATOM   305 C CG   . LEU B 1 7  ? 1.74982   6.61494   0.79549   1.000 18.82446 ? 6   LEU B CG   1 
ATOM   306 C CD1  . LEU B 1 7  ? 2.49178   5.84897   1.88942   1.000 19.89442 ? 6   LEU B CD1  1 
ATOM   307 C CD2  . LEU B 1 7  ? 2.61393   7.75406   0.26444   1.000 23.15108 ? 6   LEU B CD2  1 
ATOM   308 H H    . LEU B 1 7  ? -0.32258  7.40588   -0.80369  1.000 21.02838 ? 6   LEU B H    1 
ATOM   309 H HA   . LEU B 1 7  ? 1.87529   6.66675   -1.99495  1.000 20.31816 ? 6   LEU B HA   1 
ATOM   310 H HB2  . LEU B 1 7  ? 0.47828   5.23943   -0.00687  1.000 19.60756 ? 6   LEU B HB2  1 
ATOM   311 H HB3  . LEU B 1 7  ? 1.99616   4.98526   -0.40289  1.000 19.60756 ? 6   LEU B HB3  1 
ATOM   312 H HG   . LEU B 1 7  ? 0.95563   7.02304   1.17446   1.000 22.65864 ? 6   LEU B HG   1 
ATOM   313 H HD11 . LEU B 1 7  ? 2.74056   6.46699   2.59446   1.000 23.94258 ? 6   LEU B HD11 1 
ATOM   314 H HD12 . LEU B 1 7  ? 1.90808   5.16019   2.24406   1.000 23.94258 ? 6   LEU B HD12 1 
ATOM   315 H HD13 . LEU B 1 7  ? 3.28684   5.44472   1.50815   1.000 23.94258 ? 6   LEU B HD13 1 
ATOM   316 H HD21 . LEU B 1 7  ? 3.01159   8.22455   1.01371   1.000 27.85058 ? 6   LEU B HD21 1 
ATOM   317 H HD22 . LEU B 1 7  ? 3.30997   7.38506   -0.30149  1.000 27.85058 ? 6   LEU B HD22 1 
ATOM   318 H HD23 . LEU B 1 7  ? 2.05698   8.36013   -0.24876  1.000 27.85058 ? 6   LEU B HD23 1 
ATOM   319 N N    . TRP B 1 8  ? -0.64992  4.78912   -2.63359  1.000 13.81195 ? 7   TRP B N    1 
ATOM   320 C CA   . TRP B 1 8  ? -1.14415  3.79340   -3.58208  1.000 13.70179 ? 7   TRP B CA   1 
ATOM   321 C C    . TRP B 1 8  ? -0.96007  4.27364   -5.01922  1.000 13.79255 ? 7   TRP B C    1 
ATOM   322 O O    . TRP B 1 8  ? -0.54468  3.50615   -5.89915  1.000 14.01713 ? 7   TRP B O    1 
ATOM   323 C CB   . TRP B 1 8  ? -2.61944  3.48886   -3.27406  1.000 12.99925 ? 7   TRP B CB   1 
ATOM   324 C CG   . TRP B 1 8  ? -3.20593  2.40429   -4.11799  1.000 12.85236 ? 7   TRP B CG   1 
ATOM   325 C CD1  . TRP B 1 8  ? -3.26918  1.07892   -3.81593  1.000 12.55159 ? 7   TRP B CD1  1 
ATOM   326 C CD2  . TRP B 1 8  ? -3.81013  2.55062   -5.40968  1.000 12.72645 ? 7   TRP B CD2  1 
ATOM   327 N NE1  . TRP B 1 8  ? -3.86623  0.38524   -4.83959  1.000 13.00098 ? 7   TRP B NE1  1 
ATOM   328 C CE2  . TRP B 1 8  ? -4.21165  1.26556   -5.82922  1.000 13.04675 ? 7   TRP B CE2  1 
ATOM   329 C CE3  . TRP B 1 8  ? -4.04979  3.63852   -6.24711  1.000 14.39811 ? 7   TRP B CE3  1 
ATOM   330 C CZ2  . TRP B 1 8  ? -4.82370  1.03677   -7.05281  1.000 15.03633 ? 7   TRP B CZ2  1 
ATOM   331 C CZ3  . TRP B 1 8  ? -4.66821  3.40958   -7.45995  1.000 16.19788 ? 7   TRP B CZ3  1 
ATOM   332 C CH2  . TRP B 1 8  ? -5.04662  2.11652   -7.85127  1.000 15.31044 ? 7   TRP B CH2  1 
ATOM   333 H H    . TRP B 1 8  ? -1.23845  5.07170   -2.07380  1.000 16.64363 ? 7   TRP B H    1 
ATOM   334 H HA   . TRP B 1 8  ? -0.64391  2.96789   -3.48624  1.000 16.51144 ? 7   TRP B HA   1 
ATOM   335 H HB2  . TRP B 1 8  ? -2.69298  3.21335   -2.34692  1.000 15.66838 ? 7   TRP B HB2  1 
ATOM   336 H HB3  . TRP B 1 8  ? -3.14066  4.29315   -3.42350  1.000 15.66838 ? 7   TRP B HB3  1 
ATOM   337 H HD1  . TRP B 1 8  ? -2.95324  0.69751   -3.02879  1.000 15.13119 ? 7   TRP B HD1  1 
ATOM   338 H HE1  . TRP B 1 8  ? -4.00116  -0.46395  -4.85623  1.000 15.67046 ? 7   TRP B HE1  1 
ATOM   339 H HE3  . TRP B 1 8  ? -3.79919  4.49790   -5.99500  1.000 17.34701 ? 7   TRP B HE3  1 
ATOM   340 H HZ2  . TRP B 1 8  ? -5.07173  0.18028   -7.31702  1.000 18.11288 ? 7   TRP B HZ2  1 
ATOM   341 H HZ3  . TRP B 1 8  ? -4.83718  4.12603   -8.02833  1.000 19.50674 ? 7   TRP B HZ3  1 
ATOM   342 H HH2  . TRP B 1 8  ? -5.45949  1.99417   -8.67557  1.000 18.44181 ? 7   TRP B HH2  1 
ATOM   343 N N    . ARG B 1 9  ? -1.24349  5.55218   -5.26982  1.000 14.77363 ? 8   ARG B N    1 
ATOM   344 C CA   . ARG B 1 9  ? -1.06449  6.09129   -6.61434  1.000 16.65372 ? 8   ARG B CA   1 
ATOM   345 C C    . ARG B 1 9  ? 0.41083   6.13358   -6.99321  1.000 16.78952 ? 8   ARG B C    1 
ATOM   346 O O    . ARG B 1 9  ? 0.77204   5.81807   -8.13016  1.000 18.22318 ? 8   ARG B O    1 
ATOM   347 C CB   . ARG B 1 9  ? -1.70850  7.47543   -6.72247  1.000 19.23363 ? 8   ARG B CB   1 
ATOM   348 C CG   . ARG B 1 9  ? -3.24091  7.44498   -6.80961  1.000 20.83907 ? 8   ARG B CG   1 
ATOM   349 C CD   . ARG B 1 9  ? -3.83514  8.80825   -7.15117  1.000 22.87615 ? 8   ARG B CD   1 
ATOM   350 N NE   . ARG B 1 9  ? -3.75451  9.74743   -6.03666  1.000 25.49326 ? 8   ARG B NE   1 
ATOM   351 C CZ   . ARG B 1 9  ? -4.71069  9.94185   -5.13570  1.000 27.24501 ? 8   ARG B CZ   1 
ATOM   352 N NH1  . ARG B 1 9  ? -5.84794  9.26551   -5.17287  1.000 27.21203 ? 8   ARG B NH1  1 
ATOM   353 N NH2  . ARG B 1 9  ? -4.51922  10.83739  -4.16980  1.000 29.33580 ? 8   ARG B NH2  1 
ATOM   354 H H    . ARG B 1 9  ? -1.53495  6.11672   -4.69021  1.000 17.79765 ? 8   ARG B H    1 
ATOM   355 H HA   . ARG B 1 9  ? -1.51677  5.51478   -7.24994  1.000 20.05374 ? 8   ARG B HA   1 
ATOM   356 H HB2  . ARG B 1 9  ? -1.46756  7.99268   -5.93807  1.000 23.14964 ? 8   ARG B HB2  1 
ATOM   357 H HB3  . ARG B 1 9  ? -1.37586  7.91157   -7.52250  1.000 23.14964 ? 8   ARG B HB3  1 
ATOM   358 H HG2  . ARG B 1 9  ? -3.50695  6.81948   -7.50162  1.000 25.07617 ? 8   ARG B HG2  1 
ATOM   359 H HG3  . ARG B 1 9  ? -3.60185  7.16596   -5.95360  1.000 25.07617 ? 8   ARG B HG3  1 
ATOM   360 H HD2  . ARG B 1 9  ? -3.34923  9.18760   -7.90009  1.000 27.52066 ? 8   ARG B HD2  1 
ATOM   361 H HD3  . ARG B 1 9  ? -4.77017  8.69746   -7.38426  1.000 27.52066 ? 8   ARG B HD3  1 
ATOM   362 H HE   . ARG B 1 9  ? -3.03360  10.20962  -5.95748  1.000 30.66120 ? 8   ARG B HE   1 
ATOM   363 H HH11 . ARG B 1 9  ? -5.98187  8.68316   -5.79136  1.000 32.72372 ? 8   ARG B HH11 1 
ATOM   364 H HH12 . ARG B 1 9  ? -6.45287  9.40843   -4.57854  1.000 32.72372 ? 8   ARG B HH12 1 
ATOM   365 H HH21 . ARG B 1 9  ? -3.78356  11.28142  -4.13479  1.000 35.27224 ? 8   ARG B HH21 1 
ATOM   366 H HH22 . ARG B 1 9  ? -5.13117  10.97198  -3.58074  1.000 35.27224 ? 8   ARG B HH22 1 
ATOM   367 N N    . LEU B 1 10 ? 1.28323   6.49198   -6.04623  1.000 18.59269 ? 9   LEU B N    1 
ATOM   368 C CA   . LEU B 1 10 ? 2.71238   6.51422   -6.34541  1.000 20.32443 ? 9   LEU B CA   1 
ATOM   369 C C    . LEU B 1 10 ? 3.24689   5.11448   -6.62783  1.000 19.25874 ? 9   LEU B C    1 
ATOM   370 O O    . LEU B 1 10 ? 4.16921   4.95493   -7.43255  1.000 22.18728 ? 9   LEU B O    1 
ATOM   371 C CB   . LEU B 1 10 ? 3.47809   7.15389   -5.18798  1.000 21.76673 ? 9   LEU B CB   1 
ATOM   372 C CG   . LEU B 1 10 ? 3.29677   8.66618   -5.03413  1.000 25.08260 ? 9   LEU B CG   1 
ATOM   373 C CD1  . LEU B 1 10 ? 3.83525   9.15147   -3.69610  1.000 26.10049 ? 9   LEU B CD1  1 
ATOM   374 C CD2  . LEU B 1 10 ? 3.96629   9.41753   -6.17536  1.000 27.74698 ? 9   LEU B CD2  1 
ATOM   375 H H    . LEU B 1 10 ? 1.07676   6.72069   -5.24333  1.000 22.38051 ? 9   LEU B H    1 
ATOM   376 H HA   . LEU B 1 10 ? 2.85943   7.05544   -7.13683  1.000 24.45860 ? 9   LEU B HA   1 
ATOM   377 H HB2  . LEU B 1 10 ? 3.18137   6.74131   -4.36176  1.000 26.18936 ? 9   LEU B HB2  1 
ATOM   378 H HB3  . LEU B 1 10 ? 4.42455   6.98789   -5.32048  1.000 26.18936 ? 9   LEU B HB3  1 
ATOM   379 H HG   . LEU B 1 10 ? 2.34653   8.85883   -5.06296  1.000 30.16840 ? 9   LEU B HG   1 
ATOM   380 H HD11 . LEU B 1 10 ? 3.71194   10.11170  -3.63557  1.000 31.38988 ? 9   LEU B HD11 1 
ATOM   381 H HD12 . LEU B 1 10 ? 3.35006   8.70999   -2.98155  1.000 31.38988 ? 9   LEU B HD12 1 
ATOM   382 H HD13 . LEU B 1 10 ? 4.77898   8.93487   -3.63815  1.000 31.38988 ? 9   LEU B HD13 1 
ATOM   383 H HD21 . LEU B 1 10 ? 3.93934   10.36850  -5.98611  1.000 33.36566 ? 9   LEU B HD21 1 
ATOM   384 H HD22 . LEU B 1 10 ? 4.88683   9.12134   -6.25136  1.000 33.36566 ? 9   LEU B HD22 1 
ATOM   385 H HD23 . LEU B 1 10 ? 3.48957   9.23056   -6.99918  1.000 33.36566 ? 9   LEU B HD23 1 
ATOM   386 N N    . LEU B 1 11 ? 2.68566   4.09484   -5.98163  1.000 16.89414 ? 10  LEU B N    1 
ATOM   387 C CA   . LEU B 1 11 ? 3.07633   2.71061   -6.21160  1.000 17.44561 ? 10  LEU B CA   1 
ATOM   388 C C    . LEU B 1 11 ? 2.40931   2.09995   -7.43833  1.000 15.75966 ? 10  LEU B C    1 
ATOM   389 O O    . LEU B 1 11 ? 2.79352   1.00177   -7.86610  1.000 17.36905 ? 10  LEU B O    1 
ATOM   390 C CB   . LEU B 1 11 ? 2.72694   1.89373   -4.96472  1.000 15.80987 ? 10  LEU B CB   1 
ATOM   391 C CG   . LEU B 1 11 ? 3.62538   2.20295   -3.76623  1.000 18.00677 ? 10  LEU B CG   1 
ATOM   392 C CD1  . LEU B 1 11 ? 2.96350   1.81133   -2.45103  1.000 18.57315 ? 10  LEU B CD1  1 
ATOM   393 C CD2  . LEU B 1 11 ? 4.96729   1.50815   -3.89704  1.000 21.23697 ? 10  LEU B CD2  1 
ATOM   394 H H    . LEU B 1 11 ? 2.06410   4.18209   -5.39371  1.000 20.34225 ? 10  LEU B H    1 
ATOM   395 H HA   . LEU B 1 11 ? 4.03395   2.66066   -6.35782  1.000 21.00402 ? 10  LEU B HA   1 
ATOM   396 H HB2  . LEU B 1 11 ? 1.81153   2.08835   -4.70968  1.000 19.04112 ? 10  LEU B HB2  1 
ATOM   397 H HB3  . LEU B 1 11 ? 2.82016   0.95079   -5.17230  1.000 19.04112 ? 10  LEU B HB3  1 
ATOM   398 H HG   . LEU B 1 11 ? 3.77459   3.16129   -3.75101  1.000 21.67741 ? 10  LEU B HG   1 
ATOM   399 H HD11 . LEU B 1 11 ? 3.62756   1.40605   -1.87168  1.000 22.35707 ? 10  LEU B HD11 1 
ATOM   400 H HD12 . LEU B 1 11 ? 2.59968   2.60665   -2.03148  1.000 22.35707 ? 10  LEU B HD12 1 
ATOM   401 H HD13 . LEU B 1 11 ? 2.25165   1.17778   -2.63210  1.000 22.35707 ? 10  LEU B HD13 1 
ATOM   402 H HD21 . LEU B 1 11 ? 5.52019   1.74323   -3.13551  1.000 25.55365 ? 10  LEU B HD21 1 
ATOM   403 H HD22 . LEU B 1 11 ? 4.82538   0.54884   -3.91921  1.000 25.55365 ? 10  LEU B HD22 1 
ATOM   404 H HD23 . LEU B 1 11 ? 5.39448   1.79839   -4.71812  1.000 25.55365 ? 10  LEU B HD23 1 
ATOM   405 N N    . ALA B 1 12 ? 1.43836   2.78772   -8.03194  1.000 16.28325 ? 11  ALA B N    1 
ATOM   406 C CA   . ALA B 1 12 ? 0.66713   2.18001   -9.10816  1.000 16.26377 ? 11  ALA B CA   1 
ATOM   407 C C    . ALA B 1 12 ? 1.54198   1.81721   -10.30789 1.000 17.19390 ? 11  ALA B C    1 
ATOM   408 O O    . ALA B 1 12 ? 1.37991   0.73940   -10.89592 1.000 17.60038 ? 11  ALA B O    1 
ATOM   409 C CB   . ALA B 1 12 ? -0.45825  3.12439   -9.52689  1.000 15.96267 ? 11  ALA B CB   1 
ATOM   410 H H    . ALA B 1 12 ? 1.21039   3.59297   -7.83396  1.000 19.60919 ? 11  ALA B H    1 
ATOM   411 H HA   . ALA B 1 12 ? 0.27427   1.35593   -8.78034  1.000 19.58581 ? 11  ALA B HA   1 
ATOM   412 H HB1  . ALA B 1 12 ? -1.01570  2.67946   -10.18428 1.000 19.22449 ? 11  ALA B HB1  1 
ATOM   413 H HB2  . ALA B 1 12 ? -0.98606  3.35262   -8.74571  1.000 19.22449 ? 11  ALA B HB2  1 
ATOM   414 H HB3  . ALA B 1 12 ? -0.07091  3.92678   -9.91033  1.000 19.22449 ? 11  ALA B HB3  1 
ATOM   415 N N    . GLN B 1 13 ? 2.44180   2.71779   -10.71693 1.000 18.26411 ? 12  GLN B N    1 
ATOM   416 C CA   . GLN B 1 13 ? 3.25647   2.46672   -11.90273 1.000 20.68129 ? 12  GLN B CA   1 
ATOM   417 C C    . GLN B 1 13 ? 3.88632   1.07860   -11.86210 1.000 19.99101 ? 12  GLN B C    1 
ATOM   418 O O    . GLN B 1 13 ? 3.86772   0.34335   -12.85863 1.000 21.06639 ? 12  GLN B O    1 
ATOM   419 C CB   . GLN B 1 13 ? 4.34035   3.54005   -12.03612 1.000 23.63812 ? 12  GLN B CB   1 
ATOM   420 C CG   . GLN B 1 13 ? 5.43787   3.15795   -13.01594 1.000 27.20901 ? 12  GLN B CG   1 
ATOM   421 C CD   . GLN B 1 13 ? 6.21120   4.34944   -13.53981 1.000 30.33075 ? 12  GLN B CD   1 
ATOM   422 O OE1  . GLN B 1 13 ? 5.78136   5.49652   -13.40360 1.000 33.40034 ? 12  GLN B OE1  1 
ATOM   423 N NE2  . GLN B 1 13 ? 7.35180   4.08130   -14.16759 1.000 31.60228 ? 12  GLN B NE2  1 
ATOM   424 H H    . GLN B 1 13 ? 2.59587   3.47003   -10.32966 1.000 21.98622 ? 12  GLN B H    1 
ATOM   425 H HA   . GLN B 1 13 ? 2.68318   2.51573   -12.68365 1.000 24.88683 ? 12  GLN B HA   1 
ATOM   426 H HB2  . GLN B 1 13 ? 3.93212   4.36219   -12.34973 1.000 28.43503 ? 12  GLN B HB2  1 
ATOM   427 H HB3  . GLN B 1 13 ? 4.75007   3.68299   -11.16861 1.000 28.43503 ? 12  GLN B HB3  1 
ATOM   428 H HG2  . GLN B 1 13 ? 6.06558   2.56775   -12.57036 1.000 32.72009 ? 12  GLN B HG2  1 
ATOM   429 H HG3  . GLN B 1 13 ? 5.03808   2.70505   -13.77485 1.000 32.72009 ? 12  GLN B HG3  1 
ATOM   430 H HE21 . GLN B 1 13 ? 7.61219   3.26656   -14.25699 1.000 37.99202 ? 12  GLN B HE21 1 
ATOM   431 H HE22 . GLN B 1 13 ? 7.82935   4.72257   -14.48433 1.000 37.99202 ? 12  GLN B HE22 1 
ATOM   432 N N    . ASN B 1 14 ? 4.45100   0.70185   -10.71392 1.000 19.71317 ? 13  ASN B N    1 
ATOM   433 C CA   . ASN B 1 14 ? 5.15878   -0.56642  -10.60632 1.000 22.05049 ? 13  ASN B CA   1 
ATOM   434 C C    . ASN B 1 14 ? 4.26794   -1.72380  -10.18368 1.000 18.64142 ? 13  ASN B C    1 
ATOM   435 O O    . ASN B 1 14 ? 4.64658   -2.88235  -10.39573 1.000 19.69226 ? 13  ASN B O    1 
ATOM   436 C CB   . ASN B 1 14 ? 6.34311   -0.43518  -9.64322  1.000 26.39656 ? 13  ASN B CB   1 
ATOM   437 C CG   . ASN B 1 14 ? 7.52166   0.28754   -10.26836 1.000 27.93186 ? 13  ASN B CG   1 
ATOM   438 O OD1  . ASN B 1 14 ? 7.68913   0.29267   -11.48845 1.000 30.87515 ? 13  ASN B OD1  1 
ATOM   439 N ND2  . ASN B 1 14 ? 8.33757   0.91481   -9.43146  1.000 30.66376 ? 13  ASN B ND2  1 
ATOM   440 H H    . ASN B 1 14 ? 4.43631   1.16329   -9.98835  1.000 23.72508 ? 13  ASN B H    1 
ATOM   441 H HA   . ASN B 1 14 ? 5.51983   -0.79228  -11.47783 1.000 26.52987 ? 13  ASN B HA   1 
ATOM   442 H HB2  . ASN B 1 14 ? 6.06242   0.06628   -8.86178  1.000 31.74515 ? 13  ASN B HB2  1 
ATOM   443 H HB3  . ASN B 1 14 ? 6.63804   -1.32114  -9.38056  1.000 31.74515 ? 13  ASN B HB3  1 
ATOM   444 H HD21 . ASN B 1 14 ? 9.02096   1.33981   -9.73471  1.000 36.86580 ? 13  ASN B HD21 1 
ATOM   445 H HD22 . ASN B 1 14 ? 8.18316   0.89650   -8.58564  1.000 36.86580 ? 13  ASN B HD22 1 
ATOM   446 N N    . CYS B 1 15 ? 3.09494   -1.43976  -9.61232  1.000 17.55180 ? 14  CYS B N    1 
ATOM   447 C CA   . CYS B 1 15 ? 2.19546   -2.49943  -9.15075  1.000 17.50004 ? 14  CYS B CA   1 
ATOM   448 C C    . CYS B 1 15 ? 1.02705   -2.85060  -10.06523 1.000 17.92643 ? 14  CYS B C    1 
ATOM   449 O O    . CYS B 1 15 ? 0.55038   -3.98607  -10.04309 1.000 22.07370 ? 14  CYS B O    1 
ATOM   450 C CB   . CYS B 1 15 ? 1.63012   -2.18826  -7.74496  1.000 16.91683 ? 14  CYS B CB   1 
ATOM   451 S SG   . CYS B 1 15 ? 2.86670   -2.04341  -6.47153  1.000 17.27037 ? 14  CYS B SG   1 
ATOM   452 H H    . CYS B 1 15 ? 2.79816   -0.64334  -9.48104  1.000 21.13145 ? 14  CYS B H    1 
ATOM   453 H HA   . CYS B 1 15 ? 2.76099   -3.28729  -9.13212  1.000 21.06933 ? 14  CYS B HA   1 
ATOM   454 H HB2  . CYS B 1 15 ? 1.14907   -1.34687  -7.78425  1.000 20.36948 ? 14  CYS B HB2  1 
ATOM   455 H HB3  . CYS B 1 15 ? 1.02710   -2.90354  -7.48874  1.000 20.36948 ? 14  CYS B HB3  1 
HETATM 456 N N    . NH2 B 1 16 ? 0.57030   -1.89658  -10.86775 1.000 17.53782 ? 15  NH2 B N    1 
HETATM 457 C C    . ACE C 1 1  ? -0.11163  -12.51344 0.75431   1.000 20.06353 ? 0   ACE C C    1 
HETATM 458 O O    . ACE C 1 1  ? -0.43219  -11.34907 0.52239   1.000 18.83324 ? 0   ACE C O    1 
HETATM 459 C CH3  . ACE C 1 1  ? -0.91452  -13.67275 0.26021   1.000 22.73660 ? 0   ACE C CH3  1 
ATOM   460 N N    . CYS C 1 2  ? 0.96762   -12.82181 1.46479   1.000 19.85557 ? 1   CYS C N    1 
ATOM   461 C CA   . CYS C 1 2  ? 1.80378   -11.76065 1.99426   1.000 17.43693 ? 1   CYS C CA   1 
ATOM   462 C C    . CYS C 1 2  ? 2.82670   -11.30817 0.95178   1.000 18.32813 ? 1   CYS C C    1 
ATOM   463 O O    . CYS C 1 2  ? 4.00582   -11.66026 1.00775   1.000 20.45701 ? 1   CYS C O    1 
ATOM   464 C CB   . CYS C 1 2  ? 2.48590   -12.19487 3.29305   1.000 17.88828 ? 1   CYS C CB   1 
ATOM   465 S SG   . CYS C 1 2  ? 3.40367   -10.87370 4.05879   1.000 17.53571 ? 1   CYS C SG   1 
ATOM   466 H H    . CYS C 1 2  ? 1.22813   -13.62067 1.64798   1.000 23.89597 ? 1   CYS C H    1 
ATOM   467 H HA   . CYS C 1 2  ? 1.25034   -10.99482 2.21358   1.000 20.99360 ? 1   CYS C HA   1 
ATOM   468 H HB2  . CYS C 1 2  ? 1.80966   -12.49489 3.92042   1.000 21.53522 ? 1   CYS C HB2  1 
ATOM   469 H HB3  . CYS C 1 2  ? 3.10313   -12.91775 3.09973   1.000 21.53522 ? 1   CYS C HB3  1 
ATOM   470 N N    . THR C 1 3  ? 2.34306   -10.53287 -0.01529  1.000 18.59003 ? 2   THR C N    1 
ATOM   471 C CA   . THR C 1 3  ? 3.18146   -9.80033  -0.94796  1.000 19.04155 ? 2   THR C CA   1 
ATOM   472 C C    . THR C 1 3  ? 2.56047   -8.42209  -1.11082  1.000 17.68031 ? 2   THR C C    1 
ATOM   473 O O    . THR C 1 3  ? 1.34246   -8.25945  -0.98479  1.000 16.97509 ? 2   THR C O    1 
ATOM   474 C CB   . THR C 1 3  ? 3.24979   -10.47247 -2.32414  1.000 21.14955 ? 2   THR C CB   1 
ATOM   475 O OG1  . THR C 1 3  ? 1.97591   -10.36750 -2.96982  1.000 22.98696 ? 2   THR C OG1  1 
ATOM   476 C CG2  . THR C 1 3  ? 3.63306   -11.93946 -2.19333  1.000 23.21799 ? 2   THR C CG2  1 
ATOM   477 H H    . THR C 1 3  ? 1.50266   -10.41332 -0.15323  1.000 22.37732 ? 2   THR C H    1 
ATOM   478 H HA   . THR C 1 3  ? 4.08625   -9.73656  -0.60417  1.000 22.91914 ? 2   THR C HA   1 
ATOM   479 H HB   . THR C 1 3  ? 3.92542   -10.03298 -2.86384  1.000 25.44875 ? 2   THR C HB   1 
ATOM   480 H HG1  . THR C 1 3  ? 2.06412   -10.47403 -3.79836  1.000 27.65364 ? 2   THR C HG1  1 
ATOM   481 H HG21 . THR C 1 3  ? 3.77595   -12.32465 -3.07202  1.000 27.93087 ? 2   THR C HG21 1 
ATOM   482 H HG22 . THR C 1 3  ? 4.44915   -12.02427 -1.67593  1.000 27.93087 ? 2   THR C HG22 1 
ATOM   483 H HG23 . THR C 1 3  ? 2.92473   -12.42883 -1.74647  1.000 27.93087 ? 2   THR C HG23 1 
ATOM   484 N N    . PHE C 1 4  ? 3.39326   -7.41474  -1.35856  1.000 16.92228 ? 3   PHE C N    1 
ATOM   485 C CA   . PHE C 1 4  ? 2.79371   -6.10637  -1.52418  1.000 16.11432 ? 3   PHE C CA   1 
ATOM   486 C C    . PHE C 1 4  ? 1.95286   -6.02717  -2.79326  1.000 15.38917 ? 3   PHE C C    1 
ATOM   487 O O    . PHE C 1 4  ? 0.94073   -5.31643  -2.82033  1.000 15.86622 ? 3   PHE C O    1 
ATOM   488 C CB   . PHE C 1 4  ? 3.78668   -4.95856  -1.48831  1.000 16.28348 ? 3   PHE C CB   1 
ATOM   489 C CG   . PHE C 1 4  ? 3.08349   -3.65183  -1.50033  1.000 15.02418 ? 3   PHE C CG   1 
ATOM   490 C CD1  . PHE C 1 4  ? 2.31493   -3.28311  -0.41489  1.000 14.33009 ? 3   PHE C CD1  1 
ATOM   491 C CD2  . PHE C 1 4  ? 3.06185   -2.85597  -2.63191  1.000 15.08055 ? 3   PHE C CD2  1 
ATOM   492 C CE1  . PHE C 1 4  ? 1.59102   -2.11681  -0.42929  1.000 13.95565 ? 3   PHE C CE1  1 
ATOM   493 C CE2  . PHE C 1 4  ? 2.33957   -1.67768  -2.64964  1.000 15.79545 ? 3   PHE C CE2  1 
ATOM   494 C CZ   . PHE C 1 4  ? 1.60150   -1.31011  -1.55095  1.000 14.27646 ? 3   PHE C CZ   1 
ATOM   495 H H    . PHE C 1 4  ? 4.24892   -7.46363  -1.42976  1.000 20.37602 ? 3   PHE C H    1 
ATOM   496 H HA   . PHE C 1 4  ? 2.22705   -5.97836  -0.74740  1.000 19.40647 ? 3   PHE C HA   1 
ATOM   497 H HB2  . PHE C 1 4  ? 4.31750   -5.01569  -0.67845  1.000 19.60947 ? 3   PHE C HB2  1 
ATOM   498 H HB3  . PHE C 1 4  ? 4.36328   -5.00565  -2.26692  1.000 19.60947 ? 3   PHE C HB3  1 
ATOM   499 H HD1  . PHE C 1 4  ? 2.28712   -3.83160  0.33563   1.000 17.26539 ? 3   PHE C HD1  1 
ATOM   500 H HD2  . PHE C 1 4  ? 3.53762   -3.11620  -3.38744  1.000 18.16595 ? 3   PHE C HD2  1 
ATOM   501 H HE1  . PHE C 1 4  ? 1.09327   -1.86953  0.31637   1.000 16.81607 ? 3   PHE C HE1  1 
ATOM   502 H HE2  . PHE C 1 4  ? 2.35324   -1.13445  -3.40436  1.000 19.02382 ? 3   PHE C HE2  1 
ATOM   503 H HZ   . PHE C 1 4  ? 1.11025   -0.52051  -1.56209  1.000 17.20104 ? 3   PHE C HZ   1 
ATOM   504 N N    . ALA C 1 5  ? 2.34960   -6.74524  -3.84389  1.000 18.51555 ? 4   ALA C N    1 
ATOM   505 C CA   . ALA C 1 5  ? 1.54675   -6.76410  -5.05956  1.000 20.57311 ? 4   ALA C CA   1 
ATOM   506 C C    . ALA C 1 5  ? 0.12241   -7.20262  -4.75743  1.000 18.84605 ? 4   ALA C C    1 
ATOM   507 O O    . ALA C 1 5  ? -0.83935  -6.61585  -5.27311  1.000 17.81536 ? 4   ALA C O    1 
ATOM   508 C CB   . ALA C 1 5  ? 2.17927   -7.69165  -6.09701  1.000 23.57703 ? 4   ALA C CB   1 
ATOM   509 H H    . ALA C 1 5  ? 3.06574   -7.22030  -3.87625  1.000 22.28794 ? 4   ALA C H    1 
ATOM   510 H HA   . ALA C 1 5  ? 1.52237   -5.86977  -5.43436  1.000 24.75702 ? 4   ALA C HA   1 
ATOM   511 H HB1  . ALA C 1 5  ? 1.67553   -7.63095  -6.92372  1.000 28.36172 ? 4   ALA C HB1  1 
ATOM   512 H HB2  . ALA C 1 5  ? 3.09725   -7.41711  -6.24810  1.000 28.36172 ? 4   ALA C HB2  1 
ATOM   513 H HB3  . ALA C 1 5  ? 2.15704   -8.60175  -5.76218  1.000 28.36172 ? 4   ALA C HB3  1 
ATOM   514 N N    . ASN C 1 6  ? -0.03441  -8.22959  -3.91867  1.000 17.73215 ? 5   ASN C N    1 
ATOM   515 C CA   . ASN C 1 6  ? -1.37183  -8.69520  -3.57218  1.000 18.06025 ? 5   ASN C CA   1 
ATOM   516 C C    . ASN C 1 6  ? -2.14663  -7.61494  -2.82696  1.000 17.07755 ? 5   ASN C C    1 
ATOM   517 O O    . ASN C 1 6  ? -3.31197  -7.34329  -3.13508  1.000 16.32385 ? 5   ASN C O    1 
ATOM   518 C CB   . ASN C 1 6  ? -1.28091  -9.97951  -2.74875  1.000 19.37645 ? 5   ASN C CB   1 
ATOM   519 C CG   . ASN C 1 6  ? -2.64509  -10.53723 -2.37882  1.000 21.59678 ? 5   ASN C CG   1 
ATOM   520 O OD1  . ASN C 1 6  ? -3.56183  -10.57958 -3.20143  1.000 24.57900 ? 5   ASN C OD1  1 
ATOM   521 N ND2  . ASN C 1 6  ? -2.78548  -10.96700 -1.13110  1.000 22.21334 ? 5   ASN C ND2  1 
ATOM   522 H H    . ASN C 1 6  ? 0.60675   -8.66411  -3.54490  1.000 21.34787 ? 5   ASN C H    1 
ATOM   523 H HA   . ASN C 1 6  ? -1.85807  -8.90165  -4.38572  1.000 21.74158 ? 5   ASN C HA   1 
ATOM   524 H HB2  . ASN C 1 6  ? -0.81105  -10.65331 -3.26462  1.000 23.32102 ? 5   ASN C HB2  1 
ATOM   525 H HB3  . ASN C 1 6  ? -0.79929  -9.79502  -1.92723  1.000 23.32102 ? 5   ASN C HB3  1 
ATOM   526 H HD21 . ASN C 1 6  ? -3.53778  -11.29205 -0.87035  1.000 26.72529 ? 5   ASN C HD21 1 
ATOM   527 H HD22 . ASN C 1 6  ? -2.12415  -10.92048 -0.58330  1.000 26.72529 ? 5   ASN C HD22 1 
ATOM   528 N N    . LEU C 1 7  ? -1.50701  -6.97208  -1.84652  1.000 14.63035 ? 6   LEU C N    1 
ATOM   529 C CA   . LEU C 1 7  ? -2.19855  -5.92934  -1.09705  1.000 13.32850 ? 6   LEU C CA   1 
ATOM   530 C C    . LEU C 1 7  ? -2.58291  -4.75515  -1.99257  1.000 12.50487 ? 6   LEU C C    1 
ATOM   531 O O    . LEU C 1 7  ? -3.68222  -4.20819  -1.85888  1.000 12.82001 ? 6   LEU C O    1 
ATOM   532 C CB   . LEU C 1 7  ? -1.32494  -5.44699  0.06089   1.000 13.16849 ? 6   LEU C CB   1 
ATOM   533 C CG   . LEU C 1 7  ? -0.87664  -6.49874  1.07005   1.000 13.34590 ? 6   LEU C CG   1 
ATOM   534 C CD1  . LEU C 1 7  ? -0.16698  -5.87093  2.25488   1.000 16.27763 ? 6   LEU C CD1  1 
ATOM   535 C CD2  . LEU C 1 7  ? -2.03929  -7.36413  1.54826   1.000 19.14982 ? 6   LEU C CD2  1 
ATOM   536 H H    . LEU C 1 7  ? -0.69500  -7.11832  -1.60390  1.000 17.62570 ? 6   LEU C H    1 
ATOM   537 H HA   . LEU C 1 7  ? -3.01332  -6.30592  -0.72931  1.000 16.06349 ? 6   LEU C HA   1 
ATOM   538 H HB2  . LEU C 1 7  ? -0.52162  -5.05350  -0.31431  1.000 15.87147 ? 6   LEU C HB2  1 
ATOM   539 H HB3  . LEU C 1 7  ? -1.82411  -4.77650  0.55298   1.000 15.87147 ? 6   LEU C HB3  1 
ATOM   540 H HG   . LEU C 1 7  ? -0.24590  -7.07883  0.61558   1.000 16.08436 ? 6   LEU C HG   1 
ATOM   541 H HD11 . LEU C 1 7  ? 0.10721   -6.57208  2.86653   1.000 19.60245 ? 6   LEU C HD11 1 
ATOM   542 H HD12 . LEU C 1 7  ? 0.61092   -5.38667  1.93670   1.000 19.60245 ? 6   LEU C HD12 1 
ATOM   543 H HD13 . LEU C 1 7  ? -0.77593  -5.26201  2.70131   1.000 19.60245 ? 6   LEU C HD13 1 
ATOM   544 H HD21 . LEU C 1 7  ? -1.70620  -8.01810  2.18251   1.000 23.04906 ? 6   LEU C HD21 1 
ATOM   545 H HD22 . LEU C 1 7  ? -2.70068  -6.79692  1.97456   1.000 23.04906 ? 6   LEU C HD22 1 
ATOM   546 H HD23 . LEU C 1 7  ? -2.43270  -7.81455  0.78455   1.000 23.04906 ? 6   LEU C HD23 1 
ATOM   547 N N    . TRP C 1 8  ? -1.67332  -4.32839  -2.87852  1.000 12.72166 ? 7   TRP C N    1 
ATOM   548 C CA   . TRP C 1 8  ? -1.98323  -3.20992  -3.76260  1.000 12.24986 ? 7   TRP C CA   1 
ATOM   549 C C    . TRP C 1 8  ? -3.19674  -3.52925  -4.62261  1.000 12.58892 ? 7   TRP C C    1 
ATOM   550 O O    . TRP C 1 8  ? -4.09228  -2.69070  -4.80061  1.000 13.14386 ? 7   TRP C O    1 
ATOM   551 C CB   . TRP C 1 8  ? -0.76097  -2.88374  -4.62771  1.000 13.60172 ? 7   TRP C CB   1 
ATOM   552 C CG   . TRP C 1 8  ? -0.95450  -1.66974  -5.47888  1.000 12.59089 ? 7   TRP C CG   1 
ATOM   553 C CD1  . TRP C 1 8  ? -0.62580  -0.38248  -5.16747  1.000 13.39352 ? 7   TRP C CD1  1 
ATOM   554 C CD2  . TRP C 1 8  ? -1.55677  -1.62447  -6.77582  1.000 13.51043 ? 7   TRP C CD2  1 
ATOM   555 N NE1  . TRP C 1 8  ? -0.98119  0.46119   -6.19179  1.000 13.55765 ? 7   TRP C NE1  1 
ATOM   556 C CE2  . TRP C 1 8  ? -1.56254  -0.27524  -7.18844  1.000 13.54814 ? 7   TRP C CE2  1 
ATOM   557 C CE3  . TRP C 1 8  ? -2.09393  -2.59230  -7.62452  1.000 14.86098 ? 7   TRP C CE3  1 
ATOM   558 C CZ2  . TRP C 1 8  ? -2.07862  0.12964   -8.41349  1.000 14.39659 ? 7   TRP C CZ2  1 
ATOM   559 C CZ3  . TRP C 1 8  ? -2.59823  -2.19109  -8.84169  1.000 15.96888 ? 7   TRP C CZ3  1 
ATOM   560 C CH2  . TRP C 1 8  ? -2.58996  -0.83661  -9.22403  1.000 16.02903 ? 7   TRP C CH2  1 
ATOM   561 H H    . TRP C 1 8  ? -0.88847  -4.66432  -2.98224  1.000 15.33527 ? 7   TRP C H    1 
ATOM   562 H HA   . TRP C 1 8  ? -2.18982  -2.42221  -3.23558  1.000 14.76912 ? 7   TRP C HA   1 
ATOM   563 H HB2  . TRP C 1 8  ? 0.00105   -2.72493  -4.04892  1.000 16.39134 ? 7   TRP C HB2  1 
ATOM   564 H HB3  . TRP C 1 8  ? -0.58107  -3.63492  -5.21445  1.000 16.39134 ? 7   TRP C HB3  1 
ATOM   565 H HD1  . TRP C 1 8  ? -0.21930  -0.11459  -4.37508  1.000 16.14150 ? 7   TRP C HD1  1 
ATOM   566 H HE1  . TRP C 1 8  ? -0.85855  1.31229   -6.20471  1.000 16.33846 ? 7   TRP C HE1  1 
ATOM   567 H HE3  . TRP C 1 8  ? -2.11116  -3.48782  -7.37425  1.000 17.90246 ? 7   TRP C HE3  1 
ATOM   568 H HZ2  . TRP C 1 8  ? -2.07474  1.02387   -8.66889  1.000 17.34520 ? 7   TRP C HZ2  1 
ATOM   569 H HZ3  . TRP C 1 8  ? -2.95073  -2.82692  -9.42167  1.000 19.23194 ? 7   TRP C HZ3  1 
ATOM   570 H HH2  . TRP C 1 8  ? -2.94237  -0.59613  -10.05039 1.000 19.30412 ? 7   TRP C HH2  1 
ATOM   571 N N    . ARG C 1 9  ? -3.25505  -4.75749  -5.13379  1.000 14.45993 ? 8   ARG C N    1 
ATOM   572 C CA   . ARG C 1 9  ? -4.37435  -5.16707  -5.96649  1.000 15.39124 ? 8   ARG C CA   1 
ATOM   573 C C    . ARG C 1 9  ? -5.65887  -5.24088  -5.15964  1.000 14.95853 ? 8   ARG C C    1 
ATOM   574 O O    . ARG C 1 9  ? -6.71871  -4.81984  -5.63251  1.000 16.62841 ? 8   ARG C O    1 
ATOM   575 C CB   . ARG C 1 9  ? -4.07179  -6.52472  -6.59355  1.000 18.03141 ? 8   ARG C CB   1 
ATOM   576 C CG   . ARG C 1 9  ? -3.15696  -6.46264  -7.79895  1.000 23.45036 ? 8   ARG C CG   1 
ATOM   577 C CD   . ARG C 1 9  ? -3.16926  -7.78054  -8.55970  1.000 30.22520 ? 8   ARG C CD   1 
ATOM   578 N NE   . ARG C 1 9  ? -2.52749  -8.84494  -7.79609  1.000 32.29963 ? 8   ARG C NE   1 
ATOM   579 C CZ   . ARG C 1 9  ? -1.22423  -9.09686  -7.80440  1.000 34.86591 ? 8   ARG C CZ   1 
ATOM   580 N NH1  . ARG C 1 9  ? -0.38767  -8.38941  -8.54846  1.000 36.10643 ? 8   ARG C NH1  1 
ATOM   581 N NH2  . ARG C 1 9  ? -0.74903  -10.08285 -7.04699  1.000 32.50984 ? 8   ARG C NH2  1 
ATOM   582 H H    . ARG C 1 9  ? -2.66128  -5.36775  -5.01280  1.000 17.42120 ? 8   ARG C H    1 
ATOM   583 H HA   . ARG C 1 9  ? -4.49711  -4.51624  -6.67519  1.000 18.53878 ? 8   ARG C HA   1 
ATOM   584 H HB2  . ARG C 1 9  ? -3.64339  -7.08512  -5.92772  1.000 21.70697 ? 8   ARG C HB2  1 
ATOM   585 H HB3  . ARG C 1 9  ? -4.90691  -6.92753  -6.87856  1.000 21.70697 ? 8   ARG C HB3  1 
ATOM   586 H HG2  . ARG C 1 9  ? -3.45687  -5.76007  -8.39673  1.000 28.20971 ? 8   ARG C HG2  1 
ATOM   587 H HG3  . ARG C 1 9  ? -2.24914  -6.28486  -7.50713  1.000 28.20971 ? 8   ARG C HG3  1 
ATOM   588 H HD2  . ARG C 1 9  ? -4.08691  -8.04153  -8.73493  1.000 36.33952 ? 8   ARG C HD2  1 
ATOM   589 H HD3  . ARG C 1 9  ? -2.68946  -7.67308  -9.39584  1.000 36.33952 ? 8   ARG C HD3  1 
ATOM   590 H HE   . ARG C 1 9  ? -3.02832  -9.34396  -7.30645  1.000 38.82883 ? 8   ARG C HE   1 
ATOM   591 H HH11 . ARG C 1 9  ? -0.68539  -7.75027  -9.04087  1.000 43.39700 ? 8   ARG C HH11 1 
ATOM   592 H HH12 . ARG C 1 9  ? 0.45329   -8.56915  -8.53922  1.000 43.39700 ? 8   ARG C HH12 1 
ATOM   593 H HH21 . ARG C 1 9  ? -1.28455  -10.54757 -6.56030  1.000 39.08109 ? 8   ARG C HH21 1 
ATOM   594 H HH22 . ARG C 1 9  ? 0.09352   -10.25520 -7.04430  1.000 39.08109 ? 8   ARG C HH22 1 
ATOM   595 N N    . LEU C 1 10 ? -5.59006  -5.77384  -3.94063  1.000 14.74670 ? 9   LEU C N    1 
ATOM   596 C CA   . LEU C 1 10 ? -6.77836  -5.81923  -3.09782  1.000 16.86476 ? 9   LEU C CA   1 
ATOM   597 C C    . LEU C 1 10 ? -7.30205  -4.41534  -2.82734  1.000 16.34188 ? 9   LEU C C    1 
ATOM   598 O O    . LEU C 1 10 ? -8.51709  -4.17930  -2.84171  1.000 23.02894 ? 9   LEU C O    1 
ATOM   599 C CB   . LEU C 1 10 ? -6.46262  -6.53779  -1.78860  1.000 17.79556 ? 9   LEU C CB   1 
ATOM   600 C CG   . LEU C 1 10 ? -6.25157  -8.04722  -1.91527  1.000 19.61485 ? 9   LEU C CG   1 
ATOM   601 C CD1  . LEU C 1 10 ? -5.70360  -8.60632  -0.60962  1.000 20.54061 ? 9   LEU C CD1  1 
ATOM   602 C CD2  . LEU C 1 10 ? -7.53956  -8.74931  -2.31138  1.000 24.11043 ? 9   LEU C CD2  1 
ATOM   603 H H    . LEU C 1 10 ? -4.88170  -6.10877  -3.58615  1.000 17.76533 ? 9   LEU C H    1 
ATOM   604 H HA   . LEU C 1 10 ? -7.47301  -6.32076  -3.55259  1.000 20.30699 ? 9   LEU C HA   1 
ATOM   605 H HB2  . LEU C 1 10 ? -5.64907  -6.15949  -1.41990  1.000 21.42395 ? 9   LEU C HB2  1 
ATOM   606 H HB3  . LEU C 1 10 ? -7.20132  -6.39701  -1.17590  1.000 21.42395 ? 9   LEU C HB3  1 
ATOM   607 H HG   . LEU C 1 10 ? -5.60481  -8.22015  -2.61720  1.000 23.60711 ? 9   LEU C HG   1 
ATOM   608 H HD11 . LEU C 1 10 ? -5.55875  -9.56011  -0.71062  1.000 24.71802 ? 9   LEU C HD11 1 
ATOM   609 H HD12 . LEU C 1 10 ? -4.86498  -8.16432  -0.40409  1.000 24.71802 ? 9   LEU C HD12 1 
ATOM   610 H HD13 . LEU C 1 10 ? -6.34607  -8.44247  0.09840   1.000 24.71802 ? 9   LEU C HD13 1 
ATOM   611 H HD21 . LEU C 1 10 ? -7.44781  -9.69917  -2.13750  1.000 29.00181 ? 9   LEU C HD21 1 
ATOM   612 H HD22 . LEU C 1 10 ? -8.27101  -8.38633  -1.78779  1.000 29.00181 ? 9   LEU C HD22 1 
ATOM   613 H HD23 . LEU C 1 10 ? -7.70296  -8.60019  -3.25581  1.000 29.00181 ? 9   LEU C HD23 1 
ATOM   614 N N    . LEU C 1 11 ? -6.40292  -3.46225  -2.61993  1.000 14.34262 ? 10  LEU C N    1 
ATOM   615 C CA   . LEU C 1 11 ? -6.78921  -2.08769  -2.35087  1.000 14.77699 ? 10  LEU C CA   1 
ATOM   616 C C    . LEU C 1 11 ? -7.20274  -1.32409  -3.60522  1.000 14.44437 ? 10  LEU C C    1 
ATOM   617 O O    . LEU C 1 11 ? -7.77997  -0.23523  -3.48379  1.000 14.73583 ? 10  LEU C O    1 
ATOM   618 C CB   . LEU C 1 11 ? -5.63250  -1.39778  -1.62847  1.000 13.96620 ? 10  LEU C CB   1 
ATOM   619 C CG   . LEU C 1 11 ? -5.51333  -1.85488  -0.16905  1.000 13.58920 ? 10  LEU C CG   1 
ATOM   620 C CD1  . LEU C 1 11 ? -4.11811  -1.62365  0.38374   1.000 14.40361 ? 10  LEU C CD1  1 
ATOM   621 C CD2  . LEU C 1 11 ? -6.53896  -1.14219  0.69416   1.000 17.33691 ? 10  LEU C CD2  1 
ATOM   622 H H    . LEU C 1 11 ? -5.55237  -3.58900  -2.63020  1.000 17.28043 ? 10  LEU C H    1 
ATOM   623 H HA   . LEU C 1 11 ? -7.56183  -2.06261  -1.76493  1.000 17.80168 ? 10  LEU C HA   1 
ATOM   624 H HB2  . LEU C 1 11 ? -4.80204  -1.60988  -2.08263  1.000 16.82873 ? 10  LEU C HB2  1 
ATOM   625 H HB3  . LEU C 1 11 ? -5.77929  -0.43897  -1.63609  1.000 16.82873 ? 10  LEU C HB3  1 
ATOM   626 H HG   . LEU C 1 11 ? -5.68380  -2.80932  -0.13961  1.000 16.37632 ? 10  LEU C HG   1 
ATOM   627 H HD11 . LEU C 1 11 ? -4.08421  -1.94274  1.29913   1.000 17.35361 ? 10  LEU C HD11 1 
ATOM   628 H HD12 . LEU C 1 11 ? -3.47847  -2.10969  -0.15988  1.000 17.35361 ? 10  LEU C HD12 1 
ATOM   629 H HD13 . LEU C 1 11 ? -3.92112  -0.67424  0.35689   1.000 17.35361 ? 10  LEU C HD13 1 
ATOM   630 H HD21 . LEU C 1 11 ? -6.42066  -1.41684  1.61691   1.000 20.87358 ? 10  LEU C HD21 1 
ATOM   631 H HD22 . LEU C 1 11 ? -6.40777  -0.18439  0.61470   1.000 20.87358 ? 10  LEU C HD22 1 
ATOM   632 H HD23 . LEU C 1 11 ? -7.42849  -1.38061  0.38953   1.000 20.87358 ? 10  LEU C HD23 1 
ATOM   633 N N    . ALA C 1 12 ? -6.94219  -1.86672  -4.79744  1.000 15.01597 ? 11  ALA C N    1 
ATOM   634 C CA   . ALA C 1 12 ? -7.37503  -1.20285  -6.02236  1.000 14.20541 ? 11  ALA C CA   1 
ATOM   635 C C    . ALA C 1 12 ? -8.89136  -1.06254  -6.05464  1.000 15.06314 ? 11  ALA C C    1 
ATOM   636 O O    . ALA C 1 12 ? -9.41711  -0.11066  -6.64450  1.000 16.10775 ? 11  ALA C O    1 
ATOM   637 C CB   . ALA C 1 12 ? -6.86621  -1.98380  -7.23644  1.000 15.88585 ? 11  ALA C CB   1 
ATOM   638 H H    . ALA C 1 12 ? -6.52266  -2.60729  -4.92049  1.000 18.08844 ? 11  ALA C H    1 
ATOM   639 H HA   . ALA C 1 12 ? -6.99386  -0.31205  -6.06783  1.000 17.11578 ? 11  ALA C HA   1 
ATOM   640 H HB1  . ALA C 1 12 ? -6.93470  -1.42232  -8.02445  1.000 19.13230 ? 11  ALA C HB1  1 
ATOM   641 H HB2  . ALA C 1 12 ? -5.94061  -2.23233  -7.08679  1.000 19.13230 ? 11  ALA C HB2  1 
ATOM   642 H HB3  . ALA C 1 12 ? -7.40839  -2.78014  -7.34957  1.000 19.13230 ? 11  ALA C HB3  1 
ATOM   643 N N    . GLN C 1 13 ? -9.59649  -1.99083  -5.39133  1.000 21.09612 ? 12  GLN C N    1 
ATOM   644 C CA   . GLN C 1 13 ? -11.05123 -1.94411  -5.28946  1.000 23.15727 ? 12  GLN C CA   1 
ATOM   645 C C    . GLN C 1 13 ? -11.53574 -0.65110  -4.65253  1.000 21.84788 ? 12  GLN C C    1 
ATOM   646 O O    . GLN C 1 13 ? -12.64887 -0.19487  -4.93337  1.000 24.92232 ? 12  GLN C O    1 
ATOM   647 C CB   . GLN C 1 13 ? -11.54018 -3.10956  -4.42180  1.000 28.87153 ? 12  GLN C CB   1 
ATOM   648 C CG   . GLN C 1 13 ? -11.18174 -4.49653  -4.94095  1.000 35.89747 ? 12  GLN C CG   1 
ATOM   649 C CD   . GLN C 1 13 ? -11.41546 -5.60965  -3.91623  1.000 45.46093 ? 12  GLN C CD   1 
ATOM   650 O OE1  . GLN C 1 13 ? -10.83765 -6.69295  -4.02711  1.000 41.44081 ? 12  GLN C OE1  1 
ATOM   651 N NE2  . GLN C 1 13 ? -12.26876 -5.34854  -2.92538  1.000 50.70687 ? 12  GLN C NE2  1 
ATOM   652 H H    . GLN C 1 13 ? -9.24742  -2.66521  -4.98765  1.000 25.38462 ? 12  GLN C H    1 
ATOM   653 H HA   . GLN C 1 13 ? -11.41823 -2.01497  -6.18455  1.000 27.85801 ? 12  GLN C HA   1 
ATOM   654 H HB2  . GLN C 1 13 ? -11.14862 -3.01981  -3.53889  1.000 34.71512 ? 12  GLN C HB2  1 
ATOM   655 H HB3  . GLN C 1 13 ? -12.50721 -3.06276  -4.36218  1.000 34.71512 ? 12  GLN C HB3  1 
ATOM   656 H HG2  . GLN C 1 13 ? -11.72686 -4.69033  -5.71952  1.000 43.14625 ? 12  GLN C HG2  1 
ATOM   657 H HG3  . GLN C 1 13 ? -10.24238 -4.50769  -5.18253  1.000 43.14625 ? 12  GLN C HG3  1 
ATOM   658 H HE21 . GLN C 1 13 ? -12.65837 -4.58298  -2.88396  1.000 60.91753 ? 12  GLN C HE21 1 
ATOM   659 H HE22 . GLN C 1 13 ? -12.42948 -5.94570  -2.32774  1.000 60.91753 ? 12  GLN C HE22 1 
ATOM   660 N N    . ASN C 1 14 ? -10.73223 -0.06810  -3.77868  1.000 18.57477 ? 13  ASN C N    1 
ATOM   661 C CA   . ASN C 1 14 ? -11.08340 1.13384   -3.04171  1.000 18.02522 ? 13  ASN C CA   1 
ATOM   662 C C    . ASN C 1 14 ? -10.35588 2.36469   -3.53778  1.000 15.78872 ? 13  ASN C C    1 
ATOM   663 O O    . ASN C 1 14 ? -10.92288 3.45340   -3.52387  1.000 18.92483 ? 13  ASN C O    1 
ATOM   664 C CB   . ASN C 1 14 ? -10.74037 0.94445   -1.56353  1.000 19.89445 ? 13  ASN C CB   1 
ATOM   665 C CG   . ASN C 1 14 ? -11.31492 -0.33820  -0.99022  1.000 23.98032 ? 13  ASN C CG   1 
ATOM   666 O OD1  . ASN C 1 14 ? -12.52652 -0.46996  -0.84687  1.000 26.44829 ? 13  ASN C OD1  1 
ATOM   667 N ND2  . ASN C 1 14 ? -10.44924 -1.29885  -0.68820  1.000 24.11091 ? 13  ASN C ND2  1 
ATOM   668 H H    . ASN C 1 14 ? -9.94677  -0.36164  -3.58766  1.000 22.35901 ? 13  ASN C H    1 
ATOM   669 H HA   . ASN C 1 14 ? -12.03764 1.28659   -3.12537  1.000 21.69955 ? 13  ASN C HA   1 
ATOM   670 H HB2  . ASN C 1 14 ? -9.77602  0.91257   -1.46391  1.000 23.94262 ? 13  ASN C HB2  1 
ATOM   671 H HB3  . ASN C 1 14 ? -11.10183 1.68841   -1.05682  1.000 23.94262 ? 13  ASN C HB3  1 
ATOM   672 H HD21 . ASN C 1 14 ? -9.60821  -1.17681  -0.82003  1.000 29.00237 ? 13  ASN C HD21 1 
ATOM   673 H HD22 . ASN C 1 14 ? -10.72965 -2.04300  -0.36079  1.000 29.00237 ? 13  ASN C HD22 1 
ATOM   674 N N    . CYS C 1 15 ? -9.10511  2.21063   -3.95970  1.000 14.47248 ? 14  CYS C N    1 
ATOM   675 C CA   . CYS C 1 15 ? -8.26663  3.34719   -4.29842  1.000 14.21319 ? 14  CYS C CA   1 
ATOM   676 C C    . CYS C 1 15 ? -8.30120  3.67449   -5.77695  1.000 15.85987 ? 14  CYS C C    1 
ATOM   677 O O    . CYS C 1 15 ? -8.06514  4.81602   -6.16802  1.000 20.32276 ? 14  CYS C O    1 
ATOM   678 C CB   . CYS C 1 15 ? -6.81680  3.05747   -3.92303  1.000 14.24934 ? 14  CYS C CB   1 
ATOM   679 S SG   . CYS C 1 15 ? -6.52518  2.87676   -2.14832  1.000 14.61219 ? 14  CYS C SG   1 
ATOM   680 H H    . CYS C 1 15 ? -8.71763  1.44922   -4.05826  1.000 17.43626 ? 14  CYS C H    1 
ATOM   681 H HA   . CYS C 1 15 ? -8.60105  4.11253   -3.80516  1.000 17.12511 ? 14  CYS C HA   1 
ATOM   682 H HB2  . CYS C 1 15 ? -6.54644  2.22974   -4.35043  1.000 17.16849 ? 14  CYS C HB2  1 
ATOM   683 H HB3  . CYS C 1 15 ? -6.26385  3.78953   -4.23804  1.000 17.16849 ? 14  CYS C HB3  1 
HETATM 684 N N    . NH2 C 1 16 ? -8.56935  2.66777   -6.59850  1.000 15.77862 ? 15  NH2 C N    1 
HETATM 685 C C    . ACE D 1 1  ? -10.08688 2.12690   1.58379   1.000 16.49192 ? 0   ACE D C    1 
HETATM 686 O O    . ACE D 1 1  ? -9.15517  1.35147   1.76136   1.000 16.86043 ? 0   ACE D O    1 
HETATM 687 C CH3  . ACE D 1 1  ? -11.47875 1.76723   2.00549   1.000 20.73482 ? 0   ACE D CH3  1 
ATOM   688 N N    . CYS D 1 2  ? -9.91042  3.30180   0.97439   1.000 16.68277 ? 1   CYS D N    1 
ATOM   689 C CA   . CYS D 1 2  ? -8.57730  3.70856   0.54152   1.000 14.95844 ? 1   CYS D CA   1 
ATOM   690 C C    . CYS D 1 2  ? -7.93318  4.49010   1.67657   1.000 14.61971 ? 1   CYS D C    1 
ATOM   691 O O    . CYS D 1 2  ? -7.82605  5.71788   1.62253   1.000 17.06304 ? 1   CYS D O    1 
ATOM   692 C CB   . CYS D 1 2  ? -8.61322  4.53605   -0.73712  1.000 15.66052 ? 1   CYS D CB   1 
ATOM   693 S SG   . CYS D 1 2  ? -6.96706  4.73488   -1.44071  1.000 16.70554 ? 1   CYS D SG   1 
ATOM   694 H H    . CYS D 1 2  ? -10.53557 3.86753   0.80484   1.000 20.08860 ? 1   CYS D H    1 
ATOM   695 H HA   . CYS D 1 2  ? -8.04286  2.92842   0.32555   1.000 18.01941 ? 1   CYS D HA   1 
ATOM   696 H HB2  . CYS D 1 2  ? -9.17374  4.09054   -1.39151  1.000 18.86190 ? 1   CYS D HB2  1 
ATOM   697 H HB3  . CYS D 1 2  ? -8.96963  5.41624   -0.53931  1.000 18.86190 ? 1   CYS D HB3  1 
ATOM   698 N N    . THR D 1 3  ? -7.53617  3.76555   2.71865   1.000 14.40615 ? 2   THR D N    1 
ATOM   699 C CA   . THR D 1 3  ? -7.06805  4.37696   3.94671   1.000 14.41497 ? 2   THR D CA   1 
ATOM   700 C C    . THR D 1 3  ? -5.91354  3.57359   4.52692   1.000 13.23396 ? 2   THR D C    1 
ATOM   701 O O    . THR D 1 3  ? -5.75610  2.38155   4.25273   1.000 12.84455 ? 2   THR D O    1 
ATOM   702 C CB   . THR D 1 3  ? -8.17814  4.38630   5.00485   1.000 16.08901 ? 2   THR D CB   1 
ATOM   703 O OG1  . THR D 1 3  ? -8.47840  3.02544   5.35471   1.000 15.37235 ? 2   THR D OG1  1 
ATOM   704 C CG2  . THR D 1 3  ? -9.43492  5.07917   4.48903   1.000 16.94941 ? 2   THR D CG2  1 
ATOM   705 H H    . THR D 1 3  ? -7.53043  2.90570   2.73413   1.000 17.35667 ? 2   THR D H    1 
ATOM   706 H HA   . THR D 1 3  ? -6.76687  5.27597   3.74185   1.000 17.36725 ? 2   THR D HA   1 
ATOM   707 H HB   . THR D 1 3  ? -7.88502  4.87851   5.78759   1.000 19.37609 ? 2   THR D HB   1 
ATOM   708 H HG1  . THR D 1 3  ? -8.83177  2.99584   6.11618   1.000 18.51610 ? 2   THR D HG1  1 
ATOM   709 H HG21 . THR D 1 3  ? -10.05810 5.22207   5.21849   1.000 20.40858 ? 2   THR D HG21 1 
ATOM   710 H HG22 . THR D 1 3  ? -9.20456  5.93700   4.09919   1.000 20.40858 ? 2   THR D HG22 1 
ATOM   711 H HG23 . THR D 1 3  ? -9.86232  4.53066   3.81274   1.000 20.40858 ? 2   THR D HG23 1 
ATOM   712 N N    . PHE D 1 4  ? -5.12389  4.23648   5.37288   1.000 14.01821 ? 3   PHE D N    1 
ATOM   713 C CA   . PHE D 1 4  ? -4.08972  3.51142   6.10172   1.000 13.00177 ? 3   PHE D CA   1 
ATOM   714 C C    . PHE D 1 4  ? -4.70992  2.42272   6.96345   1.000 12.44281 ? 3   PHE D C    1 
ATOM   715 O O    . PHE D 1 4  ? -4.16670  1.31473   7.06001   1.000 12.30051 ? 3   PHE D O    1 
ATOM   716 C CB   . PHE D 1 4  ? -3.23983  4.45539   6.94831   1.000 14.91248 ? 3   PHE D CB   1 
ATOM   717 C CG   . PHE D 1 4  ? -2.23240  5.24194   6.15767   1.000 14.66658 ? 3   PHE D CG   1 
ATOM   718 C CD1  . PHE D 1 4  ? -1.24448  4.60399   5.42936   1.000 16.41723 ? 3   PHE D CD1  1 
ATOM   719 C CD2  . PHE D 1 4  ? -2.27086  6.62131   6.15549   1.000 18.81541 ? 3   PHE D CD2  1 
ATOM   720 C CE1  . PHE D 1 4  ? -0.31794  5.33362   4.71075   1.000 19.12410 ? 3   PHE D CE1  1 
ATOM   721 C CE2  . PHE D 1 4  ? -1.34512  7.35605   5.43825   1.000 20.91801 ? 3   PHE D CE2  1 
ATOM   722 C CZ   . PHE D 1 4  ? -0.36777  6.70929   4.71663   1.000 20.39875 ? 3   PHE D CZ   1 
ATOM   723 H H    . PHE D 1 4  ? -5.16609  5.07967   5.53672   1.000 16.89114 ? 3   PHE D H    1 
ATOM   724 H HA   . PHE D 1 4  ? -3.49137  3.09952   5.45890   1.000 15.67140 ? 3   PHE D HA   1 
ATOM   725 H HB2  . PHE D 1 4  ? -3.82580  5.08798   7.39259   1.000 17.96426 ? 3   PHE D HB2  1 
ATOM   726 H HB3  . PHE D 1 4  ? -2.75581  3.93267   7.60664   1.000 17.96426 ? 3   PHE D HB3  1 
ATOM   727 H HD1  . PHE D 1 4  ? -1.20383  3.67490   5.42356   1.000 19.76997 ? 3   PHE D HD1  1 
ATOM   728 H HD2  . PHE D 1 4  ? -2.92841  7.06264   6.64309   1.000 22.64777 ? 3   PHE D HD2  1 
ATOM   729 H HE1  . PHE D 1 4  ? 0.34064   4.89494   4.22214   1.000 23.01821 ? 3   PHE D HE1  1 
ATOM   730 H HE2  . PHE D 1 4  ? -1.38269  8.28527   5.44336   1.000 25.17090 ? 3   PHE D HE2  1 
ATOM   731 H HZ   . PHE D 1 4  ? 0.25744   7.20045   4.23416   1.000 24.54778 ? 3   PHE D HZ   1 
ATOM   732 N N    . ALA D 1 5  ? -5.85183  2.71528   7.59273   1.000 13.64339 ? 4   ALA D N    1 
ATOM   733 C CA   . ALA D 1 5  ? -6.50961  1.71645   8.42162   1.000 13.58535 ? 4   ALA D CA   1 
ATOM   734 C C    . ALA D 1 5  ? -6.77185  0.43217   7.65244   1.000 13.23126 ? 4   ALA D C    1 
ATOM   735 O O    . ALA D 1 5  ? -6.56929  -0.66769  8.17871   1.000 14.39902 ? 4   ALA D O    1 
ATOM   736 C CB   . ALA D 1 5  ? -7.81391  2.27762   8.99233   1.000 15.61763 ? 4   ALA D CB   1 
ATOM   737 H H    . ALA D 1 5  ? -6.25613  3.47333   7.55406   1.000 16.44135 ? 4   ALA D H    1 
ATOM   738 H HA   . ALA D 1 5  ? -5.92513  1.50208   9.16547   1.000 16.37170 ? 4   ALA D HA   1 
ATOM   739 H HB1  . ALA D 1 5  ? -8.23882  1.59694   9.53732   1.000 18.81044 ? 4   ALA D HB1  1 
ATOM   740 H HB2  . ALA D 1 5  ? -7.61228  3.05671   9.53387   1.000 18.81044 ? 4   ALA D HB2  1 
ATOM   741 H HB3  . ALA D 1 5  ? -8.39812  2.52664   8.25913   1.000 18.81044 ? 4   ALA D HB3  1 
ATOM   742 N N    . ASN D 1 6  ? -7.24193  0.55191   6.41377   1.000 13.79691 ? 5   ASN D N    1 
ATOM   743 C CA   . ASN D 1 6  ? -7.52003  -0.64324  5.62668   1.000 14.58653 ? 5   ASN D CA   1 
ATOM   744 C C    . ASN D 1 6  ? -6.23100  -1.34280  5.20624   1.000 12.94247 ? 5   ASN D C    1 
ATOM   745 O O    . ASN D 1 6  ? -6.16469  -2.58094  5.19272   1.000 14.38962 ? 5   ASN D O    1 
ATOM   746 C CB   . ASN D 1 6  ? -8.37613  -0.27903  4.41730   1.000 15.49041 ? 5   ASN D CB   1 
ATOM   747 C CG   . ASN D 1 6  ? -9.12398  -1.46896  3.84911   1.000 16.62079 ? 5   ASN D CG   1 
ATOM   748 O OD1  . ASN D 1 6  ? -9.37189  -2.45794  4.53372   1.000 19.09231 ? 5   ASN D OD1  1 
ATOM   749 N ND2  . ASN D 1 6  ? -9.49496  -1.36951  2.58441   1.000 18.63407 ? 5   ASN D ND2  1 
ATOM   750 H H    . ASN D 1 6  ? -7.40475  1.29623   6.01491   1.000 16.62557 ? 5   ASN D H    1 
ATOM   751 H HA   . ASN D 1 6  ? -8.02616  -1.27021  6.16671   1.000 17.57312 ? 5   ASN D HA   1 
ATOM   752 H HB2  . ASN D 1 6  ? -9.02937  0.38756   4.68156   1.000 18.65778 ? 5   ASN D HB2  1 
ATOM   753 H HB3  . ASN D 1 6  ? -7.80320  0.07617   3.71981   1.000 18.65778 ? 5   ASN D HB3  1 
ATOM   754 H HD21 . ASN D 1 6  ? -9.92252  -2.01480  2.20968   1.000 22.43017 ? 5   ASN D HD21 1 
ATOM   755 H HD22 . ASN D 1 6  ? -9.30879  -0.65953  2.13623   1.000 22.43017 ? 5   ASN D HD22 1 
ATOM   756 N N    . LEU D 1 7  ? -5.18700  -0.57665  4.87379   1.000 12.02245 ? 6   LEU D N    1 
ATOM   757 C CA   . LEU D 1 7  ? -3.88326  -1.18875  4.65780   1.000 12.63775 ? 6   LEU D CA   1 
ATOM   758 C C    . LEU D 1 7  ? -3.45732  -2.02221  5.86375   1.000 12.37800 ? 6   LEU D C    1 
ATOM   759 O O    . LEU D 1 7  ? -3.00761  -3.16660  5.71657   1.000 12.87845 ? 6   LEU D O    1 
ATOM   760 C CB   . LEU D 1 7  ? -2.84058  -0.12110  4.34105   1.000 11.46751 ? 6   LEU D CB   1 
ATOM   761 C CG   . LEU D 1 7  ? -1.39653  -0.63476  4.26086   1.000 12.12226 ? 6   LEU D CG   1 
ATOM   762 C CD1  . LEU D 1 7  ? -1.19247  -1.55204  3.06500   1.000 12.75597 ? 6   LEU D CD1  1 
ATOM   763 C CD2  . LEU D 1 7  ? -0.44341  0.54540   4.20894   1.000 13.79959 ? 6   LEU D CD2  1 
ATOM   764 H H    . LEU D 1 7  ? -5.21090  0.27683   4.77082   1.000 14.49622 ? 6   LEU D H    1 
ATOM   765 H HA   . LEU D 1 7  ? -3.94313  -1.77912  3.89048   1.000 15.23459 ? 6   LEU D HA   1 
ATOM   766 H HB2  . LEU D 1 7  ? -3.05790  0.27524   3.48280   1.000 13.83029 ? 6   LEU D HB2  1 
ATOM   767 H HB3  . LEU D 1 7  ? -2.87221  0.55474   5.03613   1.000 13.83029 ? 6   LEU D HB3  1 
ATOM   768 H HG   . LEU D 1 7  ? -1.20258  -1.16244  5.05133   1.000 14.61600 ? 6   LEU D HG   1 
ATOM   769 H HD11 . LEU D 1 7  ? -0.26589  -1.83796  3.04078   1.000 15.37644 ? 6   LEU D HD11 1 
ATOM   770 H HD12 . LEU D 1 7  ? -1.77427  -2.32291  3.15539   1.000 15.37644 ? 6   LEU D HD12 1 
ATOM   771 H HD13 . LEU D 1 7  ? -1.41017  -1.06664  2.25389   1.000 15.37644 ? 6   LEU D HD13 1 
ATOM   772 H HD21 . LEU D 1 7  ? 0.45982   0.21640   4.07921   1.000 16.62879 ? 6   LEU D HD21 1 
ATOM   773 H HD22 . LEU D 1 7  ? -0.69467  1.12200   3.47050   1.000 16.62879 ? 6   LEU D HD22 1 
ATOM   774 H HD23 . LEU D 1 7  ? -0.50048  1.03442   5.04470   1.000 16.62879 ? 6   LEU D HD23 1 
ATOM   775 N N    . TRP D 1 8  ? -3.58205  -1.47415  7.07001   1.000 12.12035 ? 7   TRP D N    1 
ATOM   776 C CA   . TRP D 1 8  ? -3.15478  -2.23916  8.23434   1.000 12.79740 ? 7   TRP D CA   1 
ATOM   777 C C    . TRP D 1 8  ? -4.00650  -3.49190  8.41807   1.000 12.19435 ? 7   TRP D C    1 
ATOM   778 O O    . TRP D 1 8  ? -3.49019  -4.55847  8.78212   1.000 13.84015 ? 7   TRP D O    1 
ATOM   779 C CB   . TRP D 1 8  ? -3.20671  -1.38705  9.49940   1.000 13.34214 ? 7   TRP D CB   1 
ATOM   780 C CG   . TRP D 1 8  ? -2.52264  -0.07328  9.42562   1.000 12.91785 ? 7   TRP D CG   1 
ATOM   781 C CD1  . TRP D 1 8  ? -2.96647  1.09016   9.96205   1.000 13.76458 ? 7   TRP D CD1  1 
ATOM   782 C CD2  . TRP D 1 8  ? -1.27646  0.22609   8.79158   1.000 14.10114 ? 7   TRP D CD2  1 
ATOM   783 N NE1  . TRP D 1 8  ? -2.08456  2.10143   9.70193   1.000 14.31635 ? 7   TRP D NE1  1 
ATOM   784 C CE2  . TRP D 1 8  ? -1.03699  1.59598   8.98039   1.000 14.56793 ? 7   TRP D CE2  1 
ATOM   785 C CE3  . TRP D 1 8  ? -0.34277  -0.52670  8.07351   1.000 15.30923 ? 7   TRP D CE3  1 
ATOM   786 C CZ2  . TRP D 1 8  ? 0.09127   2.23457   8.47668   1.000 16.35564 ? 7   TRP D CZ2  1 
ATOM   787 C CZ3  . TRP D 1 8  ? 0.78241   0.11187   7.57348   1.000 18.49197 ? 7   TRP D CZ3  1 
ATOM   788 C CH2  . TRP D 1 8  ? 0.98878   1.47508   7.78311   1.000 17.91565 ? 7   TRP D CH2  1 
ATOM   789 H H    . TRP D 1 8  ? -3.89861  -0.69164  7.23447   1.000 14.61370 ? 7   TRP D H    1 
ATOM   790 H HA   . TRP D 1 8  ? -2.23296  -2.50553  8.09222   1.000 15.42616 ? 7   TRP D HA   1 
ATOM   791 H HB2  . TRP D 1 8  ? -4.13748  -1.21401  9.71064   1.000 16.07985 ? 7   TRP D HB2  1 
ATOM   792 H HB3  . TRP D 1 8  ? -2.79053  -1.88679  10.21909  1.000 16.07985 ? 7   TRP D HB3  1 
ATOM   793 H HD1  . TRP D 1 8  ? -3.75878  1.18645   10.43940  1.000 16.58679 ? 7   TRP D HD1  1 
ATOM   794 H HE1  . TRP D 1 8  ? -2.17319  2.91994   9.95049   1.000 17.24890 ? 7   TRP D HE1  1 
ATOM   795 H HE3  . TRP D 1 8  ? -0.47334  -1.43684  7.93395   1.000 18.44036 ? 7   TRP D HE3  1 
ATOM   796 H HZ2  . TRP D 1 8  ? 0.22906   3.14496   8.60750   1.000 19.69606 ? 7   TRP D HZ2  1 
ATOM   797 H HZ3  . TRP D 1 8  ? 1.40926   -0.37688  7.09069   1.000 22.25965 ? 7   TRP D HZ3  1 
ATOM   798 H HH2  . TRP D 1 8  ? 1.75567   1.87603   7.44248   1.000 21.56806 ? 7   TRP D HH2  1 
ATOM   799 N N    . ARG D 1 9  ? -5.31657  -3.37311  8.21006   1.000 13.92935 ? 8   ARG D N    1 
ATOM   800 C CA   . ARG D 1 9  ? -6.18775  -4.53948  8.30346   1.000 14.81909 ? 8   ARG D CA   1 
ATOM   801 C C    . ARG D 1 9  ? -5.72933  -5.63089  7.35135   1.000 14.25275 ? 8   ARG D C    1 
ATOM   802 O O    . ARG D 1 9  ? -5.63932  -6.80749  7.72432   1.000 15.72475 ? 8   ARG D O    1 
ATOM   803 C CB   . ARG D 1 9  ? -7.62702  -4.13174  7.98858   1.000 16.64653 ? 8   ARG D CB   1 
ATOM   804 C CG   . ARG D 1 9  ? -8.62600  -5.28416  8.01108   1.000 20.84150 ? 8   ARG D CG   1 
ATOM   805 C CD   . ARG D 1 9  ? -10.02377 -4.80017  7.65523   1.000 22.98909 ? 8   ARG D CD   1 
ATOM   806 N NE   . ARG D 1 9  ? -10.15525 -4.51143  6.23230   1.000 23.66110 ? 8   ARG D NE   1 
ATOM   807 C CZ   . ARG D 1 9  ? -10.39775 -5.42018  5.29506   1.000 24.69524 ? 8   ARG D CZ   1 
ATOM   808 N NH1  . ARG D 1 9  ? -10.55340 -6.69938  5.59296   1.000 27.19885 ? 8   ARG D NH1  1 
ATOM   809 N NH2  . ARG D 1 9  ? -10.49393 -5.03320  4.02709   1.000 24.05823 ? 8   ARG D NH2  1 
ATOM   810 H H    . ARG D 1 9  ? -5.71994  -2.63873  8.01618   1.000 16.78451 ? 8   ARG D H    1 
ATOM   811 H HA   . ARG D 1 9  ? -6.15710  -4.88824  9.20807   1.000 17.85220 ? 8   ARG D HA   1 
ATOM   812 H HB2  . ARG D 1 9  ? -7.91529  -3.48031  8.64693   1.000 20.04512 ? 8   ARG D HB2  1 
ATOM   813 H HB3  . ARG D 1 9  ? -7.65072  -3.73983  7.10160   1.000 20.04512 ? 8   ARG D HB3  1 
ATOM   814 H HG2  . ARG D 1 9  ? -8.35953  -5.95571  7.36385   1.000 25.07909 ? 8   ARG D HG2  1 
ATOM   815 H HG3  . ARG D 1 9  ? -8.65229  -5.67194  8.89981   1.000 25.07909 ? 8   ARG D HG3  1 
ATOM   816 H HD2  . ARG D 1 9  ? -10.66805 -5.48768  7.88576   1.000 27.65620 ? 8   ARG D HD2  1 
ATOM   817 H HD3  . ARG D 1 9  ? -10.21536 -3.98718  8.14841   1.000 27.65620 ? 8   ARG D HD3  1 
ATOM   818 H HE   . ARG D 1 9  ? -10.06953 -3.69320  5.98179   1.000 28.46260 ? 8   ARG D HE   1 
ATOM   819 H HH11 . ARG D 1 9  ? -10.49825 -6.96027  6.41058   1.000 32.70791 ? 8   ARG D HH11 1 
ATOM   820 H HH12 . ARG D 1 9  ? -10.70978 -7.27024  4.96906   1.000 32.70791 ? 8   ARG D HH12 1 
ATOM   821 H HH21 . ARG D 1 9  ? -10.39935 -4.20327  3.82244   1.000 28.93916 ? 8   ARG D HH21 1 
ATOM   822 H HH22 . ARG D 1 9  ? -10.65074 -5.61274  3.41134   1.000 28.93916 ? 8   ARG D HH22 1 
ATOM   823 N N    . LEU D 1 10 ? -5.41932  -5.25304  6.11318   1.000 13.98155 ? 9   LEU D N    1 
ATOM   824 C CA   . LEU D 1 10 ? -5.02882  -6.24137  5.11743   1.000 14.18296 ? 9   LEU D CA   1 
ATOM   825 C C    . LEU D 1 10 ? -3.64290  -6.80479  5.40670   1.000 13.66009 ? 9   LEU D C    1 
ATOM   826 O O    . LEU D 1 10 ? -3.38559  -7.99247  5.16349   1.000 15.73000 ? 9   LEU D O    1 
ATOM   827 C CB   . LEU D 1 10 ? -5.09475  -5.62563  3.72296   1.000 15.63998 ? 9   LEU D CB   1 
ATOM   828 C CG   . LEU D 1 10 ? -6.51581  -5.35903  3.22880   1.000 17.14829 ? 9   LEU D CG   1 
ATOM   829 C CD1  . LEU D 1 10 ? -6.48610  -4.60904  1.91843   1.000 19.63112 ? 9   LEU D CD1  1 
ATOM   830 C CD2  . LEU D 1 10 ? -7.28774  -6.65509  3.08652   1.000 20.55015 ? 9   LEU D CD2  1 
ATOM   831 H H    . LEU D 1 10 ? -5.42737  -4.44141  5.82897   1.000 16.84714 ? 9   LEU D H    1 
ATOM   832 H HA   . LEU D 1 10 ? -5.65448  -6.98213  5.14409   1.000 17.08883 ? 9   LEU D HA   1 
ATOM   833 H HB2  . LEU D 1 10 ? -4.62188  -4.77878  3.73496   1.000 18.83726 ? 9   LEU D HB2  1 
ATOM   834 H HB3  . LEU D 1 10 ? -4.67223  -6.23268  3.09537   1.000 18.83726 ? 9   LEU D HB3  1 
ATOM   835 H HG   . LEU D 1 10 ? -6.97780  -4.80946  3.88106   1.000 20.64723 ? 9   LEU D HG   1 
ATOM   836 H HD11 . LEU D 1 10 ? -7.38457  -4.31343  1.70332   1.000 23.62663 ? 9   LEU D HD11 1 
ATOM   837 H HD12 . LEU D 1 10 ? -5.89793  -3.84274  2.00640   1.000 23.62663 ? 9   LEU D HD12 1 
ATOM   838 H HD13 . LEU D 1 10 ? -6.15718  -5.20043  1.22346   1.000 23.62663 ? 9   LEU D HD13 1 
ATOM   839 H HD21 . LEU D 1 10 ? -7.99985  -6.52919  2.44004   1.000 24.72947 ? 9   LEU D HD21 1 
ATOM   840 H HD22 . LEU D 1 10 ? -6.68388  -7.35055  2.78223   1.000 24.72947 ? 9   LEU D HD22 1 
ATOM   841 H HD23 . LEU D 1 10 ? -7.66215  -6.89591  3.94834   1.000 24.72947 ? 9   LEU D HD23 1 
ATOM   842 N N    . LEU D 1 11 ? -2.73279  -5.97026  5.90976   1.000 14.41071 ? 10  LEU D N    1 
ATOM   843 C CA   . LEU D 1 11 ? -1.43977  -6.48224  6.34746   1.000 15.04451 ? 10  LEU D CA   1 
ATOM   844 C C    . LEU D 1 11 ? -1.60642  -7.48115  7.48461   1.000 14.72070 ? 10  LEU D C    1 
ATOM   845 O O    . LEU D 1 11 ? -0.94328  -8.52389  7.51464   1.000 16.87779 ? 10  LEU D O    1 
ATOM   846 C CB   . LEU D 1 11 ? -0.54256  -5.33719  6.80858   1.000 16.12127 ? 10  LEU D CB   1 
ATOM   847 C CG   . LEU D 1 11 ? 0.47181   -4.80051  5.80244   1.000 14.02233 ? 10  LEU D CG   1 
ATOM   848 C CD1  . LEU D 1 11 ? 1.04875   -3.47863  6.27036   1.000 16.39967 ? 10  LEU D CD1  1 
ATOM   849 C CD2  . LEU D 1 11 ? 1.56973   -5.82558  5.53628   1.000 13.57500 ? 10  LEU D CD2  1 
ATOM   850 H H    . LEU D 1 11 ? -2.83811  -5.12214  6.00570   1.000 17.36214 ? 10  LEU D H    1 
ATOM   851 H HA   . LEU D 1 11 ? -1.01574  -6.92341  5.59482   1.000 18.12270 ? 10  LEU D HA   1 
ATOM   852 H HB2  . LEU D 1 11 ? -1.11304  -4.59358  7.05855   1.000 19.41481 ? 10  LEU D HB2  1 
ATOM   853 H HB3  . LEU D 1 11 ? -0.04040  -5.64393  7.57971   1.000 19.41481 ? 10  LEU D HB3  1 
ATOM   854 H HG   . LEU D 1 11 ? 0.02015   -4.63682  4.95976   1.000 16.89608 ? 10  LEU D HG   1 
ATOM   855 H HD11 . LEU D 1 11 ? 1.83197   -3.26965  5.73763   1.000 19.74889 ? 10  LEU D HD11 1 
ATOM   856 H HD12 . LEU D 1 11 ? 0.37933   -2.78530  6.16045   1.000 19.74889 ? 10  LEU D HD12 1 
ATOM   857 H HD13 . LEU D 1 11 ? 1.29544   -3.55501  7.20535   1.000 19.74889 ? 10  LEU D HD13 1 
ATOM   858 H HD21 . LEU D 1 11 ? 2.29615   -5.39384  5.06001   1.000 16.35929 ? 10  LEU D HD21 1 
ATOM   859 H HD22 . LEU D 1 11 ? 1.88987   -6.17268  6.38358   1.000 16.35929 ? 10  LEU D HD22 1 
ATOM   860 H HD23 . LEU D 1 11 ? 1.20507   -6.54686  4.99991   1.000 16.35929 ? 10  LEU D HD23 1 
ATOM   861 N N    . ALA D 1 12 ? -2.44648  -7.15781  8.46435   1.000 14.80655 ? 11  ALA D N    1 
ATOM   862 C CA   . ALA D 1 12 ? -2.63614  -8.08138  9.57704   1.000 16.59569 ? 11  ALA D CA   1 
ATOM   863 C C    . ALA D 1 12 ? -3.22992  -9.40196  9.10249   1.000 16.76568 ? 11  ALA D C    1 
ATOM   864 O O    . ALA D 1 12 ? -2.84934  -10.47425 9.58619   1.000 19.12384 ? 11  ALA D O    1 
ATOM   865 C CB   . ALA D 1 12 ? -3.52426  -7.43688  10.63652  1.000 17.80836 ? 11  ALA D CB   1 
ATOM   866 H H    . ALA D 1 12 ? -2.90518  -6.43164  8.50763   1.000 17.83715 ? 11  ALA D H    1 
ATOM   867 H HA   . ALA D 1 12 ? -1.77539  -8.27234  9.98145   1.000 19.98411 ? 11  ALA D HA   1 
ATOM   868 H HB1  . ALA D 1 12 ? -3.66987  -8.07173  11.35531  1.000 21.43932 ? 11  ALA D HB1  1 
ATOM   869 H HB2  . ALA D 1 12 ? -3.08237  -6.64443  10.97954  1.000 21.43932 ? 11  ALA D HB2  1 
ATOM   870 H HB3  . ALA D 1 12 ? -4.37218  -7.19417  10.23275  1.000 21.43932 ? 11  ALA D HB3  1 
ATOM   871 N N    . GLN D 1 13 ? -4.15321  -9.33748  8.14084   1.000 17.42766 ? 12  GLN D N    1 
ATOM   872 C CA   . GLN D 1 13 ? -4.83861  -10.53081 7.65875   1.000 19.60970 ? 12  GLN D CA   1 
ATOM   873 C C    . GLN D 1 13 ? -3.92072  -11.39869 6.81363   1.000 18.20510 ? 12  GLN D C    1 
ATOM   874 O O    . GLN D 1 13 ? -3.93898  -12.62914 6.93171   1.000 22.09635 ? 12  GLN D O    1 
ATOM   875 C CB   . GLN D 1 13 ? -6.02686  -10.09007 6.80828   1.000 22.31455 ? 12  GLN D CB   1 
ATOM   876 C CG   . GLN D 1 13 ? -7.15412  -11.06984 6.67742   1.000 28.50566 ? 12  GLN D CG   1 
ATOM   877 C CD   . GLN D 1 13 ? -8.26359  -10.50661 5.81560   1.000 34.17200 ? 12  GLN D CD   1 
ATOM   878 O OE1  . GLN D 1 13 ? -8.21704  -10.59154 4.58650   1.000 35.36191 ? 12  GLN D OE1  1 
ATOM   879 N NE2  . GLN D 1 13 ? -9.24596  -9.88076  6.45464   1.000 38.00724 ? 12  GLN D NE2  1 
ATOM   880 H H    . GLN D 1 13 ? -4.40051  -8.61190  7.75099   1.000 20.98247 ? 12  GLN D H    1 
ATOM   881 H HA   . GLN D 1 13 ? -5.14046  -11.05432 8.41751   1.000 23.60093 ? 12  GLN D HA   1 
ATOM   882 H HB2  . GLN D 1 13 ? -6.39532  -9.28304  7.20053   1.000 26.84675 ? 12  GLN D HB2  1 
ATOM   883 H HB3  . GLN D 1 13 ? -5.70429  -9.90601  5.91220   1.000 26.84675 ? 12  GLN D HB3  1 
ATOM   884 H HG2  . GLN D 1 13 ? -6.82758  -11.88465 6.26465   1.000 34.27607 ? 12  GLN D HG2  1 
ATOM   885 H HG3  . GLN D 1 13 ? -7.51607  -11.26499 7.55594   1.000 34.27607 ? 12  GLN D HG3  1 
ATOM   886 H HE21 . GLN D 1 13 ? -9.22728  -9.81385  7.31183   1.000 45.67797 ? 12  GLN D HE21 1 
ATOM   887 H HE22 . GLN D 1 13 ? -9.90057  -9.54256  6.01110   1.000 45.67797 ? 12  GLN D HE22 1 
ATOM   888 N N    . ASN D 1 14 ? -3.11931  -10.77825 5.94932   1.000 17.20348 ? 13  ASN D N    1 
ATOM   889 C CA   . ASN D 1 14 ? -2.32771  -11.51065 4.97249   1.000 16.70234 ? 13  ASN D CA   1 
ATOM   890 C C    . ASN D 1 14 ? -0.88977  -11.76146 5.39569   1.000 16.08930 ? 13  ASN D C    1 
ATOM   891 O O    . ASN D 1 14 ? -0.26015  -12.67305 4.84425   1.000 18.16368 ? 13  ASN D O    1 
ATOM   892 C CB   . ASN D 1 14 ? -2.33163  -10.76093 3.63925   1.000 16.63245 ? 13  ASN D CB   1 
ATOM   893 C CG   . ASN D 1 14 ? -3.67458  -10.81437 2.96475   1.000 19.94640 ? 13  ASN D CG   1 
ATOM   894 O OD1  . ASN D 1 14 ? -4.48656  -9.89762  3.09538   1.000 21.13201 ? 13  ASN D OD1  1 
ATOM   895 N ND2  . ASN D 1 14 ? -3.92921  -11.89573 2.25106   1.000 20.55012 ? 13  ASN D ND2  1 
ATOM   896 H H    . ASN D 1 14 ? -3.01792  -9.92511  5.91085   1.000 20.71346 ? 13  ASN D H    1 
ATOM   897 H HA   . ASN D 1 14 ? -2.73650  -12.38008 4.83882   1.000 20.11209 ? 13  ASN D HA   1 
ATOM   898 H HB2  . ASN D 1 14 ? -2.10850  -9.83012  3.79638   1.000 20.02823 ? 13  ASN D HB2  1 
ATOM   899 H HB3  . ASN D 1 14 ? -1.67837  -11.16304 3.04557   1.000 20.02823 ? 13  ASN D HB3  1 
ATOM   900 H HD21 . ASN D 1 14 ? -3.34104  -12.52037 2.19209   1.000 24.72943 ? 13  ASN D HD21 1 
ATOM   901 H HD22 . ASN D 1 14 ? -4.68322  -11.97539 1.84521   1.000 24.72943 ? 13  ASN D HD22 1 
ATOM   902 N N    . CYS D 1 15 ? -0.37141  -10.99977 6.35838   1.000 14.33431 ? 14  CYS D N    1 
ATOM   903 C CA   . CYS D 1 15 ? 1.01255   -11.13392 6.79404   1.000 14.51539 ? 14  CYS D CA   1 
ATOM   904 C C    . CYS D 1 15 ? 1.14281   -11.36119 8.29980   1.000 14.87646 ? 14  CYS D C    1 
ATOM   905 O O    . CYS D 1 15 ? 2.25089   -11.46170 8.80887   1.000 17.28495 ? 14  CYS D O    1 
ATOM   906 C CB   . CYS D 1 15 ? 1.83414   -9.89081  6.43171   1.000 14.12221 ? 14  CYS D CB   1 
ATOM   907 S SG   . CYS D 1 15 ? 1.95638   -9.56965  4.65989   1.000 14.93461 ? 14  CYS D SG   1 
ATOM   908 H H    . CYS D 1 15 ? -0.80868  -10.39035 6.77909   1.000 17.27045 ? 14  CYS D H    1 
ATOM   909 H HA   . CYS D 1 15 ? 1.37077   -11.90851 6.33298   1.000 17.48775 ? 14  CYS D HA   1 
ATOM   910 H HB2  . CYS D 1 15 ? 1.42023   -9.11582  6.84275   1.000 17.01594 ? 14  CYS D HB2  1 
ATOM   911 H HB3  . CYS D 1 15 ? 2.73515   -10.00544 6.77222   1.000 17.01594 ? 14  CYS D HB3  1 
HETATM 912 N N    . NH2 D 1 16 ? 0.02205   -11.43789 9.00824   1.000 16.43967 ? 15  NH2 D N    1 
HETATM 913 S S    . SO4 E 2 .  ? -5.75591  8.10841   5.30146   1.000 20.12827 ? 101 SO4 B S    1 
HETATM 914 O O1   . SO4 E 2 .  ? -4.77683  9.04821   5.83678   1.000 28.41888 ? 101 SO4 B O1   1 
HETATM 915 O O2   . SO4 E 2 .  ? -7.05634  8.76933   5.15509   1.000 31.33492 ? 101 SO4 B O2   1 
HETATM 916 O O3   . SO4 E 2 .  ? -5.29065  7.67296   3.99674   1.000 25.53777 ? 101 SO4 B O3   1 
HETATM 917 O O4   . SO4 E 2 .  ? -5.89286  6.93270   6.15238   1.000 22.55437 ? 101 SO4 B O4   1 
HETATM 918 O O    . HOH F 3 .  ? 13.23060  0.15438   1.15507   1.000 36.01862 ? 101 HOH A O    1 
HETATM 919 O O    . HOH F 3 .  ? 7.67101   10.40183  -2.07034  1.000 38.09345 ? 102 HOH A O    1 
HETATM 920 O O    . HOH F 3 .  ? 10.03732  6.47191   -2.90133  1.000 40.16319 ? 103 HOH A O    1 
HETATM 921 O O    . HOH F 3 .  ? 4.07308   12.45908  -2.22135  1.000 30.26637 ? 104 HOH A O    1 
HETATM 922 O O    . HOH F 3 .  ? 4.99328   -7.91253  -4.26614  1.000 23.45283 ? 105 HOH A O    1 
HETATM 923 O O    . HOH F 3 .  ? 12.34545  -2.67879  -3.71332  1.000 36.45807 ? 106 HOH A O    1 
HETATM 924 O O    . HOH F 3 .  ? 5.41119   14.40209  1.69312   1.000 37.13762 ? 107 HOH A O    1 
HETATM 925 O O    . HOH F 3 .  ? 7.72228   -5.71243  -8.97021  1.000 34.61249 ? 108 HOH A O    1 
HETATM 926 O O    . HOH F 3 .  ? 9.61099   3.81028   -2.96605  1.000 35.12905 ? 109 HOH A O    1 
HETATM 927 O O    . HOH F 3 .  ? 10.23736  -6.22631  -0.26584  1.000 27.18755 ? 110 HOH A O    1 
HETATM 928 O O    . HOH F 3 .  ? 7.50629   -8.18865  -1.51331  1.000 21.70266 ? 111 HOH A O    1 
HETATM 929 O O    . HOH F 3 .  ? 8.74952   12.78735  -1.49388  1.000 43.61088 ? 112 HOH A O    1 
HETATM 930 O O    . HOH F 3 .  ? 8.35169   3.65112   -5.57930  1.000 37.83272 ? 113 HOH A O    1 
HETATM 931 O O    . HOH F 3 .  ? 17.03322  -2.91912  -3.86774  1.000 57.18006 ? 114 HOH A O    1 
HETATM 932 O O    . HOH F 3 .  ? 7.42238   10.15405  -4.78726  1.000 39.79277 ? 115 HOH A O    1 
HETATM 933 O O    . HOH F 3 .  ? 12.35569  -6.27620  -1.80633  1.000 37.93603 ? 116 HOH A O    1 
HETATM 934 O O    . HOH F 3 .  ? 10.41154  -7.01482  2.84626   1.000 33.98041 ? 117 HOH A O    1 
HETATM 935 O O    . HOH F 3 .  ? 5.26725   12.61461  -4.39645  1.000 37.66264 ? 118 HOH A O    1 
HETATM 936 O O    . HOH G 3 .  ? -6.19351  8.00422   1.60610   1.000 21.53941 ? 201 HOH B O    1 
HETATM 937 O O    . HOH G 3 .  ? -6.83852  5.46298   8.19226   1.000 17.21845 ? 202 HOH B O    1 
HETATM 938 O O    . HOH G 3 .  ? 2.23553   5.54697   -10.37063 1.000 21.62216 ? 203 HOH B O    1 
HETATM 939 O O    . HOH G 3 .  ? 2.15172   12.58447  -5.21841  1.000 36.97027 ? 204 HOH B O    1 
HETATM 940 O O    . HOH G 3 .  ? -2.28462  10.45011  7.54503   1.000 36.39962 ? 205 HOH B O    1 
HETATM 941 O O    . HOH G 3 .  ? -1.04825  10.95341  -5.75561  1.000 30.53371 ? 206 HOH B O    1 
HETATM 942 O O    . HOH G 3 .  ? 7.03729   -3.70866  -11.53039 1.000 27.95335 ? 207 HOH B O    1 
HETATM 943 O O    . HOH G 3 .  ? 4.56048   6.86944   -11.27600 1.000 31.46808 ? 208 HOH B O    1 
HETATM 944 O O    . HOH G 3 .  ? -1.70989  -5.51209  -10.77848 1.000 30.15579 ? 209 HOH B O    1 
HETATM 945 O O    . HOH G 3 .  ? 5.44085   2.81908   -8.77862  1.000 24.36846 ? 210 HOH B O    1 
HETATM 946 O O    . HOH G 3 .  ? 7.14118   1.48617   -6.89021  1.000 32.51797 ? 211 HOH B O    1 
HETATM 947 O O    . HOH G 3 .  ? -1.46750  13.00020  0.32514   1.000 32.79639 ? 212 HOH B O    1 
HETATM 948 O O    . HOH G 3 .  ? -7.67945  10.58368  -3.14863  1.000 38.49619 ? 213 HOH B O    1 
HETATM 949 O O    . HOH G 3 .  ? -5.33794  11.70050  -0.98154  1.000 37.47715 ? 214 HOH B O    1 
HETATM 950 O O    . HOH G 3 .  ? 0.33320   14.86828  4.76874   1.000 35.73201 ? 215 HOH B O    1 
HETATM 951 O O    . HOH G 3 .  ? 9.34882   -2.62671  -11.76004 1.000 39.93428 ? 216 HOH B O    1 
HETATM 952 O O    . HOH G 3 .  ? -1.02495  13.93886  -1.68258  1.000 42.09526 ? 217 HOH B O    1 
HETATM 953 O O    . HOH G 3 .  ? 7.47978   4.65755   -9.77724  1.000 41.01354 ? 218 HOH B O    1 
HETATM 954 O O    . HOH G 3 .  ? 2.29259   -6.98940  -11.76547 1.000 34.01930 ? 219 HOH B O    1 
HETATM 955 O O    . HOH G 3 .  ? -7.39288  12.63804  4.86946   1.000 50.29786 ? 220 HOH B O    1 
HETATM 956 O O    . HOH G 3 .  ? -8.58027  11.79150  2.84694   1.000 46.28706 ? 221 HOH B O    1 
HETATM 957 O O    . HOH G 3 .  ? 11.68253  -1.39953  -10.38387 1.000 44.81270 ? 222 HOH B O    1 
HETATM 958 O O    . HOH G 3 .  ? 3.49246   -7.02553  -9.63324  1.000 37.99173 ? 223 HOH B O    1 
HETATM 959 O O    . HOH G 3 .  ? -7.33665  10.20089  0.65176   1.000 33.29951 ? 224 HOH B O    1 
HETATM 960 O O    . HOH G 3 .  ? 0.28117   10.30304  -7.98883  1.000 39.66385 ? 225 HOH B O    1 
HETATM 961 O O    . HOH H 3 .  ? -14.76098 -1.53660  -5.84589  1.000 35.29328 ? 101 HOH C O    1 
HETATM 962 O O    . HOH H 3 .  ? -4.43104  -9.82780  -5.64221  1.000 28.45575 ? 102 HOH C O    1 
HETATM 963 O O    . HOH H 3 .  ? -5.94601  -11.95384 -3.11205  1.000 34.80189 ? 103 HOH C O    1 
HETATM 964 O O    . HOH H 3 .  ? 1.73345   -11.62258 -5.47593  1.000 32.58425 ? 104 HOH C O    1 
HETATM 965 O O    . HOH H 3 .  ? 5.25120   -14.29850 0.70374   1.000 33.08083 ? 105 HOH C O    1 
HETATM 966 O O    . HOH H 3 .  ? -11.01912 -3.51056  1.18512   1.000 28.86810 ? 106 HOH C O    1 
HETATM 967 O O    . HOH H 3 .  ? 6.83967   -11.60215 2.19058   1.000 37.77152 ? 107 HOH C O    1 
HETATM 968 O O    . HOH H 3 .  ? -13.78401 2.51041   -1.05128  1.000 32.84379 ? 108 HOH C O    1 
HETATM 969 O O    . HOH H 3 .  ? -2.94054  -14.37009 -3.04693  1.000 37.97589 ? 109 HOH C O    1 
HETATM 970 O O    . HOH H 3 .  ? 4.85404   -10.13673 -5.86621  1.000 37.57609 ? 110 HOH C O    1 
HETATM 971 O O    . HOH H 3 .  ? 6.33866   -14.39115 -1.64998  1.000 37.69246 ? 111 HOH C O    1 
HETATM 972 O O    . HOH I 3 .  ? -7.58551  -10.15208 2.44291   1.000 33.47662 ? 101 HOH D O    1 
HETATM 973 O O    . HOH I 3 .  ? -5.16123  -14.59483 5.69006   1.000 26.73719 ? 102 HOH D O    1 
HETATM 974 O O    . HOH I 3 .  ? 4.91019   -11.84774 8.71400   1.000 20.77677 ? 103 HOH D O    1 
HETATM 975 O O    . HOH I 3 .  ? -3.81550  -12.83785 10.58271  1.000 26.65850 ? 104 HOH D O    1 
HETATM 976 O O    . HOH I 3 .  ? -5.56412  -12.27490 0.00864   1.000 30.73952 ? 105 HOH D O    1 
HETATM 977 O O    . HOH I 3 .  ? -7.74448  -0.82244  10.75835  1.000 16.98732 ? 106 HOH D O    1 
HETATM 978 O O    . HOH I 3 .  ? -7.09385  -7.81997  9.95224   1.000 27.54493 ? 107 HOH D O    1 
HETATM 979 O O    . HOH I 3 .  ? -2.59937  4.86300   10.38618  1.000 20.49358 ? 108 HOH D O    1 
HETATM 980 O O    . HOH I 3 .  ? -11.81879 5.46709   0.70050   1.000 24.74111 ? 109 HOH D O    1 
HETATM 981 O O    . HOH I 3 .  ? -9.48155  -9.44708  1.04475   1.000 36.78284 ? 110 HOH D O    1 
HETATM 982 O O    . HOH I 3 .  ? -9.87839  -2.34234  10.55982  1.000 28.50940 ? 111 HOH D O    1 
HETATM 983 O O    . HOH I 3 .  ? -9.39563  7.91667   -1.93744  1.000 35.43070 ? 112 HOH D O    1 
HETATM 984 O O    . HOH I 3 .  ? -0.74803  6.87890   10.71730  1.000 34.26555 ? 113 HOH D O    1 
HETATM 985 O O    . HOH I 3 .  ? 6.78209   -13.24489 6.85293   1.000 31.83438 ? 114 HOH D O    1 
HETATM 986 O O    . HOH I 3 .  ? 1.17187   6.50261   9.55810   1.000 33.56262 ? 115 HOH D O    1 
HETATM 987 O O    . HOH I 3 .  ? -9.85015  -4.59568  11.72850  1.000 36.25807 ? 116 HOH D O    1 
HETATM 988 O O    . HOH I 3 .  ? -9.23076  -4.60504  13.94157  1.000 37.08935 ? 117 HOH D O    1 
# 
loop_
_atom_site_anisotrop.id 
_atom_site_anisotrop.type_symbol 
_atom_site_anisotrop.pdbx_label_atom_id 
_atom_site_anisotrop.pdbx_label_alt_id 
_atom_site_anisotrop.pdbx_label_comp_id 
_atom_site_anisotrop.pdbx_label_asym_id 
_atom_site_anisotrop.pdbx_label_seq_id 
_atom_site_anisotrop.pdbx_PDB_ins_code 
_atom_site_anisotrop.U[1][1] 
_atom_site_anisotrop.U[2][2] 
_atom_site_anisotrop.U[3][3] 
_atom_site_anisotrop.U[1][2] 
_atom_site_anisotrop.U[1][3] 
_atom_site_anisotrop.U[2][3] 
_atom_site_anisotrop.pdbx_auth_seq_id 
_atom_site_anisotrop.pdbx_auth_comp_id 
_atom_site_anisotrop.pdbx_auth_asym_id 
_atom_site_anisotrop.pdbx_auth_atom_id 
1   C C   . ACE A 1  ? 0.24397 0.52191 0.22331 0.09396  0.03854  0.02979  0   ACE A C   
2   O O   . ACE A 1  ? 0.27123 0.54340 0.26197 0.07085  0.03912  0.03861  0   ACE A O   
3   C CH3 . ACE A 1  ? 0.27213 0.60413 0.25458 0.10215  0.04079  0.03883  0   ACE A CH3 
4   N N   . CYS A 2  ? 0.23921 0.47520 0.20011 0.11196  0.03421  0.01232  1   CYS A N   
5   C CA  . CYS A 2  ? 0.22233 0.40974 0.17812 0.10531  0.03047  0.00359  1   CYS A CA  
6   C C   . CYS A 2  ? 0.23297 0.40740 0.19177 0.11372  0.02513  -0.00269 1   CYS A C   
7   O O   . CYS A 2  ? 0.27516 0.41424 0.21664 0.12940  0.01692  -0.01584 1   CYS A O   
8   C CB  . CYS A 2  ? 0.23254 0.38041 0.16650 0.11429  0.02504  -0.00971 1   CYS A CB  
9   S SG  . CYS A 2  ? 0.23800 0.33722 0.16621 0.10052  0.01986  -0.01603 1   CYS A SG  
14  N N   . THR A 3  ? 0.21219 0.41323 0.19163 0.10077  0.02786  0.00821  2   THR A N   
15  C CA  . THR A 3  ? 0.20851 0.40934 0.19456 0.10890  0.02261  0.00583  2   THR A CA  
16  C C   . THR A 3  ? 0.18222 0.36814 0.18237 0.08394  0.01865  0.01214  2   THR A C   
17  O O   . THR A 3  ? 0.17342 0.35964 0.17946 0.05907  0.02031  0.02153  2   THR A O   
18  C CB  . THR A 3  ? 0.22393 0.47729 0.21921 0.11391  0.02485  0.01588  2   THR A CB  
19  O OG1 . THR A 3  ? 0.22541 0.51840 0.23850 0.08785  0.02969  0.03349  2   THR A OG1 
20  C CG2 . THR A 3  ? 0.24745 0.50974 0.22315 0.13860  0.02503  0.00943  2   THR A CG2 
28  N N   . PHE A 4  ? 0.18028 0.34537 0.18030 0.08939  0.01065  0.00735  3   PHE A N   
29  C CA  . PHE A 4  ? 0.17344 0.32759 0.18364 0.06587  0.00541  0.01352  3   PHE A CA  
30  C C   . PHE A 4  ? 0.17034 0.37218 0.19920 0.04826  0.00829  0.02820  3   PHE A C   
31  O O   . PHE A 4  ? 0.17003 0.35857 0.20084 0.02219  0.00527  0.03397  3   PHE A O   
32  C CB  . PHE A 4  ? 0.18813 0.32188 0.19477 0.07616  -0.00361 0.00884  3   PHE A CB  
33  C CG  . PHE A 4  ? 0.19405 0.27332 0.18184 0.07780  -0.01045 -0.00070 3   PHE A CG  
34  C CD1 . PHE A 4  ? 0.20798 0.26272 0.19326 0.05705  -0.01113 -0.00064 3   PHE A CD1 
35  C CD2 . PHE A 4  ? 0.23696 0.28997 0.20714 0.10005  -0.01767 -0.00894 3   PHE A CD2 
36  C CE1 . PHE A 4  ? 0.24176 0.25886 0.21254 0.05499  -0.01765 -0.00604 3   PHE A CE1 
37  C CE2 . PHE A 4  ? 0.28570 0.28883 0.23717 0.09456  -0.02673 -0.01456 3   PHE A CE2 
38  C CZ  . PHE A 4  ? 0.27067 0.26191 0.22509 0.07027  -0.02609 -0.01181 3   PHE A CZ  
48  N N   . ALA A 5  ? 0.18183 0.44057 0.22216 0.06220  0.01297  0.03473  4   ALA A N   
49  C CA  . ALA A 5  ? 0.18712 0.49830 0.24523 0.04012  0.01410  0.05212  4   ALA A CA  
50  C C   . ALA A 5  ? 0.18618 0.48896 0.24158 0.01107  0.01608  0.06153  4   ALA A C   
51  O O   . ALA A 5  ? 0.18519 0.48762 0.24503 -0.01985 0.00972  0.07265  4   ALA A O   
52  C CB  . ALA A 5  ? 0.21280 0.56612 0.26680 0.05778  0.01809  0.05623  4   ALA A CB  
58  N N   . ASN A 6  ? 0.17232 0.46067 0.21528 0.02023  0.02259  0.05697  5   ASN A N   
59  C CA  . ASN A 6  ? 0.19179 0.46654 0.22785 -0.00501 0.02306  0.06720  5   ASN A CA  
60  C C   . ASN A 6  ? 0.18487 0.39143 0.20727 -0.01980 0.01495  0.06031  5   ASN A C   
61  O O   . ASN A 6  ? 0.20863 0.39635 0.22422 -0.04528 0.00974  0.07014  5   ASN A O   
62  C CB  . ASN A 6  ? 0.22322 0.50790 0.24920 0.01069  0.03166  0.06540  5   ASN A CB  
63  C CG  . ASN A 6  ? 0.25160 0.58837 0.28361 0.01659  0.03206  0.07432  5   ASN A CG  
64  O OD1 . ASN A 6  ? 0.27573 0.64357 0.31795 -0.00476 0.02720  0.08992  5   ASN A OD1 
65  N ND2 . ASN A 6  ? 0.25853 0.60380 0.28053 0.04501  0.03610  0.06455  5   ASN A ND2 
72  N N   . LEU A 7  ? 0.16714 0.33644 0.18276 -0.00403 0.01273  0.04435  6   LEU A N   
73  C CA  . LEU A 7  ? 0.18365 0.30239 0.18826 -0.01499 0.00603  0.03832  6   LEU A CA  
74  C C   . LEU A 7  ? 0.17892 0.29740 0.18711 -0.03605 -0.00210 0.04450  6   LEU A C   
75  O O   . LEU A 7  ? 0.20340 0.28908 0.19842 -0.05351 -0.00833 0.04664  6   LEU A O   
76  C CB  . LEU A 7  ? 0.18565 0.27863 0.18512 0.00219  0.00483  0.02406  6   LEU A CB  
77  C CG  . LEU A 7  ? 0.17716 0.23299 0.16746 -0.00570 -0.00069 0.01828  6   LEU A CG  
78  C CD1 . LEU A 7  ? 0.20215 0.23159 0.17912 -0.00950 -0.00002 0.01781  6   LEU A CD1 
79  C CD2 . LEU A 7  ? 0.18923 0.23280 0.17754 0.00597  -0.00276 0.00945  6   LEU A CD2 
91  N N   . TRP A 8  ? 0.16675 0.31890 0.18938 -0.03318 -0.00382 0.04682  7   TRP A N   
92  C CA  . TRP A 8  ? 0.18647 0.34101 0.21158 -0.05442 -0.01329 0.05242  7   TRP A CA  
93  C C   . TRP A 8  ? 0.20236 0.37039 0.22675 -0.08375 -0.01791 0.06835  7   TRP A C   
94  O O   . TRP A 8  ? 0.23808 0.37325 0.24840 -0.10696 -0.02894 0.07000  7   TRP A O   
95  C CB  . TRP A 8  ? 0.17346 0.36968 0.21564 -0.04443 -0.01487 0.05438  7   TRP A CB  
96  C CG  . TRP A 8  ? 0.16987 0.34976 0.20941 -0.01743 -0.01306 0.04209  7   TRP A CG  
97  C CD1 . TRP A 8  ? 0.16721 0.37621 0.21556 0.00692  -0.01104 0.04129  7   TRP A CD1 
98  C CD2 . TRP A 8  ? 0.16944 0.29968 0.19383 -0.01291 -0.01497 0.03048  7   TRP A CD2 
99  N NE1 . TRP A 8  ? 0.19304 0.36404 0.22972 0.02308  -0.01365 0.03047  7   TRP A NE1 
100 C CE2 . TRP A 8  ? 0.18507 0.31318 0.20933 0.00901  -0.01546 0.02509  7   TRP A CE2 
101 C CE3 . TRP A 8  ? 0.17126 0.26119 0.18059 -0.02387 -0.01688 0.02483  7   TRP A CE3 
102 C CZ2 . TRP A 8  ? 0.19833 0.28850 0.20993 0.01345  -0.01837 0.01731  7   TRP A CZ2 
103 C CZ3 . TRP A 8  ? 0.20953 0.27221 0.20941 -0.01486 -0.01729 0.01612  7   TRP A CZ3 
104 C CH2 . TRP A 8  ? 0.20128 0.26565 0.20332 0.00031  -0.01829 0.01388  7   TRP A CH2 
115 N N   . ARG A 9  ? 0.20442 0.41897 0.24017 -0.08382 -0.01081 0.08066  8   ARG A N   
116 C CA  . ARG A 9  ? 0.23525 0.46132 0.26718 -0.11357 -0.01672 0.09841  8   ARG A CA  
117 C C   . ARG A 9  ? 0.25195 0.40976 0.25739 -0.13048 -0.02344 0.09768  8   ARG A C   
118 O O   . ARG A 9  ? 0.29466 0.41985 0.28308 -0.15358 -0.03777 0.10183  8   ARG A O   
119 C CB  . ARG A 9  ? 0.25499 0.53257 0.29607 -0.10111 -0.00786 0.10692  8   ARG A CB  
120 C CG  . ARG A 9  ? 0.31711 0.65736 0.37171 -0.09827 -0.00943 0.11646  8   ARG A CG  
121 C CD  . ARG A 9  ? 0.33705 0.72499 0.39929 -0.06573 0.00275  0.11414  8   ARG A CD  
122 N NE  . ARG A 9  ? 0.39648 0.84123 0.46715 -0.05590 0.00249  0.12119  8   ARG A NE  
123 C CZ  . ARG A 9  ? 0.40369 0.88673 0.47520 -0.02325 0.01093  0.11708  8   ARG A CZ  
124 N NH1 . ARG A 9  ? 0.37707 0.84583 0.44081 0.00218  0.01894  0.10497  8   ARG A NH1 
125 N NH2 . ARG A 9  ? 0.41596 0.94980 0.49213 -0.01519 0.01046  0.12472  8   ARG A NH2 
139 N N   . LEU A 10 ? 0.26497 0.39038 0.25966 -0.10874 -0.01600 0.08651  9   LEU A N   
140 C CA  . LEU A 10 ? 0.29018 0.35093 0.25732 -0.11573 -0.02248 0.08452  9   LEU A CA  
141 C C   . LEU A 10 ? 0.30887 0.31357 0.25692 -0.11781 -0.03334 0.07119  9   LEU A C   
142 O O   . LEU A 10 ? 0.34738 0.29973 0.26859 -0.13408 -0.04561 0.07367  9   LEU A O   
143 C CB  . LEU A 10 ? 0.28076 0.33015 0.24347 -0.08917 -0.01234 0.07547  9   LEU A CB  
144 C CG  . LEU A 10 ? 0.28815 0.37593 0.25653 -0.08888 -0.00394 0.08878  9   LEU A CG  
145 C CD1 . LEU A 10 ? 0.29810 0.37801 0.26263 -0.06065 0.00484  0.07636  9   LEU A CD1 
146 C CD2 . LEU A 10 ? 0.34537 0.41080 0.29599 -0.11712 -0.01270 0.10786  9   LEU A CD2 
158 N N   . LEU A 11 ? 0.27169 0.28323 0.22891 -0.10008 -0.02992 0.05691  10  LEU A N   
159 C CA  . LEU A 11 ? 0.29776 0.26710 0.23676 -0.10147 -0.03919 0.04490  10  LEU A CA  
160 C C   . LEU A 11 ? 0.32560 0.28780 0.25570 -0.13284 -0.05405 0.05385  10  LEU A C   
161 O O   . LEU A 11 ? 0.37822 0.28368 0.27736 -0.14267 -0.06686 0.04813  10  LEU A O   
162 C CB  . LEU A 11 ? 0.27173 0.26073 0.22440 -0.08197 -0.03329 0.03323  10  LEU A CB  
163 C CG  . LEU A 11 ? 0.24167 0.21577 0.19046 -0.05671 -0.02504 0.02131  10  LEU A CG  
164 C CD1 . LEU A 11 ? 0.21959 0.21989 0.18434 -0.04335 -0.02035 0.01621  10  LEU A CD1 
165 C CD2 . LEU A 11 ? 0.29679 0.22372 0.21863 -0.05136 -0.03022 0.01070  10  LEU A CD2 
177 N N   . ALA A 12 ? 0.29784 0.31795 0.25252 -0.14809 -0.05385 0.06781  11  ALA A N   
178 C CA  . ALA A 12 ? 0.32923 0.35129 0.27547 -0.17144 -0.06732 0.07599  11  ALA A CA  
179 C C   . ALA A 12 ? 0.39013 0.37461 0.31059 -0.18891 -0.07767 0.08472  11  ALA A C   
180 O O   . ALA A 12 ? 0.44478 0.38883 0.33822 -0.20328 -0.09244 0.08373  11  ALA A O   
181 C CB  . ALA A 12 ? 0.30602 0.40549 0.28272 -0.17333 -0.06258 0.08889  11  ALA A CB  
187 N N   . GLN A 13 ? 0.36799 0.36396 0.29408 -0.18708 -0.07086 0.09348  12  GLN A N   
188 C CA  . GLN A 13 ? 0.40344 0.36894 0.30671 -0.20477 -0.08207 0.10386  12  GLN A CA  
189 C C   . GLN A 13 ? 0.44530 0.32552 0.31028 -0.19716 -0.09076 0.09117  12  GLN A C   
190 O O   . GLN A 13 ? 0.51538 0.35230 0.35061 -0.21269 -0.10677 0.09522  12  GLN A O   
191 C CB  . GLN A 13 ? 0.41806 0.42469 0.33854 -0.20257 -0.07158 0.11675  12  GLN A CB  
192 C CG  . GLN A 13 ? 0.40538 0.50024 0.35998 -0.20232 -0.06236 0.12832  12  GLN A CG  
193 C CD  . GLN A 13 ? 0.43312 0.56784 0.40239 -0.19032 -0.04890 0.13572  12  GLN A CD  
194 O OE1 . GLN A 13 ? 0.44643 0.54300 0.40159 -0.18416 -0.04595 0.13354  12  GLN A OE1 
195 N NE2 . GLN A 13 ? 0.44877 0.66022 0.44344 -0.18286 -0.04063 0.14358  12  GLN A NE2 
204 N N   . ASN A 14 ? 0.44690 0.30268 0.30935 -0.17156 -0.08139 0.07622  13  ASN A N   
205 C CA  . ASN A 14 ? 0.48661 0.27134 0.31414 -0.15493 -0.08700 0.06406  13  ASN A CA  
206 C C   . ASN A 14 ? 0.51486 0.25993 0.32085 -0.13973 -0.09231 0.04432  13  ASN A C   
207 O O   . ASN A 14 ? 0.56463 0.25258 0.33561 -0.12702 -0.10114 0.03484  13  ASN A O   
208 C CB  . ASN A 14 ? 0.46895 0.25630 0.30405 -0.13223 -0.07296 0.06267  13  ASN A CB  
209 C CG  . ASN A 14 ? 0.46262 0.28125 0.31034 -0.14282 -0.06824 0.08113  13  ASN A CG  
210 O OD1 . ASN A 14 ? 0.51824 0.30299 0.34477 -0.14853 -0.07722 0.08689  13  ASN A OD1 
211 N ND2 . ASN A 14 ? 0.42762 0.31336 0.30826 -0.14370 -0.05438 0.09003  13  ASN A ND2 
218 N N   . CYS A 15 ? 0.49504 0.27271 0.32022 -0.13883 -0.08732 0.03818  14  CYS A N   
219 C CA  . CYS A 15 ? 0.49733 0.24826 0.30502 -0.12153 -0.08968 0.01913  14  CYS A CA  
220 C C   . CYS A 15 ? 0.52717 0.29187 0.33555 -0.13984 -0.09849 0.02117  14  CYS A C   
221 O O   . CYS A 15 ? 0.54751 0.32090 0.35820 -0.13001 -0.09628 0.00955  14  CYS A O   
222 C CB  . CYS A 15 ? 0.47566 0.25416 0.30315 -0.09936 -0.07555 0.00799  14  CYS A CB  
223 S SG  . CYS A 15 ? 0.41508 0.19136 0.24519 -0.06840 -0.06194 0.00513  14  CYS A SG  
228 N N   . NH2 A 16 ? 0.56597 0.33575 0.37156 -0.16656 -0.10876 0.03697  15  NH2 A N   
229 C C   . ACE B 1  ? 0.52189 0.17845 0.28363 -0.05620 -0.07758 0.03170  0   ACE B C   
230 O O   . ACE B 1  ? 0.48087 0.18010 0.27025 -0.05581 -0.06467 0.03809  0   ACE B O   
231 C CH3 . ACE B 1  ? 0.58080 0.20381 0.32060 -0.06784 -0.08946 0.04220  0   ACE B CH3 
232 N N   . CYS B 2  ? 0.53877 0.17607 0.28532 -0.04609 -0.08251 0.01598  1   CYS B N   
233 C CA  . CYS B 2  ? 0.49581 0.16356 0.26082 -0.03570 -0.07266 0.00488  1   CYS B CA  
234 C C   . CYS B 2  ? 0.48151 0.15613 0.24524 0.00245  -0.06257 -0.00829 1   CYS B C   
235 O O   . CYS B 2  ? 0.51294 0.18274 0.26328 0.02334  -0.06298 -0.02243 1   CYS B O   
236 C CB  . CYS B 2  ? 0.51631 0.17349 0.26942 -0.04377 -0.08126 -0.00397 1   CYS B CB  
237 S SG  . CYS B 2  ? 0.48399 0.18638 0.26209 -0.03809 -0.07063 -0.01537 1   CYS B SG  
242 N N   . THR B 3  ? 0.46128 0.16454 0.24422 0.01108  -0.05245 -0.00090 2   THR B N   
243 C CA  . THR B 3  ? 0.44451 0.18292 0.24066 0.04074  -0.04079 -0.00924 2   THR B CA  
244 C C   . THR B 3  ? 0.37580 0.17427 0.21125 0.03144  -0.02858 -0.00122 2   THR B C   
245 O O   . THR B 3  ? 0.37040 0.17743 0.21613 0.01224  -0.02827 0.01142  2   THR B O   
246 C CB  . THR B 3  ? 0.47457 0.18687 0.24933 0.06474  -0.04371 -0.00874 2   THR B CB  
247 O OG1 . THR B 3  ? 0.48515 0.19787 0.26630 0.05127  -0.04367 0.00757  2   THR B OG1 
248 C CG2 . THR B 3  ? 0.54540 0.21198 0.28577 0.06976  -0.05641 -0.01495 2   THR B CG2 
256 N N   . PHE B 4  ? 0.32681 0.16699 0.18141 0.04465  -0.01956 -0.00807 3   PHE B N   
257 C CA  . PHE B 4  ? 0.27974 0.16387 0.16359 0.03622  -0.01153 -0.00232 3   PHE B CA  
258 C C   . PHE B 4  ? 0.27010 0.15880 0.15477 0.04037  -0.00944 0.00570  3   PHE B C   
259 O O   . PHE B 4  ? 0.26007 0.16952 0.15873 0.02937  -0.00575 0.01260  3   PHE B O   
260 C CB  . PHE B 4  ? 0.25920 0.18089 0.16002 0.04315  -0.00574 -0.00846 3   PHE B CB  
261 C CG  . PHE B 4  ? 0.22419 0.17486 0.14628 0.03401  -0.00159 -0.00407 3   PHE B CG  
262 C CD1 . PHE B 4  ? 0.22009 0.17537 0.15188 0.02005  -0.00178 -0.00079 3   PHE B CD1 
263 C CD2 . PHE B 4  ? 0.20821 0.17948 0.13703 0.04066  0.00098  -0.00317 3   PHE B CD2 
264 C CE1 . PHE B 4  ? 0.20593 0.18256 0.15113 0.01790  0.00114  0.00126  3   PHE B CE1 
265 C CE2 . PHE B 4  ? 0.20010 0.18707 0.14020 0.03416  0.00233  -0.00150 3   PHE B CE2 
266 C CZ  . PHE B 4  ? 0.19636 0.18392 0.14310 0.02531  0.00270  -0.00020 3   PHE B CZ  
276 N N   . ALA B 5  ? 0.29503 0.16652 0.16281 0.05880  -0.01199 0.00471  4   ALA B N   
277 C CA  . ALA B 5  ? 0.31348 0.19023 0.18027 0.06306  -0.01103 0.01337  4   ALA B CA  
278 C C   . ALA B 5  ? 0.31265 0.17170 0.17366 0.04296  -0.01393 0.02638  4   ALA B C   
279 O O   . ALA B 5  ? 0.29638 0.18073 0.16760 0.03729  -0.00927 0.03403  4   ALA B O   
280 C CB  . ALA B 5  ? 0.35607 0.21240 0.20177 0.08846  -0.01551 0.01157  4   ALA B CB  
286 N N   . ASN B 6  ? 0.36093 0.17880 0.20351 0.03055  -0.02252 0.02971  5   ASN B N   
287 C CA  . ASN B 6  ? 0.36855 0.17677 0.20664 0.00507  -0.02659 0.04598  5   ASN B CA  
288 C C   . ASN B 6  ? 0.32325 0.18399 0.19083 -0.01074 -0.01773 0.04969  5   ASN B C   
289 O O   . ASN B 6  ? 0.32572 0.21363 0.20085 -0.01940 -0.01315 0.06167  5   ASN B O   
290 C CB  . ASN B 6  ? 0.44817 0.19933 0.25841 -0.00987 -0.04098 0.04864  5   ASN B CB  
291 C CG  . ASN B 6  ? 0.46200 0.20706 0.26724 -0.04299 -0.04754 0.06959  5   ASN B CG  
292 O OD1 . ASN B 6  ? 0.45600 0.21300 0.26231 -0.04638 -0.04544 0.08233  5   ASN B OD1 
293 N ND2 . ASN B 6  ? 0.47796 0.22093 0.28572 -0.06706 -0.05430 0.07077  5   ASN B ND2 
300 N N   . LEU B 7  ? 0.30142 0.17853 0.18367 -0.01195 -0.01541 0.03968  6   LEU B N   
301 C CA  . LEU B 7  ? 0.27005 0.19387 0.17721 -0.02144 -0.00847 0.04242  6   LEU B CA  
302 C C   . LEU B 7  ? 0.22461 0.18318 0.14481 -0.00687 0.00089  0.03934  6   LEU B C   
303 O O   . LEU B 7  ? 0.22292 0.21505 0.15315 -0.01105 0.00629  0.04618  6   LEU B O   
304 C CB  . LEU B 7  ? 0.25727 0.18705 0.17431 -0.02232 -0.00943 0.03239  6   LEU B CB  
305 C CG  . LEU B 7  ? 0.30629 0.20151 0.20745 -0.03685 -0.02024 0.03246  6   LEU B CG  
306 C CD1 . LEU B 7  ? 0.30668 0.22573 0.22348 -0.04368 -0.02030 0.02827  6   LEU B CD1 
307 C CD2 . LEU B 7  ? 0.37204 0.24814 0.25945 -0.06088 -0.02881 0.04873  6   LEU B CD2 
319 N N   . TRP B 8  ? 0.21760 0.17125 0.13595 0.01039  0.00203  0.02902  7   TRP B N   
320 C CA  . TRP B 8  ? 0.20544 0.18452 0.13064 0.02110  0.00719  0.02545  7   TRP B CA  
321 C C   . TRP B 8  ? 0.20693 0.19310 0.12402 0.02020  0.00924  0.03610  7   TRP B C   
322 O O   . TRP B 8  ? 0.19892 0.21296 0.12071 0.02306  0.01431  0.03630  7   TRP B O   
323 C CB  . TRP B 8  ? 0.19833 0.17380 0.12178 0.03427  0.00546  0.01646  7   TRP B CB  
324 C CG  . TRP B 8  ? 0.18800 0.18476 0.11556 0.04049  0.00684  0.01223  7   TRP B CG  
325 C CD1 . TRP B 8  ? 0.17798 0.18585 0.11306 0.03973  0.00591  0.00470  7   TRP B CD1 
326 C CD2 . TRP B 8  ? 0.18667 0.19056 0.10631 0.04696  0.00674  0.01548  7   TRP B CD2 
327 N NE1 . TRP B 8  ? 0.18209 0.19956 0.11232 0.04396  0.00402  0.00189  7   TRP B NE1 
328 C CE2 . TRP B 8  ? 0.18488 0.20392 0.10693 0.04875  0.00516  0.00807  7   TRP B CE2 
329 C CE3 . TRP B 8  ? 0.21472 0.21002 0.12233 0.05079  0.00603  0.02457  7   TRP B CE3 
330 C CZ2 . TRP B 8  ? 0.20951 0.23878 0.12302 0.05362  0.00321  0.00812  7   TRP B CZ2 
331 C CZ3 . TRP B 8  ? 0.23479 0.24433 0.13632 0.05717  0.00540  0.02603  7   TRP B CZ3 
332 C CH2 . TRP B 8  ? 0.21624 0.24437 0.12112 0.05828  0.00416  0.01716  7   TRP B CH2 
343 N N   . ARG B 9  ? 0.23392 0.19255 0.13487 0.01761  0.00442  0.04512  8   ARG B N   
344 C CA  . ARG B 9  ? 0.25940 0.22333 0.15003 0.01436  0.00526  0.05867  8   ARG B CA  
345 C C   . ARG B 9  ? 0.25050 0.24023 0.14720 -0.00407 0.00888  0.07164  8   ARG B C   
346 O O   . ARG B 9  ? 0.25753 0.27994 0.15492 -0.00309 0.01497  0.07838  8   ARG B O   
347 C CB  . ARG B 9  ? 0.31448 0.23441 0.18190 0.01653  -0.00350 0.06680  8   ARG B CB  
348 C CG  . ARG B 9  ? 0.33895 0.25205 0.20079 0.04024  -0.00533 0.05774  8   ARG B CG  
349 C CD  . ARG B 9  ? 0.38776 0.25853 0.22290 0.04872  -0.01448 0.06708  8   ARG B CD  
350 N NE  . ARG B 9  ? 0.44335 0.26432 0.26095 0.04871  -0.02336 0.06428  8   ARG B NE  
351 C CZ  . ARG B 9  ? 0.47310 0.27820 0.28389 0.07060  -0.02626 0.05112  8   ARG B CZ  
352 N NH1 . ARG B 9  ? 0.45616 0.29744 0.28034 0.09111  -0.02097 0.04210  8   ARG B NH1 
353 N NH2 . ARG B 9  ? 0.52036 0.28088 0.31339 0.06951  -0.03453 0.04552  8   ARG B NH2 
367 N N   . LEU B 10 ? 0.27447 0.25648 0.17548 -0.02065 0.00514  0.07551  9   LEU B N   
368 C CA  . LEU B 10 ? 0.28068 0.30026 0.19130 -0.03984 0.00827  0.09018  9   LEU B CA  
369 C C   . LEU B 10 ? 0.24277 0.31615 0.17282 -0.02633 0.01908  0.08182  9   LEU B C   
370 O O   . LEU B 10 ? 0.26234 0.38250 0.19817 -0.03058 0.02571  0.09304  9   LEU B O   
371 C CB  . LEU B 10 ? 0.30502 0.30615 0.21587 -0.06208 -0.00055 0.09550  9   LEU B CB  
372 C CG  . LEU B 10 ? 0.37583 0.31804 0.25917 -0.08011 -0.01467 0.10711  9   LEU B CG  
373 C CD1 . LEU B 10 ? 0.40000 0.31338 0.27832 -0.09825 -0.02590 0.10523  9   LEU B CD1 
374 C CD2 . LEU B 10 ? 0.40479 0.36329 0.28617 -0.09691 -0.01584 0.12536  9   LEU B CD2 
386 N N   . LEU B 11 ? 0.21243 0.27975 0.14973 -0.00916 0.02014  0.06294  10  LEU B N   
387 C CA  . LEU B 11 ? 0.20441 0.30636 0.15208 0.00732  0.02678  0.05260  10  LEU B CA  
388 C C   . LEU B 11 ? 0.18427 0.29339 0.12114 0.02476  0.03060  0.04570  10  LEU B C   
389 O O   . LEU B 11 ? 0.19652 0.32966 0.13376 0.04079  0.03484  0.03673  10  LEU B O   
390 C CB  . LEU B 11 ? 0.18739 0.27104 0.14227 0.01416  0.02292  0.03783  10  LEU B CB  
391 C CG  . LEU B 11 ? 0.21027 0.29766 0.17625 -0.00016 0.01956  0.04280  10  LEU B CG  
392 C CD1 . LEU B 11 ? 0.22663 0.28536 0.19370 0.00260  0.01411  0.03097  10  LEU B CD1 
393 C CD2 . LEU B 11 ? 0.23022 0.36656 0.21013 0.00400  0.02454  0.04676  10  LEU B CD2 
405 N N   . ALA B 12 ? 0.20243 0.28982 0.12643 0.02380  0.02786  0.04919  11  ALA B N   
406 C CA  . ALA B 12 ? 0.20444 0.29660 0.11691 0.03889  0.02902  0.04141  11  ALA B CA  
407 C C   . ALA B 12 ? 0.20400 0.33368 0.11561 0.04472  0.03528  0.04394  11  ALA B C   
408 O O   . ALA B 12 ? 0.20878 0.34302 0.11694 0.06011  0.03446  0.02971  11  ALA B O   
409 C CB  . ALA B 12 ? 0.21278 0.28041 0.11332 0.03702  0.02410  0.04759  11  ALA B CB  
415 N N   . GLN B 13 ? 0.20884 0.36001 0.12511 0.03074  0.03829  0.06109  12  GLN B N   
416 C CA  . GLN B 13 ? 0.22530 0.41550 0.14498 0.03623  0.04283  0.06359  12  GLN B CA  
417 C C   . GLN B 13 ? 0.20708 0.41901 0.13348 0.05673  0.04464  0.04812  12  GLN B C   
418 O O   . GLN B 13 ? 0.21975 0.44260 0.13807 0.07354  0.04492  0.03896  12  GLN B O   
419 C CB  . GLN B 13 ? 0.25115 0.46729 0.17971 0.01458  0.04406  0.08511  12  GLN B CB  
420 C CG  . GLN B 13 ? 0.27517 0.54615 0.21250 0.02200  0.04889  0.08840  12  GLN B CG  
421 C CD  . GLN B 13 ? 0.30485 0.60117 0.24641 -0.00202 0.04804  0.11190  12  GLN B CD  
422 O OE1 . GLN B 13 ? 0.35844 0.62025 0.29038 -0.02316 0.04274  0.12493  12  GLN B OE1 
423 N NE2 . GLN B 13 ? 0.29751 0.65252 0.25071 0.00214  0.05134  0.11789  12  GLN B NE2 
432 N N   . ASN B 14 ? 0.19880 0.41345 0.13675 0.05661  0.04430  0.04533  13  ASN B N   
433 C CA  . ASN B 14 ? 0.22186 0.45291 0.16306 0.07767  0.04375  0.03297  13  ASN B CA  
434 C C   . ASN B 14 ? 0.19679 0.38596 0.12554 0.09255  0.03748  0.01315  13  ASN B C   
435 O O   . ASN B 14 ? 0.21267 0.40158 0.13396 0.11256  0.03394  0.00152  13  ASN B O   
436 C CB  . ASN B 14 ? 0.26103 0.52125 0.22067 0.07073  0.04489  0.04170  13  ASN B CB  
437 C CG  . ASN B 14 ? 0.25886 0.57215 0.23028 0.06019  0.04785  0.05979  13  ASN B CG  
438 O OD1 . ASN B 14 ? 0.29040 0.62675 0.25597 0.06775  0.05017  0.06216  13  ASN B OD1 
439 N ND2 . ASN B 14 ? 0.28119 0.61530 0.26860 0.04071  0.04635  0.07341  13  ASN B ND2 
446 N N   . CYS B 15 ? 0.19683 0.34965 0.12042 0.08284  0.03421  0.01023  14  CYS B N   
447 C CA  . CYS B 15 ? 0.21252 0.32716 0.12524 0.09100  0.02596  -0.00600 14  CYS B CA  
448 C C   . CYS B 15 ? 0.23082 0.32341 0.12689 0.09375  0.01985  -0.01412 14  CYS B C   
449 O O   . CYS B 15 ? 0.29639 0.36243 0.17988 0.10111  0.01103  -0.02725 14  CYS B O   
450 C CB  . CYS B 15 ? 0.21050 0.30369 0.12857 0.07948  0.02400  -0.00530 14  CYS B CB  
451 S SG  . CYS B 15 ? 0.20225 0.31320 0.14075 0.07398  0.02679  0.00159  14  CYS B SG  
456 N N   . NH2 B 16 ? 0.22342 0.32539 0.11755 0.08645  0.02291  -0.00519 15  NH2 B N   
457 C C   . ACE C 1  ? 0.39272 0.15339 0.21621 0.05858  -0.09740 -0.03366 0   ACE C C   
458 O O   . ACE C 1  ? 0.35321 0.16025 0.20212 0.05055  -0.08185 -0.03124 0   ACE C O   
459 C CH3 . ACE C 1  ? 0.44985 0.16962 0.24441 0.04630  -0.11509 -0.03322 0   ACE C CH3 
460 N N   . CYS C 2  ? 0.38769 0.15176 0.21496 0.07482  -0.09673 -0.03145 1   CYS C N   
461 C CA  . CYS C 2  ? 0.32885 0.14520 0.18847 0.08223  -0.07997 -0.02680 1   CYS C CA  
462 C C   . CYS C 2  ? 0.32713 0.17615 0.19310 0.11070  -0.06721 -0.03607 1   CYS C C   
463 O O   . CYS C 2  ? 0.34782 0.21436 0.21509 0.13036  -0.06432 -0.03756 1   CYS C O   
464 C CB  . CYS C 2  ? 0.33504 0.14688 0.19775 0.08499  -0.08604 -0.01812 1   CYS C CB  
465 S SG  . CYS C 2  ? 0.29504 0.17455 0.19668 0.08399  -0.06828 -0.01072 1   CYS C SG  
470 N N   . THR C 3  ? 0.32134 0.19138 0.19363 0.10500  -0.05741 -0.03948 2   THR C N   
471 C CA  . THR C 3  ? 0.30843 0.22284 0.19222 0.12285  -0.04254 -0.04287 2   THR C CA  
472 C C   . THR C 3  ? 0.27328 0.21948 0.17902 0.10016  -0.03071 -0.03562 2   THR C C   
473 O O   . THR C 3  ? 0.27053 0.20024 0.17421 0.07989  -0.03471 -0.03370 2   THR C O   
474 C CB  . THR C 3  ? 0.34657 0.25046 0.20657 0.13711  -0.04550 -0.05215 2   THR C CB  
475 O OG1 . THR C 3  ? 0.38081 0.26248 0.23011 0.12220  -0.04985 -0.05543 2   THR C OG1 
476 C CG2 . THR C 3  ? 0.39487 0.25997 0.22734 0.15097  -0.06041 -0.05739 2   THR C CG2 
484 N N   . PHE C 4  ? 0.24156 0.23429 0.16712 0.10314  -0.01740 -0.03007 3   PHE C N   
485 C CA  . PHE C 4  ? 0.22090 0.23113 0.16024 0.08323  -0.00930 -0.02322 3   PHE C CA  
486 C C   . PHE C 4  ? 0.21928 0.22084 0.14460 0.08464  -0.00852 -0.02864 3   PHE C C   
487 O O   . PHE C 4  ? 0.22523 0.22342 0.15419 0.06891  -0.00768 -0.02506 3   PHE C O   
488 C CB  . PHE C 4  ? 0.20188 0.25549 0.16133 0.07861  0.00119  -0.01321 3   PHE C CB  
489 C CG  . PHE C 4  ? 0.18360 0.23771 0.14954 0.05866  0.00519  -0.00667 3   PHE C CG  
490 C CD1 . PHE C 4  ? 0.18011 0.21526 0.14910 0.04379  0.00114  -0.00522 3   PHE C CD1 
491 C CD2 . PHE C 4  ? 0.17964 0.24950 0.14385 0.05759  0.01191  -0.00264 3   PHE C CD2 
492 C CE1 . PHE C 4  ? 0.17693 0.20704 0.14627 0.03216  0.00350  -0.00157 3   PHE C CE1 
493 C CE2 . PHE C 4  ? 0.19155 0.25227 0.15633 0.04272  0.01309  0.00312  3   PHE C CE2 
494 C CZ  . PHE C 4  ? 0.17891 0.21814 0.14539 0.03215  0.00867  0.00257  3   PHE C CZ  
504 N N   . ALA C 5  ? 0.26563 0.26506 0.17281 0.10584  -0.00932 -0.03781 4   ALA C N   
505 C CA  . ALA C 5  ? 0.30056 0.29025 0.19087 0.10682  -0.01065 -0.04374 4   ALA C CA  
506 C C   . ALA C 5  ? 0.29466 0.24692 0.17449 0.08956  -0.02305 -0.04633 4   ALA C C   
507 O O   . ALA C 5  ? 0.27949 0.23713 0.16028 0.07788  -0.02217 -0.04367 4   ALA C O   
508 C CB  . ALA C 5  ? 0.34454 0.33199 0.21929 0.12625  -0.01465 -0.04983 4   ALA C CB  
514 N N   . ASN C 6  ? 0.29524 0.21314 0.16536 0.08647  -0.03560 -0.04908 5   ASN C N   
515 C CA  . ASN C 6  ? 0.31152 0.20159 0.17309 0.06454  -0.04863 -0.04735 5   ASN C CA  
516 C C   . ASN C 6  ? 0.28092 0.19957 0.16838 0.04416  -0.04140 -0.03540 5   ASN C C   
517 O O   . ASN C 6  ? 0.26913 0.19427 0.15684 0.03083  -0.04408 -0.03258 5   ASN C O   
518 C CB  . ASN C 6  ? 0.34843 0.19508 0.19272 0.06250  -0.06456 -0.04892 5   ASN C CB  
519 C CG  . ASN C 6  ? 0.38800 0.21016 0.22242 0.03405  -0.07998 -0.04329 5   ASN C CG  
520 O OD1 . ASN C 6  ? 0.42879 0.24987 0.25523 0.02369  -0.08473 -0.04452 5   ASN C OD1 
521 N ND2 . ASN C 6  ? 0.39843 0.20895 0.23663 0.01938  -0.08708 -0.03387 5   ASN C ND2 
528 N N   . LEU C 7  ? 0.23698 0.17453 0.14437 0.04359  -0.03295 -0.02886 6   LEU C N   
529 C CA  . LEU C 7  ? 0.20745 0.16631 0.13266 0.02949  -0.02699 -0.02049 6   LEU C CA  
530 C C   . LEU C 7  ? 0.18866 0.16757 0.11890 0.03178  -0.01834 -0.01906 6   LEU C C   
531 O O   . LEU C 7  ? 0.18782 0.17701 0.12228 0.02394  -0.01821 -0.01522 6   LEU C O   
532 C CB  . LEU C 7  ? 0.19710 0.16666 0.13657 0.02926  -0.02159 -0.01587 6   LEU C CB  
533 C CG  . LEU C 7  ? 0.20640 0.15891 0.14177 0.02807  -0.03007 -0.01486 6   LEU C CG  
534 C CD1 . LEU C 7  ? 0.23340 0.20196 0.18311 0.02508  -0.02524 -0.00959 6   LEU C CD1 
535 C CD2 . LEU C 7  ? 0.28949 0.22356 0.21456 0.01235  -0.04175 -0.01155 6   LEU C CD2 
547 N N   . TRP C 8  ? 0.18848 0.17696 0.11792 0.04345  -0.01118 -0.02042 7   TRP C N   
548 C CA  . TRP C 8  ? 0.17710 0.18042 0.10791 0.04438  -0.00449 -0.01641 7   TRP C CA  
549 C C   . TRP C 8  ? 0.18647 0.18600 0.10584 0.04290  -0.01048 -0.01948 7   TRP C C   
550 O O   . TRP C 8  ? 0.18889 0.19875 0.11177 0.03969  -0.00903 -0.01451 7   TRP C O   
551 C CB  . TRP C 8  ? 0.18911 0.20871 0.11898 0.05430  0.00324  -0.01475 7   TRP C CB  
552 C CG  . TRP C 8  ? 0.17235 0.20439 0.10165 0.05224  0.00906  -0.00687 7   TRP C CG  
553 C CD1 . TRP C 8  ? 0.17859 0.21498 0.11532 0.04398  0.01327  0.00357  7   TRP C CD1 
554 C CD2 . TRP C 8  ? 0.18699 0.22289 0.10344 0.05750  0.00878  -0.00796 7   TRP C CD2 
555 N NE1 . TRP C 8  ? 0.18213 0.22208 0.11092 0.04423  0.01542  0.01034  7   TRP C NE1 
556 C CE2 . TRP C 8  ? 0.18437 0.22806 0.10234 0.05305  0.01358  0.00367  7   TRP C CE2 
557 C CE3 . TRP C 8  ? 0.21162 0.24114 0.11189 0.06453  0.00290  -0.01756 7   TRP C CE3 
558 C CZ2 . TRP C 8  ? 0.19682 0.24699 0.10320 0.05680  0.01407  0.00733  7   TRP C CZ2 
559 C CZ3 . TRP C 8  ? 0.22639 0.26491 0.11544 0.06762  0.00353  -0.01552 7   TRP C CZ3 
560 C CH2 . TRP C 8  ? 0.22144 0.27266 0.11493 0.06440  0.00978  -0.00247 7   TRP C CH2 
571 N N   . ARG C 9  ? 0.22127 0.20394 0.12419 0.04594  -0.01921 -0.02787 8   ARG C N   
572 C CA  . ARG C 9  ? 0.23937 0.21704 0.12837 0.04072  -0.02820 -0.03100 8   ARG C CA  
573 C C   . ARG C 9  ? 0.22914 0.21265 0.12656 0.02305  -0.03534 -0.02477 8   ARG C C   
574 O O   . ARG C 9  ? 0.24346 0.24571 0.14262 0.01808  -0.03729 -0.02076 8   ARG C O   
575 C CB  . ARG C 9  ? 0.29182 0.23915 0.15415 0.04723  -0.03939 -0.04312 8   ARG C CB  
576 C CG  . ARG C 9  ? 0.36160 0.31584 0.21356 0.06700  -0.03208 -0.04922 8   ARG C CG  
577 C CD  . ARG C 9  ? 0.46519 0.38878 0.29445 0.07255  -0.04349 -0.05956 8   ARG C CD  
578 N NE  . ARG C 9  ? 0.50429 0.39732 0.32564 0.07875  -0.05103 -0.06400 8   ARG C NE  
579 C CZ  . ARG C 9  ? 0.53457 0.43343 0.35673 0.10008  -0.04524 -0.06639 8   ARG C CZ  
580 N NH1 . ARG C 9  ? 0.53434 0.47125 0.36629 0.11404  -0.03175 -0.06396 8   ARG C NH1 
581 N NH2 . ARG C 9  ? 0.51752 0.38721 0.33050 0.10617  -0.05440 -0.06890 8   ARG C NH2 
595 N N   . LEU C 10 ? 0.22780 0.20183 0.13067 0.01401  -0.03928 -0.02240 9   LEU C N   
596 C CA  . LEU C 10 ? 0.24587 0.23691 0.15801 -0.00325 -0.04437 -0.01397 9   LEU C CA  
597 C C   . LEU C 10 ? 0.22206 0.24742 0.15144 0.00278  -0.03303 -0.00782 9   LEU C C   
598 O O   . LEU C 10 ? 0.29552 0.34914 0.23033 -0.00321 -0.03553 -0.00198 9   LEU C O   
599 C CB  . LEU C 10 ? 0.26176 0.23882 0.17556 -0.01289 -0.04903 -0.01072 9   LEU C CB  
600 C CG  . LEU C 10 ? 0.30657 0.24138 0.19733 -0.02109 -0.06561 -0.01472 9   LEU C CG  
601 C CD1 . LEU C 10 ? 0.32311 0.24218 0.21516 -0.02610 -0.06883 -0.01011 9   LEU C CD1 
602 C CD2 . LEU C 10 ? 0.36800 0.30131 0.24678 -0.04384 -0.08149 -0.01020 9   LEU C CD2 
614 N N   . LEU C 11 ? 0.19542 0.21850 0.13104 0.01531  -0.02205 -0.00872 10  LEU C N   
615 C CA  . LEU C 11 ? 0.19258 0.23275 0.13613 0.02365  -0.01406 -0.00462 10  LEU C CA  
616 C C   . LEU C 11 ? 0.18756 0.23523 0.12601 0.03308  -0.01221 -0.00309 10  LEU C C   
617 O O   . LEU C 11 ? 0.18700 0.24552 0.12738 0.04258  -0.00866 0.00065  10  LEU C O   
618 C CB  . LEU C 11 ? 0.18577 0.21226 0.13262 0.02822  -0.00722 -0.00526 10  LEU C CB  
619 C CG  . LEU C 11 ? 0.17914 0.20578 0.13140 0.02076  -0.00876 -0.00499 10  LEU C CG  
620 C CD1 . LEU C 11 ? 0.19367 0.20572 0.14788 0.02140  -0.00558 -0.00622 10  LEU C CD1 
621 C CD2 . LEU C 11 ? 0.21897 0.26564 0.17411 0.02408  -0.00651 -0.00260 10  LEU C CD2 
633 N N   . ALA C 12 ? 0.20049 0.24105 0.12900 0.03310  -0.01539 -0.00626 11  ALA C N   
634 C CA  . ALA C 12 ? 0.18924 0.23945 0.11105 0.04100  -0.01457 -0.00348 11  ALA C CA  
635 C C   . ALA C 12 ? 0.18952 0.26729 0.11551 0.03980  -0.02000 0.00109  11  ALA C C   
636 O O   . ALA C 12 ? 0.19923 0.28931 0.12349 0.05104  -0.01815 0.00616  11  ALA C O   
637 C CB  . ALA C 12 ? 0.21874 0.25935 0.12550 0.04162  -0.01790 -0.00947 11  ALA C CB  
643 N N   . GLN C 13 ? 0.25989 0.35052 0.19115 0.02584  -0.02745 0.00137  12  GLN C N   
644 C CA  . GLN C 13 ? 0.26979 0.40109 0.20899 0.02169  -0.03275 0.00844  12  GLN C CA  
645 C C   . GLN C 13 ? 0.24275 0.39490 0.19247 0.03993  -0.02350 0.01285  12  GLN C C   
646 O O   . GLN C 13 ? 0.26878 0.45146 0.22670 0.04649  -0.02266 0.01753  12  GLN C O   
647 C CB  . GLN C 13 ? 0.33734 0.47736 0.28228 -0.00096 -0.04084 0.01131  12  GLN C CB  
648 C CG  . GLN C 13 ? 0.44281 0.55040 0.37072 -0.01929 -0.05430 0.00610  12  GLN C CG  
649 C CD  . GLN C 13 ? 0.56578 0.66574 0.49580 -0.04166 -0.06242 0.01059  12  GLN C CD  
650 O OE1 . GLN C 13 ? 0.53453 0.59274 0.44729 -0.05173 -0.07269 0.00507  12  GLN C OE1 
651 N NE2 . GLN C 13 ? 0.61300 0.75165 0.56197 -0.04718 -0.05702 0.02085  12  GLN C NE2 
660 N N   . ASN C 14 ? 0.20844 0.33997 0.15734 0.04844  -0.01626 0.01004  13  ASN C N   
661 C CA  . ASN C 14 ? 0.19853 0.33825 0.14810 0.06825  -0.01010 0.01108  13  ASN C CA  
662 C C   . ASN C 14 ? 0.18694 0.28965 0.12331 0.08382  -0.00633 0.01000  13  ASN C C   
663 O O   . ASN C 14 ? 0.22864 0.33290 0.15751 0.10477  -0.00551 0.01175  13  ASN C O   
664 C CB  . ASN C 14 ? 0.22167 0.35863 0.17560 0.06374  -0.00670 0.00826  13  ASN C CB  
665 C CG  . ASN C 14 ? 0.25956 0.42755 0.22403 0.04286  -0.01179 0.01258  13  ASN C CG  
666 O OD1 . ASN C 14 ? 0.27263 0.48496 0.24733 0.04117  -0.01241 0.01860  13  ASN C OD1 
667 N ND2 . ASN C 14 ? 0.27045 0.41188 0.23377 0.02523  -0.01499 0.01044  13  ASN C ND2 
674 N N   . CYS C 15 ? 0.18268 0.25298 0.11422 0.07420  -0.00504 0.00830  14  CYS C N   
675 C CA  . CYS C 15 ? 0.19496 0.23111 0.11397 0.08113  -0.00267 0.01078  14  CYS C CA  
676 C C   . CYS C 15 ? 0.21927 0.25394 0.12941 0.08458  -0.00417 0.01698  14  CYS C C   
677 O O   . CYS C 15 ? 0.28832 0.29908 0.18478 0.09266  -0.00469 0.02316  14  CYS C O   
678 C CB  . CYS C 15 ? 0.20211 0.21638 0.12293 0.06727  0.00004  0.00883  14  CYS C CB  
679 S SG  . CYS C 15 ? 0.20636 0.21554 0.13329 0.06280  0.00102  0.00290  14  CYS C SG  
684 N N   . NH2 C 16 ? 0.20988 0.26580 0.12383 0.07718  -0.00651 0.01571  15  NH2 C N   
685 C C   . ACE D 1  ? 0.18759 0.30710 0.13192 0.08167  0.00350  -0.00187 0   ACE D C   
686 O O   . ACE D 1  ? 0.19713 0.29783 0.14566 0.06284  0.00190  -0.00209 0   ACE D O   
687 C CH3 . ACE D 1  ? 0.21796 0.39792 0.17195 0.08550  0.00428  0.00356  0   ACE D CH3 
688 N N   . CYS D 2  ? 0.20453 0.29447 0.13488 0.09918  0.00361  -0.00454 1   CYS D N   
689 C CA  . CYS D 2  ? 0.20222 0.24230 0.12383 0.09135  0.00228  -0.00589 1   CYS D CA  
690 C C   . CYS D 2  ? 0.21345 0.22165 0.12038 0.09602  0.00197  -0.01237 1   CYS D C   
691 O O   . CYS D 2  ? 0.26350 0.23560 0.14920 0.11016  -0.00111 -0.01503 1   CYS D O   
692 C CB  . CYS D 2  ? 0.22116 0.24161 0.13226 0.10097  0.00021  -0.00185 1   CYS D CB  
693 S SG  . CYS D 2  ? 0.24969 0.22923 0.15581 0.08314  -0.00078 0.00201  1   CYS D SG  
698 N N   . THR D 3  ? 0.20490 0.22294 0.11952 0.08359  0.00314  -0.01464 2   THR D N   
699 C CA  . THR D 3  ? 0.21743 0.21304 0.11723 0.08745  0.00198  -0.02176 2   THR D CA  
700 C C   . THR D 3  ? 0.20080 0.19138 0.11063 0.06498  0.00094  -0.02049 2   THR D C   
701 O O   . THR D 3  ? 0.18327 0.19404 0.11072 0.05105  0.00169  -0.01527 2   THR D O   
702 C CB  . THR D 3  ? 0.22777 0.25836 0.12518 0.10303  0.00491  -0.02558 2   THR D CB  
703 O OG1 . THR D 3  ? 0.19733 0.27226 0.11450 0.08706  0.00776  -0.01950 2   THR D OG1 
704 C CG2 . THR D 3  ? 0.23367 0.28134 0.12898 0.12446  0.00367  -0.02305 2   THR D CG2 
712 N N   . PHE D 4  ? 0.22550 0.18652 0.12061 0.06274  -0.00264 -0.02570 3   PHE D N   
713 C CA  . PHE D 4  ? 0.20879 0.17205 0.11317 0.04431  -0.00430 -0.02415 3   PHE D CA  
714 C C   . PHE D 4  ? 0.18574 0.18631 0.10072 0.04214  -0.00138 -0.02275 3   PHE D C   
715 O O   . PHE D 4  ? 0.17570 0.18668 0.10498 0.02748  -0.00255 -0.01716 3   PHE D O   
716 C CB  . PHE D 4  ? 0.25127 0.17970 0.13564 0.04057  -0.01075 -0.02986 3   PHE D CB  
717 C CG  . PHE D 4  ? 0.26153 0.15616 0.13957 0.02910  -0.01644 -0.02532 3   PHE D CG  
718 C CD1 . PHE D 4  ? 0.27206 0.18104 0.17068 0.01257  -0.01524 -0.01582 3   PHE D CD1 
719 C CD2 . PHE D 4  ? 0.33925 0.18794 0.18773 0.03523  -0.02405 -0.02971 3   PHE D CD2 
720 C CE1 . PHE D 4  ? 0.31433 0.20383 0.20847 -0.00056 -0.01982 -0.00836 3   PHE D CE1 
721 C CE2 . PHE D 4  ? 0.37869 0.19652 0.21957 0.01877  -0.03126 -0.02163 3   PHE D CE2 
722 C CZ  . PHE D 4  ? 0.35496 0.19911 0.22098 -0.00068 -0.02827 -0.00972 3   PHE D CZ  
732 N N   . ALA D 5  ? 0.19660 0.21895 0.10284 0.05751  0.00174  -0.02656 4   ALA D N   
733 C CA  . ALA D 5  ? 0.17846 0.24360 0.09413 0.05179  0.00428  -0.02141 4   ALA D CA  
734 C C   . ALA D 5  ? 0.16046 0.24588 0.09639 0.03563  0.00307  -0.01059 4   ALA D C   
735 O O   . ALA D 5  ? 0.16928 0.26528 0.11253 0.01914  0.00003  -0.00355 4   ALA D O   
736 C CB  . ALA D 5  ? 0.19540 0.29142 0.10658 0.07108  0.00833  -0.02375 4   ALA D CB  
742 N N   . ASN D 6  ? 0.16552 0.25219 0.10650 0.04019  0.00351  -0.00910 5   ASN D N   
743 C CA  . ASN D 6  ? 0.16709 0.26615 0.12098 0.02473  -0.00028 -0.00095 5   ASN D CA  
744 C C   . ASN D 6  ? 0.15638 0.22237 0.11299 0.01294  -0.00467 -0.00100 5   ASN D C   
745 O O   . ASN D 6  ? 0.17362 0.23924 0.13388 -0.00118 -0.01063 0.00436  5   ASN D O   
746 C CB  . ASN D 6  ? 0.17363 0.28522 0.12972 0.03380  0.00050  -0.00006 5   ASN D CB  
747 C CG  . ASN D 6  ? 0.17678 0.31266 0.14207 0.01696  -0.00539 0.00862  5   ASN D CG  
748 O OD1 . ASN D 6  ? 0.20164 0.35334 0.17045 -0.00057 -0.00988 0.01596  5   ASN D OD1 
749 N ND2 . ASN D 6  ? 0.20186 0.33812 0.16803 0.02018  -0.00727 0.00880  5   ASN D ND2 
756 N N   . LEU D 7  ? 0.15518 0.19370 0.10791 0.01881  -0.00301 -0.00610 6   LEU D N   
757 C CA  . LEU D 7  ? 0.16773 0.18798 0.12447 0.01117  -0.00583 -0.00542 6   LEU D CA  
758 C C   . LEU D 7  ? 0.16316 0.18574 0.12141 0.00215  -0.00977 -0.00263 6   LEU D C   
759 O O   . LEU D 7  ? 0.17111 0.18644 0.13178 -0.00369 -0.01503 0.00045  6   LEU D O   
760 C CB  . LEU D 7  ? 0.16004 0.16213 0.11354 0.01453  -0.00382 -0.00777 6   LEU D CB  
761 C CG  . LEU D 7  ? 0.16750 0.16528 0.12781 0.00848  -0.00567 -0.00554 6   LEU D CG  
762 C CD1 . LEU D 7  ? 0.17332 0.17362 0.13772 0.01168  -0.00577 -0.00471 6   LEU D CD1 
763 C CD2 . LEU D 7  ? 0.19310 0.18096 0.15026 0.00501  -0.00534 -0.00435 6   LEU D CD2 
775 N N   . TRP D 8  ? 0.15935 0.18887 0.11230 0.00290  -0.00846 -0.00404 7   TRP D N   
776 C CA  . TRP D 8  ? 0.16664 0.20006 0.11954 -0.00607 -0.01265 0.00010  7   TRP D CA  
777 C C   . TRP D 8  ? 0.15365 0.20137 0.10830 -0.01670 -0.01712 0.00900  7   TRP D C   
778 O O   . TRP D 8  ? 0.17823 0.21533 0.13230 -0.02560 -0.02434 0.01500  7   TRP D O   
779 C CB  . TRP D 8  ? 0.17485 0.21471 0.11737 -0.00259 -0.01075 -0.00413 7   TRP D CB  
780 C CG  . TRP D 8  ? 0.17977 0.19772 0.11332 0.00381  -0.01022 -0.01241 7   TRP D CG  
781 C CD1 . TRP D 8  ? 0.19877 0.20969 0.11453 0.01452  -0.00886 -0.02084 7   TRP D CD1 
782 C CD2 . TRP D 8  ? 0.19949 0.19855 0.13774 -0.00110 -0.01285 -0.01207 7   TRP D CD2 
783 N NE1 . TRP D 8  ? 0.21952 0.19870 0.12573 0.01315  -0.01286 -0.02546 7   TRP D NE1 
784 C CE2 . TRP D 8  ? 0.21792 0.19525 0.14035 0.00135  -0.01473 -0.01850 7   TRP D CE2 
785 C CE3 . TRP D 8  ? 0.20972 0.21011 0.16186 -0.00618 -0.01437 -0.00662 7   TRP D CE3 
786 C CZ2 . TRP D 8  ? 0.24622 0.20643 0.16878 -0.00764 -0.01873 -0.01636 7   TRP D CZ2 
787 C CZ3 . TRP D 8  ? 0.25137 0.24487 0.20637 -0.01041 -0.01561 -0.00536 7   TRP D CZ3 
788 C CH2 . TRP D 8  ? 0.25464 0.22986 0.19622 -0.01438 -0.01810 -0.00859 7   TRP D CH2 
799 N N   . ARG D 9  ? 0.16722 0.23966 0.12237 -0.01674 -0.01451 0.01152  8   ARG D N   
800 C CA  . ARG D 9  ? 0.17258 0.26161 0.12887 -0.03343 -0.02107 0.02312  8   ARG D CA  
801 C C   . ARG D 9  ? 0.17720 0.23295 0.13140 -0.04150 -0.03084 0.02475  8   ARG D C   
802 O O   . ARG D 9  ? 0.20297 0.24396 0.15054 -0.05616 -0.04144 0.03328  8   ARG D O   
803 C CB  . ARG D 9  ? 0.18090 0.31041 0.14119 -0.03141 -0.01680 0.02615  8   ARG D CB  
804 C CG  . ARG D 9  ? 0.22516 0.37932 0.18740 -0.05499 -0.02543 0.04131  8   ARG D CG  
805 C CD  . ARG D 9  ? 0.23249 0.43528 0.20573 -0.05081 -0.01925 0.04427  8   ARG D CD  
806 N NE  . ARG D 9  ? 0.24484 0.43613 0.21803 -0.04341 -0.02114 0.03852  8   ARG D NE  
807 C CZ  . ARG D 9  ? 0.26362 0.43890 0.23580 -0.06014 -0.03121 0.04287  8   ARG D CZ  
808 N NH1 . ARG D 9  ? 0.30127 0.46313 0.26903 -0.08576 -0.04121 0.05376  8   ARG D NH1 
809 N NH2 . ARG D 9  ? 0.25833 0.42601 0.22976 -0.05053 -0.03188 0.03629  8   ARG D NH2 
823 N N   . LEU D 10 ? 0.17847 0.21866 0.13411 -0.03062 -0.02844 0.01647  9   LEU D N   
824 C CA  . LEU D 10 ? 0.19367 0.20293 0.14229 -0.03306 -0.03731 0.01491  9   LEU D CA  
825 C C   . LEU D 10 ? 0.19799 0.17874 0.14228 -0.02687 -0.04123 0.01257  9   LEU D C   
826 O O   . LEU D 10 ? 0.23837 0.18914 0.17016 -0.02990 -0.05278 0.01383  9   LEU D O   
827 C CB  . LEU D 10 ? 0.21209 0.22016 0.16201 -0.02158 -0.03245 0.00726  9   LEU D CB  
828 C CG  . LEU D 10 ? 0.22134 0.25654 0.17366 -0.02706 -0.03238 0.01075  9   LEU D CG  
829 C CD1 . LEU D 10 ? 0.25320 0.28703 0.20566 -0.01364 -0.02719 0.00408  9   LEU D CD1 
830 C CD2 . LEU D 10 ? 0.26896 0.29912 0.21272 -0.04801 -0.04654 0.01833  9   LEU D CD2 
842 N N   . LEU D 11 ? 0.20243 0.19072 0.15439 -0.01743 -0.03349 0.00922  10  LEU D N   
843 C CA  . LEU D 11 ? 0.21557 0.18947 0.16657 -0.01171 -0.03746 0.00943  10  LEU D CA  
844 C C   . LEU D 11 ? 0.21702 0.18215 0.16015 -0.02315 -0.04742 0.01869  10  LEU D C   
845 O O   . LEU D 11 ? 0.25617 0.19515 0.18995 -0.01901 -0.05731 0.02067  10  LEU D O   
846 C CB  . LEU D 11 ? 0.22078 0.21030 0.18145 -0.00619 -0.02956 0.00673  10  LEU D CB  
847 C CG  . LEU D 11 ? 0.19117 0.18347 0.15815 0.00478  -0.02444 0.00215  10  LEU D CG  
848 C CD1 . LEU D 11 ? 0.21494 0.22020 0.18796 0.00143  -0.01933 0.00194  10  LEU D CD1 
849 C CD2 . LEU D 11 ? 0.18807 0.17363 0.15408 0.01612  -0.02967 0.00237  10  LEU D CD2 
861 N N   . ALA D 12 ? 0.21015 0.19781 0.15462 -0.03540 -0.04524 0.02501  11  ALA D N   
862 C CA  . ALA D 12 ? 0.23685 0.22096 0.17275 -0.04938 -0.05466 0.03710  11  ALA D CA  
863 C C   . ALA D 12 ? 0.25314 0.20895 0.17493 -0.06286 -0.06896 0.04499  11  ALA D C   
864 O O   . ALA D 12 ? 0.29752 0.22365 0.20545 -0.06872 -0.08219 0.05322  11  ALA D O   
865 C CB  . ALA D 12 ? 0.23821 0.26157 0.17686 -0.05857 -0.04792 0.04252  11  ALA D CB  
871 N N   . GLN D 13 ? 0.25990 0.22039 0.18188 -0.06837 -0.06869 0.04291  12  GLN D N   
872 C CA  . GLN D 13 ? 0.30267 0.23469 0.20773 -0.08655 -0.08510 0.05055  12  GLN D CA  
873 C C   . GLN D 13 ? 0.31008 0.18485 0.19678 -0.07246 -0.09644 0.04160  12  GLN D C   
874 O O   . GLN D 13 ? 0.38238 0.21178 0.24541 -0.08335 -0.11520 0.04853  12  GLN D O   
875 C CB  . GLN D 13 ? 0.32544 0.28525 0.23716 -0.09464 -0.08145 0.04966  12  GLN D CB  
876 C CG  . GLN D 13 ? 0.40921 0.36373 0.31015 -0.12210 -0.09421 0.06348  12  GLN D CG  
877 C CD  . GLN D 13 ? 0.46496 0.45587 0.37756 -0.12419 -0.08645 0.06211  12  GLN D CD  
878 O OE1 . GLN D 13 ? 0.48985 0.45812 0.39561 -0.11719 -0.09043 0.05205  12  GLN D OE1 
879 N NE2 . GLN D 13 ? 0.48807 0.53865 0.41739 -0.13062 -0.07493 0.07141  12  GLN D NE2 
888 N N   . ASN D 14 ? 0.29470 0.17019 0.18876 -0.04747 -0.08624 0.02675  13  ASN D N   
889 C CA  . ASN D 14 ? 0.30897 0.14089 0.18475 -0.02843 -0.09440 0.01598  13  ASN D CA  
890 C C   . ASN D 14 ? 0.30549 0.12562 0.18021 -0.00545 -0.09430 0.01284  13  ASN D C   
891 O O   . ASN D 14 ? 0.35291 0.13156 0.20567 0.01266  -0.10511 0.00588  13  ASN D O   
892 C CB  . ASN D 14 ? 0.30057 0.14810 0.18329 -0.01460 -0.08353 0.00354  13  ASN D CB  
893 C CG  . ASN D 14 ? 0.34353 0.19373 0.22062 -0.03324 -0.08859 0.00532  13  ASN D CG  
894 O OD1 . ASN D 14 ? 0.33833 0.23083 0.23376 -0.04281 -0.07854 0.00982  13  ASN D OD1 
895 N ND2 . ASN D 14 ? 0.37580 0.18009 0.22491 -0.03753 -0.10584 0.00161  13  ASN D ND2 
902 N N   . CYS D 15 ? 0.26465 0.12021 0.15977 -0.00435 -0.08385 0.01736  14  CYS D N   
903 C CA  . CYS D 15 ? 0.26537 0.12231 0.16385 0.01586  -0.08357 0.01623  14  CYS D CA  
904 C C   . CYS D 15 ? 0.26817 0.12947 0.16761 0.00449  -0.08899 0.02882  14  CYS D C   
905 O O   . CYS D 15 ? 0.29520 0.16293 0.19862 0.01922  -0.09003 0.03003  14  CYS D O   
906 C CB  . CYS D 15 ? 0.23804 0.13842 0.16012 0.02862  -0.06684 0.00970  14  CYS D CB  
907 S SG  . CYS D 15 ? 0.24751 0.15129 0.16865 0.04511  -0.05904 -0.00283 14  CYS D SG  
912 N N   . NH2 D 16 ? 0.28799 0.15257 0.18407 -0.02137 -0.09234 0.03932  15  NH2 D N   
913 S S   . SO4 E .  ? 0.36710 0.21491 0.18277 0.10820  -0.01901 -0.04011 101 SO4 B S   
914 O O1  . SO4 E .  ? 0.49885 0.29201 0.28892 0.09675  -0.03025 -0.04317 101 SO4 B O1  
915 O O2  . SO4 E .  ? 0.50787 0.36751 0.31520 0.13403  -0.01941 -0.04038 101 SO4 B O2  
916 O O3  . SO4 E .  ? 0.42924 0.28018 0.26090 0.09394  -0.01682 -0.03003 101 SO4 B O3  
917 O O4  . SO4 E .  ? 0.37505 0.27030 0.21161 0.10242  -0.01158 -0.04207 101 SO4 B O4  
918 O O   . HOH F .  ? 0.29981 0.69352 0.37522 -0.02680 0.00321  0.09408  101 HOH A O   
919 O O   . HOH F .  ? 0.52500 0.49486 0.42752 -0.17748 -0.05380 0.12741  102 HOH A O   
920 O O   . HOH F .  ? 0.43695 0.65224 0.43683 -0.13540 -0.01213 0.13076  103 HOH A O   
921 O O   . HOH F .  ? 0.52145 0.29198 0.33656 -0.13180 -0.06949 0.10220  104 HOH A O   
922 O O   . HOH F .  ? 0.31558 0.35659 0.21892 0.14723  -0.00713 -0.03923 105 HOH A O   
923 O O   . HOH F .  ? 0.31761 0.72135 0.34628 0.08555  0.03117  0.05933  106 HOH A O   
924 O O   . HOH F .  ? 0.66542 0.32952 0.41612 -0.16903 -0.11806 0.07856  107 HOH A O   
925 O O   . HOH F .  ? 0.39039 0.61593 0.30880 0.16782  0.02508  -0.01214 108 HOH A O   
926 O O   . HOH F .  ? 0.34864 0.61490 0.37121 -0.07518 0.01205  0.10628  109 HOH A O   
927 O O   . HOH F .  ? 0.26510 0.49961 0.26830 0.13331  0.00889  0.01043  110 HOH A O   
928 O O   . HOH F .  ? 0.26353 0.35750 0.20356 0.15667  -0.00647 -0.02385 111 HOH A O   
929 O O   . HOH F .  ? 0.63051 0.53671 0.48981 -0.22779 -0.09135 0.14239  112 HOH A O   
930 O O   . HOH F .  ? 0.39165 0.65174 0.39409 -0.04656 0.02688  0.10177  113 HOH A O   
931 O O   . HOH F .  ? 0.50525 1.11844 0.54888 0.10136  0.03164  0.10075  114 HOH A O   
932 O O   . HOH F .  ? 0.52388 0.54973 0.43834 -0.16302 -0.03423 0.14494  115 HOH A O   
933 O O   . HOH F .  ? 0.37284 0.69754 0.37101 0.15472  0.01919  0.02080  116 HOH A O   
934 O O   . HOH F .  ? 0.35624 0.56047 0.37439 0.12581  -0.01076 0.01499  117 HOH A O   
935 O O   . HOH F .  ? 0.58259 0.42752 0.42089 -0.15794 -0.06187 0.13499  118 HOH A O   
936 O O   . HOH G .  ? 0.37452 0.23259 0.21129 0.10739  -0.01509 -0.01599 201 HOH B O   
937 O O   . HOH G .  ? 0.27142 0.25044 0.13236 0.10233  -0.00202 -0.04351 202 HOH B O   
938 O O   . HOH G .  ? 0.27360 0.37455 0.17339 -0.00911 0.02779  0.09705  203 HOH B O   
939 O O   . HOH G .  ? 0.60886 0.38124 0.41459 -0.09191 -0.05314 0.11636  204 HOH B O   
940 O O   . HOH G .  ? 0.64393 0.34749 0.39160 0.05251  -0.05649 -0.04693 205 HOH B O   
941 O O   . HOH G .  ? 0.52480 0.30660 0.32875 -0.01199 -0.03482 0.09014  206 HOH B O   
942 O O   . HOH G .  ? 0.28984 0.55970 0.21257 0.14531  0.03774  0.00552  207 HOH B O   
943 O O   . HOH G .  ? 0.37623 0.52931 0.29011 -0.04811 0.02747  0.12902  208 HOH B O   
944 O O   . HOH G .  ? 0.42992 0.43723 0.27863 0.09627  -0.01140 -0.04687 209 HOH B O   
945 O O   . HOH G .  ? 0.25166 0.46484 0.20940 0.00557  0.04085  0.07761  210 HOH B O   
946 O O   . HOH G .  ? 0.32983 0.58750 0.31821 0.01439  0.04046  0.06981  211 HOH B O   
947 O O   . HOH G .  ? 0.62750 0.25439 0.36423 0.00808  -0.07080 0.02365  212 HOH B O   
948 O O   . HOH G .  ? 0.61672 0.42923 0.41671 0.13447  -0.02717 0.01566  213 HOH B O   
949 O O   . HOH G .  ? 0.64838 0.36297 0.41261 0.09825  -0.04304 0.00841  214 HOH B O   
950 O O   . HOH G .  ? 0.72185 0.25094 0.38487 -0.02334 -0.11168 -0.00448 215 HOH B O   
951 O O   . HOH G .  ? 0.39493 0.77524 0.34715 0.13624  0.04645  0.03570  216 HOH B O   
952 O O   . HOH G .  ? 0.75051 0.36635 0.48256 -0.01267 -0.07626 0.05003  217 HOH B O   
953 O O   . HOH G .  ? 0.43639 0.71248 0.40945 -0.03655 0.03670  0.11645  218 HOH B O   
954 O O   . HOH G .  ? 0.46423 0.52134 0.30701 0.15597  -0.00088 -0.05370 219 HOH B O   
955 O O   . HOH G .  ? 0.82679 0.54771 0.53660 0.16767  -0.04978 -0.04707 220 HOH B O   
956 O O   . HOH G .  ? 0.74325 0.52721 0.48822 0.17768  -0.03635 -0.03426 221 HOH B O   
957 O O   . HOH G .  ? 0.41119 0.88694 0.40455 0.10414  0.04720  0.07130  222 HOH B O   
958 O O   . HOH G .  ? 0.50326 0.57017 0.37008 0.15491  0.00166  -0.04637 223 HOH B O   
959 O O   . HOH G .  ? 0.55534 0.36210 0.34779 0.13861  -0.02647 -0.01408 224 HOH B O   
960 O O   . HOH G .  ? 0.60428 0.47227 0.43048 -0.03758 -0.02031 0.11878  225 HOH B O   
961 O O   . HOH H .  ? 0.37709 0.61606 0.34783 0.01718  -0.03572 0.02713  101 HOH C O   
962 O O   . HOH H .  ? 0.47001 0.32053 0.29064 0.02939  -0.07750 -0.05274 102 HOH C O   
963 O O   . HOH H .  ? 0.57152 0.36678 0.38402 -0.02840 -0.11119 -0.02812 103 HOH C O   
964 O O   . HOH H .  ? 0.52666 0.37983 0.33156 0.14371  -0.06096 -0.07008 104 HOH C O   
965 O O   . HOH H .  ? 0.54545 0.35457 0.35689 0.16908  -0.08569 -0.05076 105 HOH C O   
966 O O   . HOH H .  ? 0.31869 0.48817 0.29000 -0.01815 -0.02718 0.02327  106 HOH C O   
967 O O   . HOH H .  ? 0.53023 0.47534 0.42958 0.16104  -0.05268 -0.02793 107 HOH C O   
968 O O   . HOH H .  ? 0.35214 0.58336 0.31241 0.10671  0.00171  0.01411  108 HOH C O   
969 O O   . HOH H .  ? 0.66611 0.35560 0.42119 0.03382  -0.12835 -0.04593 109 HOH C O   
970 O O   . HOH H .  ? 0.53214 0.51617 0.37941 0.18001  -0.02671 -0.05930 110 HOH C O   
971 O O   . HOH H .  ? 0.59728 0.44583 0.38903 0.21095  -0.07482 -0.06643 111 HOH C O   
972 O O   . HOH I .  ? 0.47947 0.41679 0.37570 -0.09036 -0.09061 0.02721  101 HOH D O   
973 O O   . HOH I .  ? 0.47789 0.24291 0.29509 -0.10573 -0.14621 0.05375  102 HOH D O   
974 O O   . HOH I .  ? 0.33040 0.21732 0.24171 0.07006  -0.09137 0.02501  103 HOH D O   
975 O O   . HOH I .  ? 0.41802 0.29940 0.29547 -0.11051 -0.11312 0.07957  104 HOH D O   
976 O O   . HOH I .  ? 0.51421 0.30940 0.34435 -0.05090 -0.11501 -0.00481 105 HOH D O   
977 O O   . HOH I .  ? 0.18315 0.34301 0.11927 0.02075  0.00488  0.00151  106 HOH D O   
978 O O   . HOH I .  ? 0.33612 0.43023 0.28023 -0.09208 -0.04785 0.06172  107 HOH D O   
979 O O   . HOH I .  ? 0.33849 0.25405 0.18612 0.03793  -0.02029 -0.04728 108 HOH D O   
980 O O   . HOH I .  ? 0.31247 0.41227 0.21531 0.14928  0.00093  -0.00478 109 HOH D O   
981 O O   . HOH I .  ? 0.49754 0.49163 0.40841 -0.09852 -0.08508 0.02996  110 HOH D O   
982 O O   . HOH I .  ? 0.29199 0.53276 0.25847 -0.00185 0.00308  0.02524  111 HOH D O   
983 O O   . HOH I .  ? 0.51590 0.45973 0.37058 0.14845  -0.00974 0.00201  112 HOH D O   
984 O O   . HOH I .  ? 0.55852 0.38180 0.36162 0.01564  -0.04383 -0.05442 113 HOH D O   
985 O O   . HOH I .  ? 0.47808 0.35752 0.37396 0.13048  -0.08838 0.00397  114 HOH D O   
986 O O   . HOH I .  ? 0.53427 0.36908 0.37188 -0.02442 -0.04851 -0.03273 115 HOH D O   
987 O O   . HOH I .  ? 0.38259 0.63808 0.35698 -0.04927 -0.00865 0.05049  116 HOH D O   
988 O O   . HOH I .  ? 0.39321 0.65679 0.35922 -0.04887 -0.00665 0.05134  117 HOH D O   
# 
